data_3HJB
#
_entry.id   3HJB
#
_cell.length_a   125.661
_cell.length_b   75.094
_cell.length_c   127.456
_cell.angle_alpha   90.00
_cell.angle_beta   90.21
_cell.angle_gamma   90.00
#
_symmetry.space_group_name_H-M   'P 1 21 1'
#
loop_
_entity.id
_entity.type
_entity.pdbx_description
1 polymer 'Glucose-6-phosphate isomerase'
2 non-polymer 'CALCIUM ION'
3 non-polymer 'CHLORIDE ION'
4 non-polymer 'TETRAETHYLENE GLYCOL'
5 non-polymer 'SODIUM ION'
6 non-polymer DI(HYDROXYETHYL)ETHER
7 water water
#
_entity_poly.entity_id   1
_entity_poly.type   'polypeptide(L)'
_entity_poly.pdbx_seq_one_letter_code
;MHHHHHHSSGVDLGTENLYFGSNAMLKNINPTQTQAWKALTAHFESAQDMDLKALFAQDSERFAKYSARFGQDILVDYSK
NLVNAETMQHLFALAKETDLQSAITAMFKGEAINQTEDRAVLHTALRNRSNSPVLVNGEDVMPAVNAVLAKMKAFSERVI
GGEWKGFTGKAITDVVNIGIGGSDLGPYMVTEALVPYKNHLTVHFVSNVDGTHMAETLKNVDPETTLFLVASKTFTTQET
MTNAHTARDWFLKAAGDEAHVAKHFAALSTNGKAVAEFGIDTDNMFEFWDWVGGRYSLWSAIGLSIILSIGYDNFVELLA
GAHEMDQHFVNTPFESNIPVILALIGIWYNNFHGAESEAILPYDQYLHRFAAYFQQGNMESNGKYVDRNGNPVTYQTGPI
IWGEPGTNGQHAFYQLIHQGTKLIPCDFIAPAVSHNLVGDHHQKLMSNFFAQTEALAFGKSAQAVQAELEKAGKSAAEIA
ALVPFKVFEGNRPTNSILVKQITPRTLGNLIAMYEHKIFVQGVIWNIFSFDQWGVELGKQLANQILPELADSAAVTSHDS
STNGLINAFKAFRA
;
_entity_poly.pdbx_strand_id   A,B,C,D
#
# COMPACT_ATOMS: atom_id res chain seq x y z
N ALA A 24 -11.74 -9.83 -7.75
CA ALA A 24 -10.31 -10.18 -7.98
C ALA A 24 -10.20 -11.49 -8.76
N MET A 25 -9.22 -11.58 -9.63
N MET A 25 -9.22 -11.55 -9.64
CA MET A 25 -9.02 -12.80 -10.41
CA MET A 25 -8.97 -12.76 -10.42
C MET A 25 -8.41 -13.93 -9.58
C MET A 25 -8.50 -13.89 -9.52
N LEU A 26 -7.60 -13.60 -8.59
CA LEU A 26 -7.08 -14.64 -7.68
C LEU A 26 -8.23 -15.07 -6.79
N LYS A 27 -8.57 -16.37 -6.81
CA LYS A 27 -9.65 -16.89 -5.98
CA LYS A 27 -9.66 -16.90 -5.98
C LYS A 27 -9.05 -17.49 -4.72
N ASN A 28 -9.91 -17.80 -3.76
CA ASN A 28 -9.50 -18.35 -2.47
C ASN A 28 -10.20 -19.67 -2.18
N ILE A 29 -10.06 -20.62 -3.09
CA ILE A 29 -10.77 -21.87 -2.98
C ILE A 29 -10.07 -22.87 -2.07
N ASN A 30 -10.76 -23.34 -1.03
N ASN A 30 -10.78 -23.34 -1.06
CA ASN A 30 -10.18 -24.34 -0.14
CA ASN A 30 -10.24 -24.35 -0.16
C ASN A 30 -10.02 -25.63 -0.92
C ASN A 30 -10.02 -25.63 -0.96
N PRO A 31 -8.78 -26.12 -1.05
CA PRO A 31 -8.58 -27.32 -1.87
C PRO A 31 -9.22 -28.59 -1.33
N THR A 32 -9.30 -28.71 -0.01
CA THR A 32 -9.75 -29.95 0.60
C THR A 32 -11.21 -30.26 0.40
N GLN A 33 -12.01 -29.26 0.11
CA GLN A 33 -13.44 -29.51 -0.10
C GLN A 33 -13.81 -29.61 -1.58
N THR A 34 -12.82 -29.60 -2.47
CA THR A 34 -13.09 -29.75 -3.90
C THR A 34 -13.36 -31.22 -4.25
N GLN A 35 -14.09 -31.43 -5.33
N GLN A 35 -14.10 -31.42 -5.32
CA GLN A 35 -14.37 -32.79 -5.79
CA GLN A 35 -14.37 -32.78 -5.80
C GLN A 35 -13.06 -33.48 -6.19
C GLN A 35 -13.07 -33.47 -6.20
N ALA A 36 -12.15 -32.72 -6.79
CA ALA A 36 -10.87 -33.28 -7.21
C ALA A 36 -10.05 -33.79 -6.02
N TRP A 37 -10.02 -33.04 -4.92
CA TRP A 37 -9.27 -33.51 -3.75
C TRP A 37 -9.91 -34.78 -3.19
N LYS A 38 -11.24 -34.82 -3.12
CA LYS A 38 -11.92 -36.00 -2.65
C LYS A 38 -11.62 -37.20 -3.57
N ALA A 39 -11.54 -36.95 -4.86
CA ALA A 39 -11.19 -38.01 -5.81
C ALA A 39 -9.75 -38.50 -5.61
N LEU A 40 -8.84 -37.59 -5.31
CA LEU A 40 -7.47 -37.96 -5.04
C LEU A 40 -7.39 -38.83 -3.78
N THR A 41 -8.15 -38.46 -2.76
CA THR A 41 -8.19 -39.25 -1.53
C THR A 41 -8.67 -40.66 -1.82
N ALA A 42 -9.74 -40.77 -2.61
CA ALA A 42 -10.29 -42.10 -2.95
C ALA A 42 -9.29 -42.90 -3.79
N HIS A 43 -8.63 -42.21 -4.71
CA HIS A 43 -7.63 -42.85 -5.57
C HIS A 43 -6.44 -43.36 -4.76
N PHE A 44 -5.99 -42.58 -3.78
CA PHE A 44 -4.85 -42.96 -2.95
C PHE A 44 -5.08 -44.29 -2.24
N GLU A 45 -6.33 -44.64 -1.94
CA GLU A 45 -6.63 -45.94 -1.32
C GLU A 45 -5.93 -47.10 -2.05
N SER A 46 -5.98 -47.09 -3.38
N SER A 46 -5.99 -47.09 -3.38
CA SER A 46 -5.33 -48.11 -4.20
CA SER A 46 -5.31 -48.12 -4.18
C SER A 46 -3.99 -47.64 -4.77
C SER A 46 -3.96 -47.63 -4.70
N ALA A 47 -3.86 -46.34 -5.04
CA ALA A 47 -2.65 -45.82 -5.62
C ALA A 47 -1.44 -45.76 -4.69
N GLN A 48 -1.66 -45.86 -3.39
N GLN A 48 -1.68 -45.72 -3.39
CA GLN A 48 -0.54 -45.83 -2.46
CA GLN A 48 -0.62 -45.60 -2.39
C GLN A 48 0.51 -46.92 -2.76
C GLN A 48 0.45 -46.69 -2.52
N ASP A 49 0.06 -48.17 -3.00
N ASP A 49 0.09 -47.76 -3.21
CA ASP A 49 1.01 -49.26 -3.22
CA ASP A 49 0.98 -48.91 -3.39
C ASP A 49 1.37 -49.49 -4.69
C ASP A 49 1.48 -49.10 -4.82
N MET A 50 1.27 -48.41 -5.49
N MET A 50 1.26 -48.11 -5.68
CA MET A 50 1.71 -48.46 -6.90
CA MET A 50 1.70 -48.23 -7.06
C MET A 50 3.15 -48.89 -6.94
C MET A 50 3.18 -48.62 -7.13
N ASP A 51 3.53 -49.54 -8.03
CA ASP A 51 4.88 -50.02 -8.18
C ASP A 51 5.45 -49.56 -9.50
N LEU A 52 6.59 -48.86 -9.43
CA LEU A 52 7.24 -48.37 -10.64
C LEU A 52 7.65 -49.46 -11.63
N LYS A 53 8.20 -50.57 -11.15
N LYS A 53 8.18 -50.58 -11.14
CA LYS A 53 8.54 -51.65 -12.06
CA LYS A 53 8.56 -51.66 -12.05
C LYS A 53 7.29 -52.04 -12.87
C LYS A 53 7.33 -52.13 -12.83
N ALA A 54 6.17 -52.19 -12.17
CA ALA A 54 4.92 -52.59 -12.82
C ALA A 54 4.41 -51.54 -13.79
N LEU A 55 4.48 -50.28 -13.40
CA LEU A 55 4.04 -49.18 -14.26
C LEU A 55 4.82 -49.16 -15.57
N PHE A 56 6.13 -49.40 -15.50
CA PHE A 56 6.93 -49.42 -16.71
C PHE A 56 6.69 -50.67 -17.54
N ALA A 57 6.48 -51.80 -16.88
CA ALA A 57 6.23 -53.05 -17.58
C ALA A 57 4.89 -53.04 -18.32
N GLN A 58 3.93 -52.24 -17.81
N GLN A 58 3.94 -52.25 -17.80
CA GLN A 58 2.58 -52.18 -18.38
CA GLN A 58 2.59 -52.20 -18.39
C GLN A 58 2.44 -51.27 -19.60
C GLN A 58 2.55 -51.41 -19.70
N ASP A 59 3.42 -50.42 -19.83
CA ASP A 59 3.39 -49.51 -20.97
C ASP A 59 4.78 -49.09 -21.42
N SER A 60 5.19 -49.59 -22.59
CA SER A 60 6.48 -49.26 -23.16
C SER A 60 6.59 -47.78 -23.57
N GLU A 61 5.46 -47.08 -23.64
N GLU A 61 5.47 -47.07 -23.67
CA GLU A 61 5.40 -45.67 -23.99
CA GLU A 61 5.48 -45.66 -24.00
C GLU A 61 5.40 -44.77 -22.75
C GLU A 61 5.42 -44.77 -22.76
N ARG A 62 5.66 -45.33 -21.58
CA ARG A 62 5.60 -44.52 -20.36
C ARG A 62 6.50 -43.29 -20.41
N PHE A 63 7.78 -43.45 -20.75
CA PHE A 63 8.66 -42.28 -20.86
C PHE A 63 8.07 -41.24 -21.80
N ALA A 64 7.61 -41.65 -22.98
CA ALA A 64 7.07 -40.71 -23.95
C ALA A 64 5.85 -39.96 -23.45
N LYS A 65 5.03 -40.64 -22.66
CA LYS A 65 3.80 -40.07 -22.13
C LYS A 65 3.98 -39.19 -20.89
N TYR A 66 5.08 -39.41 -20.17
CA TYR A 66 5.36 -38.67 -18.93
C TYR A 66 6.67 -37.90 -18.99
N SER A 67 6.87 -37.21 -20.11
CA SER A 67 8.03 -36.37 -20.28
C SER A 67 7.64 -35.21 -21.17
N ALA A 68 8.39 -34.12 -21.07
CA ALA A 68 8.12 -32.92 -21.84
C ALA A 68 9.41 -32.28 -22.25
N ARG A 69 9.44 -31.77 -23.47
CA ARG A 69 10.59 -31.06 -24.01
C ARG A 69 10.29 -29.58 -23.93
N PHE A 70 11.23 -28.79 -23.44
CA PHE A 70 11.08 -27.35 -23.40
C PHE A 70 12.11 -26.79 -24.35
N GLY A 71 11.65 -26.17 -25.42
CA GLY A 71 12.55 -25.68 -26.43
C GLY A 71 13.38 -26.82 -27.00
N GLN A 72 14.59 -26.50 -27.43
N GLN A 72 14.59 -26.49 -27.44
CA GLN A 72 15.46 -27.50 -28.01
CA GLN A 72 15.48 -27.47 -28.03
C GLN A 72 16.45 -28.07 -27.01
C GLN A 72 16.55 -27.97 -27.08
N ASP A 73 16.62 -27.39 -25.87
CA ASP A 73 17.69 -27.73 -24.93
C ASP A 73 17.36 -28.33 -23.57
N ILE A 74 16.09 -28.60 -23.30
CA ILE A 74 15.68 -29.16 -22.02
C ILE A 74 14.67 -30.28 -22.15
N LEU A 75 14.94 -31.37 -21.43
CA LEU A 75 14.02 -32.49 -21.29
C LEU A 75 13.67 -32.64 -19.81
N VAL A 76 12.37 -32.67 -19.52
CA VAL A 76 11.87 -32.90 -18.16
C VAL A 76 11.16 -34.27 -18.19
N ASP A 77 11.77 -35.26 -17.51
CA ASP A 77 11.24 -36.62 -17.45
C ASP A 77 10.62 -36.84 -16.08
N TYR A 78 9.29 -36.95 -16.05
CA TYR A 78 8.57 -37.16 -14.79
C TYR A 78 7.95 -38.54 -14.75
N SER A 79 8.51 -39.47 -15.54
CA SER A 79 7.95 -40.81 -15.65
C SER A 79 8.24 -41.72 -14.45
N LYS A 80 9.33 -41.47 -13.71
CA LYS A 80 9.66 -42.30 -12.56
C LYS A 80 8.95 -41.80 -11.29
N ASN A 81 7.68 -41.45 -11.46
CA ASN A 81 6.84 -41.02 -10.35
C ASN A 81 5.71 -42.01 -10.12
N LEU A 82 5.22 -42.05 -8.88
CA LEU A 82 4.16 -42.97 -8.48
C LEU A 82 2.80 -42.41 -8.89
N VAL A 83 2.64 -42.31 -10.19
CA VAL A 83 1.43 -41.78 -10.79
C VAL A 83 1.04 -42.60 -12.02
N ASN A 84 -0.26 -42.71 -12.25
CA ASN A 84 -0.78 -43.32 -13.47
C ASN A 84 -1.73 -42.33 -14.15
N ALA A 85 -2.40 -42.76 -15.22
CA ALA A 85 -3.25 -41.84 -15.95
C ALA A 85 -4.35 -41.25 -15.06
N GLU A 86 -4.92 -42.06 -14.18
CA GLU A 86 -5.96 -41.60 -13.26
C GLU A 86 -5.38 -40.57 -12.31
N THR A 87 -4.16 -40.80 -11.79
CA THR A 87 -3.60 -39.83 -10.86
C THR A 87 -3.49 -38.48 -11.53
N MET A 88 -2.96 -38.49 -12.76
CA MET A 88 -2.78 -37.23 -13.49
C MET A 88 -4.11 -36.54 -13.78
N GLN A 89 -5.11 -37.31 -14.19
N GLN A 89 -5.11 -37.33 -14.18
CA GLN A 89 -6.42 -36.75 -14.46
CA GLN A 89 -6.45 -36.80 -14.44
C GLN A 89 -6.97 -36.03 -13.23
C GLN A 89 -6.96 -36.03 -13.23
N HIS A 90 -6.86 -36.64 -12.05
CA HIS A 90 -7.38 -36.01 -10.83
C HIS A 90 -6.56 -34.79 -10.43
N LEU A 91 -5.25 -34.87 -10.61
CA LEU A 91 -4.38 -33.74 -10.30
C LEU A 91 -4.68 -32.54 -11.21
N PHE A 92 -4.82 -32.75 -12.52
CA PHE A 92 -5.16 -31.63 -13.39
C PHE A 92 -6.54 -31.09 -13.05
N ALA A 93 -7.45 -31.97 -12.63
CA ALA A 93 -8.80 -31.54 -12.22
C ALA A 93 -8.70 -30.61 -11.01
N LEU A 94 -7.76 -30.88 -10.12
CA LEU A 94 -7.55 -30.04 -8.94
C LEU A 94 -7.09 -28.63 -9.33
N ALA A 95 -6.14 -28.56 -10.27
CA ALA A 95 -5.67 -27.27 -10.76
C ALA A 95 -6.82 -26.45 -11.35
N LYS A 96 -7.69 -27.11 -12.09
N LYS A 96 -7.67 -27.12 -12.11
CA LYS A 96 -8.82 -26.42 -12.71
CA LYS A 96 -8.84 -26.48 -12.69
C LYS A 96 -9.89 -26.02 -11.69
C LYS A 96 -9.81 -25.99 -11.64
N GLU A 97 -10.15 -26.88 -10.71
CA GLU A 97 -11.16 -26.58 -9.70
C GLU A 97 -10.77 -25.46 -8.74
N THR A 98 -9.46 -25.22 -8.58
CA THR A 98 -9.01 -24.11 -7.75
C THR A 98 -8.80 -22.83 -8.58
N ASP A 99 -9.18 -22.87 -9.86
CA ASP A 99 -9.10 -21.74 -10.77
C ASP A 99 -7.66 -21.20 -10.89
N LEU A 100 -6.73 -22.12 -11.11
CA LEU A 100 -5.37 -21.74 -11.35
C LEU A 100 -5.22 -20.79 -12.54
N GLN A 101 -5.94 -21.02 -13.62
N GLN A 101 -6.06 -20.94 -13.56
CA GLN A 101 -5.75 -20.20 -14.81
CA GLN A 101 -5.97 -20.06 -14.72
C GLN A 101 -5.98 -18.72 -14.53
C GLN A 101 -6.20 -18.59 -14.35
N SER A 102 -6.97 -18.44 -13.66
N SER A 102 -7.20 -18.30 -13.52
CA SER A 102 -7.32 -17.07 -13.27
CA SER A 102 -7.42 -16.92 -13.16
C SER A 102 -6.20 -16.45 -12.43
C SER A 102 -6.26 -16.38 -12.31
N ALA A 103 -5.65 -17.24 -11.50
CA ALA A 103 -4.52 -16.82 -10.67
C ALA A 103 -3.30 -16.44 -11.53
N ILE A 104 -3.01 -17.25 -12.55
CA ILE A 104 -1.89 -16.98 -13.45
C ILE A 104 -2.09 -15.62 -14.10
N THR A 105 -3.27 -15.39 -14.64
CA THR A 105 -3.57 -14.11 -15.29
C THR A 105 -3.42 -12.96 -14.28
N ALA A 106 -3.92 -13.16 -13.06
CA ALA A 106 -3.83 -12.14 -12.01
C ALA A 106 -2.39 -11.72 -11.76
N MET A 107 -1.49 -12.69 -11.61
N MET A 107 -1.49 -12.69 -11.59
CA MET A 107 -0.09 -12.34 -11.33
CA MET A 107 -0.09 -12.35 -11.35
C MET A 107 0.52 -11.54 -12.48
C MET A 107 0.49 -11.51 -12.48
N PHE A 108 0.41 -12.06 -13.69
CA PHE A 108 1.03 -11.42 -14.85
C PHE A 108 0.52 -10.05 -15.18
N LYS A 109 -0.75 -9.80 -14.90
CA LYS A 109 -1.36 -8.51 -15.22
C LYS A 109 -1.12 -7.44 -14.17
N GLY A 110 -0.54 -7.81 -13.04
CA GLY A 110 -0.26 -6.83 -12.00
C GLY A 110 -1.34 -6.65 -10.94
N GLU A 111 -2.26 -7.61 -10.82
CA GLU A 111 -3.24 -7.57 -9.73
C GLU A 111 -2.44 -7.66 -8.42
N ALA A 112 -2.90 -6.98 -7.38
CA ALA A 112 -2.21 -6.96 -6.08
C ALA A 112 -2.50 -8.24 -5.30
N ILE A 113 -1.97 -9.34 -5.83
CA ILE A 113 -2.20 -10.66 -5.27
C ILE A 113 -1.53 -10.87 -3.93
N ASN A 114 -0.52 -10.06 -3.61
CA ASN A 114 0.08 -10.07 -2.28
C ASN A 114 -0.84 -9.17 -1.45
N GLN A 115 -1.94 -9.77 -1.01
CA GLN A 115 -3.02 -9.03 -0.38
C GLN A 115 -2.71 -8.51 1.01
N THR A 116 -1.90 -9.25 1.77
CA THR A 116 -1.64 -8.81 3.13
C THR A 116 -0.76 -7.58 3.17
N GLU A 117 0.05 -7.36 2.12
CA GLU A 117 0.89 -6.16 2.02
C GLU A 117 0.33 -5.19 0.94
N ASP A 118 -0.76 -5.60 0.27
CA ASP A 118 -1.40 -4.83 -0.82
C ASP A 118 -0.40 -4.44 -1.90
N ARG A 119 0.22 -5.45 -2.51
CA ARG A 119 1.21 -5.26 -3.55
C ARG A 119 1.01 -6.21 -4.70
N ALA A 120 1.45 -5.77 -5.87
CA ALA A 120 1.55 -6.63 -7.05
C ALA A 120 2.76 -7.55 -6.86
N VAL A 121 2.86 -8.56 -7.71
CA VAL A 121 3.94 -9.56 -7.68
C VAL A 121 4.41 -9.64 -9.11
N LEU A 122 5.46 -8.89 -9.40
CA LEU A 122 5.87 -8.66 -10.79
C LEU A 122 7.33 -8.92 -11.14
N HIS A 123 7.90 -9.95 -10.51
CA HIS A 123 9.23 -10.36 -10.93
C HIS A 123 9.22 -10.74 -12.41
N THR A 124 8.08 -11.21 -12.93
CA THR A 124 7.98 -11.51 -14.36
C THR A 124 8.19 -10.27 -15.24
N ALA A 125 7.82 -9.07 -14.76
CA ALA A 125 8.01 -7.85 -15.54
C ALA A 125 9.49 -7.52 -15.67
N LEU A 126 10.29 -7.92 -14.69
CA LEU A 126 11.73 -7.61 -14.70
C LEU A 126 12.43 -8.23 -15.89
N ARG A 127 11.92 -9.36 -16.36
CA ARG A 127 12.51 -10.08 -17.49
C ARG A 127 11.59 -10.12 -18.71
N ASN A 128 10.66 -9.18 -18.77
CA ASN A 128 9.68 -9.10 -19.87
C ASN A 128 10.32 -8.50 -21.12
N ARG A 129 11.08 -9.33 -21.81
CA ARG A 129 11.84 -8.92 -22.97
C ARG A 129 10.94 -8.42 -24.09
N SER A 130 9.71 -8.92 -24.14
N SER A 130 9.70 -8.90 -24.13
CA SER A 130 8.74 -8.50 -25.16
CA SER A 130 8.72 -8.49 -25.14
C SER A 130 8.25 -7.06 -24.97
C SER A 130 8.31 -7.03 -24.99
N ASN A 131 8.44 -6.51 -23.77
CA ASN A 131 8.03 -5.13 -23.45
C ASN A 131 6.54 -4.84 -23.59
N SER A 132 5.71 -5.88 -23.58
CA SER A 132 4.28 -5.68 -23.55
C SER A 132 4.01 -4.93 -22.24
N PRO A 133 3.10 -3.95 -22.27
CA PRO A 133 2.89 -3.18 -21.05
C PRO A 133 2.43 -3.96 -19.84
N VAL A 134 2.92 -3.55 -18.68
CA VAL A 134 2.54 -4.12 -17.39
C VAL A 134 2.21 -2.91 -16.54
N LEU A 135 0.93 -2.74 -16.20
N LEU A 135 0.94 -2.80 -16.16
CA LEU A 135 0.49 -1.56 -15.45
CA LEU A 135 0.45 -1.65 -15.42
C LEU A 135 0.41 -1.73 -13.94
C LEU A 135 0.49 -1.80 -13.90
N VAL A 136 0.99 -0.76 -13.24
CA VAL A 136 0.95 -0.66 -11.78
C VAL A 136 0.51 0.80 -11.57
N ASN A 137 -0.56 1.01 -10.80
CA ASN A 137 -1.09 2.36 -10.59
C ASN A 137 -1.36 3.09 -11.93
N GLY A 138 -1.91 2.35 -12.89
CA GLY A 138 -2.30 2.90 -14.19
C GLY A 138 -1.17 3.32 -15.13
N GLU A 139 0.06 2.96 -14.79
N GLU A 139 0.05 2.93 -14.80
CA GLU A 139 1.23 3.31 -15.60
CA GLU A 139 1.21 3.28 -15.63
C GLU A 139 2.07 2.08 -15.90
C GLU A 139 2.07 2.06 -15.91
N ASP A 140 2.59 2.01 -17.12
CA ASP A 140 3.44 0.91 -17.55
C ASP A 140 4.76 0.98 -16.80
N VAL A 141 5.15 -0.13 -16.19
CA VAL A 141 6.40 -0.19 -15.44
C VAL A 141 7.60 -0.53 -16.31
N MET A 142 7.37 -0.94 -17.57
CA MET A 142 8.48 -1.38 -18.39
C MET A 142 9.55 -0.32 -18.69
N PRO A 143 9.15 0.94 -18.93
CA PRO A 143 10.20 1.93 -19.13
C PRO A 143 11.14 2.04 -17.92
N ALA A 144 10.61 2.01 -16.71
CA ALA A 144 11.47 2.08 -15.52
C ALA A 144 12.35 0.84 -15.36
N VAL A 145 11.79 -0.34 -15.65
CA VAL A 145 12.57 -1.57 -15.61
C VAL A 145 13.73 -1.48 -16.59
N ASN A 146 13.42 -1.06 -17.80
CA ASN A 146 14.44 -0.96 -18.84
C ASN A 146 15.47 0.12 -18.54
N ALA A 147 15.05 1.20 -17.87
CA ALA A 147 15.98 2.26 -17.53
C ALA A 147 17.04 1.79 -16.52
N VAL A 148 16.63 1.02 -15.51
CA VAL A 148 17.59 0.46 -14.54
C VAL A 148 18.55 -0.49 -15.26
N LEU A 149 18.02 -1.36 -16.13
CA LEU A 149 18.87 -2.25 -16.92
C LEU A 149 19.92 -1.47 -17.73
N ALA A 150 19.51 -0.39 -18.39
CA ALA A 150 20.43 0.43 -19.16
C ALA A 150 21.49 1.08 -18.27
N LYS A 151 21.09 1.52 -17.10
N LYS A 151 21.09 1.55 -17.09
CA LYS A 151 22.00 2.15 -16.16
CA LYS A 151 22.07 2.15 -16.15
C LYS A 151 23.05 1.12 -15.67
C LYS A 151 23.08 1.11 -15.73
N MET A 152 22.61 -0.10 -15.43
CA MET A 152 23.52 -1.19 -15.03
C MET A 152 24.46 -1.58 -16.16
N LYS A 153 23.96 -1.61 -17.39
CA LYS A 153 24.82 -1.92 -18.51
C LYS A 153 25.96 -0.92 -18.59
N ALA A 154 25.62 0.36 -18.56
CA ALA A 154 26.64 1.42 -18.67
C ALA A 154 27.65 1.38 -17.53
N PHE A 155 27.16 1.24 -16.31
CA PHE A 155 28.03 1.19 -15.15
C PHE A 155 28.96 -0.02 -15.22
N SER A 156 28.42 -1.19 -15.58
CA SER A 156 29.22 -2.41 -15.63
C SER A 156 30.32 -2.28 -16.67
N GLU A 157 30.03 -1.64 -17.81
CA GLU A 157 31.07 -1.50 -18.85
C GLU A 157 32.24 -0.66 -18.33
N ARG A 158 31.94 0.38 -17.57
CA ARG A 158 33.00 1.23 -17.01
C ARG A 158 33.81 0.44 -15.98
N VAL A 159 33.15 -0.34 -15.15
CA VAL A 159 33.85 -1.10 -14.13
C VAL A 159 34.68 -2.25 -14.72
N ILE A 160 34.05 -3.07 -15.54
CA ILE A 160 34.73 -4.24 -16.13
C ILE A 160 35.84 -3.80 -17.09
N GLY A 161 35.58 -2.77 -17.90
CA GLY A 161 36.55 -2.33 -18.90
C GLY A 161 37.73 -1.52 -18.39
N GLY A 162 37.65 -1.08 -17.14
CA GLY A 162 38.75 -0.35 -16.51
C GLY A 162 38.67 1.16 -16.51
N GLU A 163 37.64 1.74 -17.12
N GLU A 163 37.65 1.74 -17.13
CA GLU A 163 37.48 3.20 -17.15
CA GLU A 163 37.48 3.19 -17.15
C GLU A 163 37.20 3.75 -15.75
C GLU A 163 37.18 3.74 -15.75
N TRP A 164 36.41 3.00 -14.97
CA TRP A 164 36.10 3.39 -13.60
C TRP A 164 37.34 3.14 -12.75
N LYS A 165 37.93 4.21 -12.21
CA LYS A 165 39.15 4.06 -11.42
C LYS A 165 38.90 4.20 -9.93
N GLY A 166 39.69 3.47 -9.15
CA GLY A 166 39.66 3.58 -7.70
C GLY A 166 40.35 4.87 -7.28
N PHE A 167 40.45 5.09 -5.97
CA PHE A 167 40.95 6.34 -5.43
C PHE A 167 42.45 6.59 -5.70
N THR A 168 43.20 5.56 -6.11
CA THR A 168 44.61 5.75 -6.48
C THR A 168 44.82 5.61 -7.99
N GLY A 169 43.73 5.58 -8.75
CA GLY A 169 43.76 5.55 -10.22
C GLY A 169 43.85 4.20 -10.89
N LYS A 170 43.56 3.14 -10.14
CA LYS A 170 43.65 1.79 -10.66
C LYS A 170 42.30 1.23 -11.03
N ALA A 171 42.30 0.30 -11.98
CA ALA A 171 41.08 -0.38 -12.36
C ALA A 171 40.65 -1.31 -11.25
N ILE A 172 39.35 -1.52 -11.17
CA ILE A 172 38.78 -2.42 -10.19
C ILE A 172 39.10 -3.88 -10.56
N THR A 173 39.44 -4.68 -9.55
CA THR A 173 39.73 -6.11 -9.75
C THR A 173 38.79 -7.02 -8.94
N ASP A 174 38.17 -6.48 -7.91
CA ASP A 174 37.30 -7.26 -7.03
C ASP A 174 36.02 -6.51 -6.74
N VAL A 175 34.92 -7.27 -6.68
CA VAL A 175 33.62 -6.78 -6.35
C VAL A 175 33.12 -7.57 -5.16
N VAL A 176 32.67 -6.87 -4.13
CA VAL A 176 32.12 -7.50 -2.94
C VAL A 176 30.65 -7.10 -2.77
N ASN A 177 29.75 -8.08 -2.88
CA ASN A 177 28.34 -7.86 -2.68
C ASN A 177 28.02 -8.07 -1.19
N ILE A 178 27.32 -7.13 -0.60
CA ILE A 178 26.91 -7.19 0.80
C ILE A 178 25.40 -7.20 0.83
N GLY A 179 24.81 -8.27 1.36
CA GLY A 179 23.36 -8.40 1.41
C GLY A 179 22.96 -9.65 2.17
N ILE A 180 21.69 -9.72 2.54
CA ILE A 180 21.18 -10.90 3.23
C ILE A 180 19.99 -11.43 2.46
N GLY A 181 19.66 -12.70 2.69
CA GLY A 181 18.50 -13.32 2.06
C GLY A 181 18.47 -13.15 0.55
N GLY A 182 17.40 -12.56 0.06
CA GLY A 182 17.22 -12.35 -1.37
C GLY A 182 18.28 -11.48 -2.02
N SER A 183 18.96 -10.66 -1.22
CA SER A 183 20.00 -9.80 -1.74
C SER A 183 21.36 -10.51 -1.83
N ASP A 184 21.42 -11.77 -1.39
CA ASP A 184 22.64 -12.58 -1.43
C ASP A 184 22.48 -13.92 -2.16
N LEU A 185 21.46 -14.69 -1.80
CA LEU A 185 21.37 -16.08 -2.28
C LEU A 185 21.33 -16.25 -3.78
N GLY A 186 20.52 -15.42 -4.45
CA GLY A 186 20.39 -15.52 -5.91
C GLY A 186 21.65 -15.12 -6.64
N PRO A 187 22.16 -13.92 -6.37
CA PRO A 187 23.41 -13.50 -7.03
C PRO A 187 24.58 -14.47 -6.78
N TYR A 188 24.70 -15.00 -5.56
CA TYR A 188 25.77 -15.94 -5.28
C TYR A 188 25.57 -17.22 -6.07
N MET A 189 24.36 -17.76 -6.00
CA MET A 189 24.07 -19.00 -6.71
C MET A 189 24.30 -18.88 -8.21
N VAL A 190 23.85 -17.77 -8.80
CA VAL A 190 23.94 -17.61 -10.25
C VAL A 190 25.39 -17.38 -10.68
N THR A 191 26.13 -16.54 -9.95
CA THR A 191 27.53 -16.34 -10.31
C THR A 191 28.33 -17.64 -10.15
N GLU A 192 28.00 -18.46 -9.16
CA GLU A 192 28.68 -19.75 -8.99
C GLU A 192 28.33 -20.69 -10.14
N ALA A 193 27.05 -20.71 -10.52
CA ALA A 193 26.57 -21.60 -11.57
C ALA A 193 27.16 -21.25 -12.94
N LEU A 194 27.45 -19.97 -13.13
CA LEU A 194 27.91 -19.44 -14.40
C LEU A 194 29.38 -19.02 -14.43
N VAL A 195 30.17 -19.60 -13.53
CA VAL A 195 31.61 -19.37 -13.53
C VAL A 195 32.27 -19.49 -14.92
N PRO A 196 31.84 -20.46 -15.75
CA PRO A 196 32.46 -20.52 -17.11
C PRO A 196 32.32 -19.26 -17.95
N TYR A 197 31.36 -18.40 -17.61
CA TYR A 197 31.07 -17.18 -18.35
C TYR A 197 31.67 -15.94 -17.71
N LYS A 198 32.47 -16.11 -16.66
CA LYS A 198 32.98 -14.95 -15.96
C LYS A 198 34.06 -14.18 -16.70
N ASN A 199 34.14 -12.90 -16.38
CA ASN A 199 35.17 -12.01 -16.86
C ASN A 199 36.32 -11.99 -15.85
N HIS A 200 37.25 -11.07 -15.99
CA HIS A 200 38.42 -11.05 -15.13
C HIS A 200 38.18 -10.66 -13.66
N LEU A 201 37.02 -10.09 -13.36
CA LEU A 201 36.76 -9.68 -11.99
C LEU A 201 36.58 -10.85 -11.06
N THR A 202 36.98 -10.66 -9.81
CA THR A 202 36.73 -11.65 -8.77
C THR A 202 35.58 -11.11 -7.94
N VAL A 203 34.50 -11.89 -7.82
N VAL A 203 34.51 -11.89 -7.81
CA VAL A 203 33.35 -11.48 -7.04
CA VAL A 203 33.34 -11.44 -7.06
C VAL A 203 33.31 -12.25 -5.72
C VAL A 203 33.21 -12.25 -5.76
N HIS A 204 32.85 -11.56 -4.69
CA HIS A 204 32.74 -12.11 -3.35
C HIS A 204 31.36 -11.73 -2.79
N PHE A 205 30.81 -12.60 -1.95
CA PHE A 205 29.49 -12.39 -1.37
C PHE A 205 29.59 -12.51 0.13
N VAL A 206 29.21 -11.43 0.80
CA VAL A 206 29.20 -11.38 2.26
C VAL A 206 27.76 -11.19 2.69
N SER A 207 27.32 -12.01 3.63
CA SER A 207 25.93 -11.99 4.10
C SER A 207 25.75 -12.13 5.60
N ASN A 208 26.54 -12.97 6.24
CA ASN A 208 26.35 -13.22 7.65
C ASN A 208 26.69 -11.98 8.47
N VAL A 209 25.92 -11.70 9.52
CA VAL A 209 26.30 -10.62 10.45
C VAL A 209 27.49 -11.11 11.28
N ASP A 210 27.67 -12.44 11.39
CA ASP A 210 28.86 -12.98 12.05
C ASP A 210 30.06 -12.28 11.40
N GLY A 211 30.88 -11.59 12.22
CA GLY A 211 32.01 -10.79 11.72
C GLY A 211 33.06 -11.56 10.94
N THR A 212 33.08 -12.86 11.13
CA THR A 212 33.96 -13.73 10.36
C THR A 212 33.78 -13.55 8.86
N HIS A 213 32.54 -13.39 8.43
CA HIS A 213 32.25 -13.36 6.99
C HIS A 213 32.93 -12.19 6.30
N MET A 214 32.71 -11.00 6.81
CA MET A 214 33.38 -9.83 6.26
C MET A 214 34.91 -9.85 6.54
N ALA A 215 35.32 -10.26 7.74
CA ALA A 215 36.74 -10.27 8.10
C ALA A 215 37.56 -11.12 7.14
N GLU A 216 37.09 -12.33 6.85
CA GLU A 216 37.83 -13.21 5.96
C GLU A 216 37.84 -12.67 4.53
N THR A 217 36.76 -12.02 4.12
CA THR A 217 36.69 -11.44 2.78
C THR A 217 37.66 -10.29 2.63
N LEU A 218 37.69 -9.40 3.61
CA LEU A 218 38.57 -8.23 3.55
C LEU A 218 40.03 -8.60 3.49
N LYS A 219 40.41 -9.72 4.10
N LYS A 219 40.43 -9.71 4.10
CA LYS A 219 41.79 -10.19 4.07
CA LYS A 219 41.84 -10.09 4.07
C LYS A 219 42.24 -10.55 2.65
C LYS A 219 42.25 -10.61 2.67
N ASN A 220 41.28 -10.80 1.77
CA ASN A 220 41.55 -11.25 0.39
C ASN A 220 41.46 -10.16 -0.68
N VAL A 221 41.12 -8.94 -0.28
CA VAL A 221 40.98 -7.84 -1.23
C VAL A 221 41.78 -6.61 -0.78
N ASP A 222 41.97 -5.68 -1.72
N ASP A 222 41.98 -5.68 -1.70
CA ASP A 222 42.75 -4.44 -1.54
CA ASP A 222 42.73 -4.46 -1.44
C ASP A 222 41.83 -3.20 -1.66
C ASP A 222 41.82 -3.25 -1.61
N PRO A 223 41.90 -2.27 -0.69
CA PRO A 223 41.03 -1.09 -0.80
C PRO A 223 41.10 -0.29 -2.11
N GLU A 224 42.26 -0.26 -2.75
CA GLU A 224 42.46 0.52 -3.95
C GLU A 224 41.76 -0.05 -5.18
N THR A 225 41.46 -1.35 -5.14
CA THR A 225 40.91 -2.03 -6.32
C THR A 225 39.62 -2.80 -6.07
N THR A 226 38.92 -2.50 -4.97
CA THR A 226 37.69 -3.20 -4.65
C THR A 226 36.47 -2.28 -4.67
N LEU A 227 35.40 -2.77 -5.31
CA LEU A 227 34.10 -2.11 -5.36
C LEU A 227 33.12 -2.90 -4.53
N PHE A 228 32.45 -2.24 -3.60
CA PHE A 228 31.43 -2.86 -2.76
C PHE A 228 30.04 -2.47 -3.25
N LEU A 229 29.13 -3.44 -3.28
CA LEU A 229 27.74 -3.20 -3.59
C LEU A 229 26.97 -3.46 -2.29
N VAL A 230 26.25 -2.46 -1.81
CA VAL A 230 25.47 -2.57 -0.58
C VAL A 230 24.02 -2.78 -1.02
N ALA A 231 23.54 -4.02 -0.85
CA ALA A 231 22.22 -4.44 -1.35
C ALA A 231 21.21 -4.47 -0.23
N SER A 232 20.40 -3.41 -0.16
CA SER A 232 19.37 -3.28 0.87
C SER A 232 18.35 -2.24 0.40
N LYS A 233 17.11 -2.67 0.16
CA LYS A 233 16.10 -1.74 -0.33
C LYS A 233 15.93 -0.54 0.60
N THR A 234 15.83 -0.82 1.91
CA THR A 234 15.64 0.24 2.92
C THR A 234 16.94 0.99 3.29
N PHE A 235 18.06 0.33 3.06
CA PHE A 235 19.38 0.80 3.45
C PHE A 235 19.47 0.94 4.99
N THR A 236 18.64 0.18 5.70
CA THR A 236 18.67 0.15 7.16
C THR A 236 18.74 -1.30 7.71
N THR A 237 18.79 -2.30 6.82
CA THR A 237 18.87 -3.72 7.22
C THR A 237 20.03 -3.89 8.21
N GLN A 238 19.76 -4.36 9.41
CA GLN A 238 20.83 -4.45 10.41
C GLN A 238 22.07 -5.20 9.99
N GLU A 239 21.91 -6.41 9.47
CA GLU A 239 23.08 -7.22 9.12
C GLU A 239 23.89 -6.57 8.00
N THR A 240 23.20 -6.21 6.94
CA THR A 240 23.83 -5.62 5.79
C THR A 240 24.53 -4.32 6.11
N MET A 241 23.88 -3.45 6.87
CA MET A 241 24.49 -2.17 7.19
C MET A 241 25.63 -2.32 8.17
N THR A 242 25.55 -3.29 9.09
CA THR A 242 26.69 -3.56 9.99
C THR A 242 27.90 -3.97 9.13
N ASN A 243 27.67 -4.88 8.19
CA ASN A 243 28.72 -5.27 7.26
C ASN A 243 29.24 -4.12 6.40
N ALA A 244 28.33 -3.29 5.90
CA ALA A 244 28.71 -2.16 5.05
C ALA A 244 29.57 -1.17 5.81
N HIS A 245 29.20 -0.89 7.04
CA HIS A 245 29.98 0.03 7.86
C HIS A 245 31.35 -0.53 8.23
N THR A 246 31.44 -1.83 8.46
CA THR A 246 32.74 -2.45 8.70
C THR A 246 33.61 -2.29 7.44
N ALA A 247 33.04 -2.53 6.26
CA ALA A 247 33.79 -2.37 5.02
C ALA A 247 34.22 -0.90 4.81
N ARG A 248 33.33 0.03 5.14
N ARG A 248 33.33 0.04 5.13
CA ARG A 248 33.59 1.44 4.97
CA ARG A 248 33.64 1.45 4.94
C ARG A 248 34.76 1.87 5.88
C ARG A 248 34.78 1.87 5.87
N ASP A 249 34.75 1.38 7.11
CA ASP A 249 35.80 1.69 8.08
C ASP A 249 37.16 1.20 7.56
N TRP A 250 37.17 -0.04 7.07
CA TRP A 250 38.37 -0.66 6.52
C TRP A 250 38.89 0.12 5.32
N PHE A 251 37.98 0.51 4.44
CA PHE A 251 38.33 1.27 3.25
C PHE A 251 38.96 2.62 3.64
N LEU A 252 38.30 3.32 4.56
CA LEU A 252 38.78 4.64 4.99
C LEU A 252 40.09 4.61 5.76
N LYS A 253 40.38 3.48 6.41
N LYS A 253 40.40 3.50 6.44
CA LYS A 253 41.64 3.34 7.13
CA LYS A 253 41.70 3.41 7.13
C LYS A 253 42.79 3.49 6.11
C LYS A 253 42.79 3.56 6.08
N ALA A 254 42.54 3.04 4.88
CA ALA A 254 43.50 3.14 3.78
C ALA A 254 43.39 4.41 2.94
N ALA A 255 42.16 4.82 2.62
CA ALA A 255 41.90 5.95 1.72
C ALA A 255 41.92 7.30 2.40
N GLY A 256 41.54 7.33 3.65
CA GLY A 256 41.53 8.57 4.45
C GLY A 256 40.35 9.47 4.23
N ASP A 257 40.32 10.13 3.08
CA ASP A 257 39.26 11.08 2.74
C ASP A 257 37.94 10.39 2.39
N GLU A 258 36.88 10.74 3.11
CA GLU A 258 35.53 10.21 2.85
C GLU A 258 35.05 10.43 1.43
N ALA A 259 35.56 11.45 0.74
CA ALA A 259 35.18 11.71 -0.64
C ALA A 259 35.44 10.48 -1.51
N HIS A 260 36.42 9.67 -1.13
CA HIS A 260 36.79 8.50 -1.91
C HIS A 260 35.79 7.35 -1.84
N VAL A 261 34.89 7.36 -0.86
CA VAL A 261 33.86 6.32 -0.76
C VAL A 261 33.08 6.19 -2.07
N ALA A 262 32.80 7.32 -2.72
CA ALA A 262 32.03 7.33 -3.95
C ALA A 262 32.64 6.56 -5.10
N LYS A 263 33.95 6.31 -5.09
CA LYS A 263 34.58 5.53 -6.13
C LYS A 263 34.62 4.02 -5.79
N HIS A 264 34.19 3.64 -4.59
CA HIS A 264 34.31 2.25 -4.14
C HIS A 264 33.08 1.59 -3.56
N PHE A 265 31.97 2.33 -3.51
CA PHE A 265 30.71 1.82 -3.00
C PHE A 265 29.56 2.24 -3.90
N ALA A 266 28.67 1.27 -4.16
CA ALA A 266 27.43 1.50 -4.91
C ALA A 266 26.32 0.87 -4.08
N ALA A 267 25.08 1.27 -4.37
CA ALA A 267 23.93 0.80 -3.61
C ALA A 267 22.84 0.24 -4.50
N LEU A 268 22.24 -0.86 -4.04
CA LEU A 268 21.09 -1.47 -4.71
C LEU A 268 20.02 -1.18 -3.67
N SER A 269 19.30 -0.08 -3.91
CA SER A 269 18.39 0.46 -2.90
C SER A 269 17.49 1.52 -3.48
N THR A 270 16.51 1.94 -2.68
CA THR A 270 15.66 3.06 -3.05
C THR A 270 15.76 4.21 -2.04
N ASN A 271 16.56 4.06 -0.99
CA ASN A 271 16.68 5.08 0.05
C ASN A 271 17.81 6.06 -0.27
N GLY A 272 17.54 6.98 -1.19
CA GLY A 272 18.54 7.93 -1.63
C GLY A 272 19.16 8.77 -0.53
N LYS A 273 18.35 9.17 0.44
CA LYS A 273 18.86 9.98 1.55
C LYS A 273 19.94 9.22 2.33
N ALA A 274 19.64 7.98 2.73
CA ALA A 274 20.61 7.16 3.47
C ALA A 274 21.81 6.77 2.63
N VAL A 275 21.59 6.52 1.34
CA VAL A 275 22.69 6.17 0.44
C VAL A 275 23.70 7.33 0.33
N ALA A 276 23.17 8.54 0.14
CA ALA A 276 24.00 9.74 0.06
C ALA A 276 24.72 9.98 1.38
N GLU A 277 24.01 9.77 2.49
CA GLU A 277 24.61 9.94 3.82
C GLU A 277 25.82 9.01 4.03
N PHE A 278 25.73 7.80 3.47
CA PHE A 278 26.80 6.80 3.56
C PHE A 278 28.04 7.27 2.79
N GLY A 279 27.82 8.12 1.78
CA GLY A 279 28.91 8.63 0.94
C GLY A 279 28.90 8.13 -0.50
N ILE A 280 27.84 7.41 -0.85
CA ILE A 280 27.68 6.90 -2.20
C ILE A 280 27.05 7.96 -3.07
N ASP A 281 27.51 8.05 -4.32
CA ASP A 281 26.95 8.96 -5.29
C ASP A 281 25.63 8.33 -5.73
N THR A 282 24.51 9.02 -5.59
CA THR A 282 23.22 8.41 -5.95
C THR A 282 23.07 8.06 -7.44
N ASP A 283 23.96 8.57 -8.29
CA ASP A 283 23.98 8.10 -9.67
C ASP A 283 24.29 6.59 -9.67
N ASN A 284 24.95 6.12 -8.60
CA ASN A 284 25.30 4.70 -8.43
C ASN A 284 24.39 3.98 -7.44
N MET A 285 23.17 4.47 -7.32
CA MET A 285 22.10 3.81 -6.57
C MET A 285 21.18 3.24 -7.67
N PHE A 286 20.97 1.94 -7.63
CA PHE A 286 20.17 1.21 -8.64
C PHE A 286 18.89 0.75 -7.95
N GLU A 287 17.75 1.19 -8.46
N GLU A 287 17.76 1.20 -8.48
CA GLU A 287 16.48 0.95 -7.81
CA GLU A 287 16.45 0.98 -7.86
C GLU A 287 15.70 -0.26 -8.28
C GLU A 287 15.70 -0.27 -8.29
N PHE A 288 14.76 -0.66 -7.43
CA PHE A 288 13.84 -1.74 -7.70
C PHE A 288 12.56 -1.33 -6.96
N TRP A 289 11.52 -2.15 -7.06
CA TRP A 289 10.19 -1.75 -6.63
C TRP A 289 9.56 -2.70 -5.62
N ASP A 290 8.49 -2.22 -4.97
CA ASP A 290 7.81 -3.01 -3.95
C ASP A 290 7.22 -4.31 -4.47
N TRP A 291 6.96 -4.37 -5.78
CA TRP A 291 6.41 -5.57 -6.41
C TRP A 291 7.47 -6.60 -6.78
N VAL A 292 8.73 -6.32 -6.39
CA VAL A 292 9.83 -7.28 -6.52
C VAL A 292 10.12 -7.84 -5.13
N GLY A 293 9.72 -9.08 -4.87
CA GLY A 293 10.00 -9.68 -3.57
C GLY A 293 11.47 -10.01 -3.51
N GLY A 294 12.08 -9.90 -2.33
CA GLY A 294 13.52 -10.21 -2.19
C GLY A 294 13.93 -11.55 -2.75
N ARG A 295 13.13 -12.57 -2.46
CA ARG A 295 13.44 -13.92 -2.91
C ARG A 295 13.16 -14.17 -4.40
N TYR A 296 12.70 -13.11 -5.07
CA TYR A 296 12.44 -13.10 -6.51
C TYR A 296 13.15 -11.92 -7.15
N SER A 297 14.23 -11.43 -6.52
CA SER A 297 14.87 -10.18 -6.93
C SER A 297 16.16 -10.26 -7.75
N LEU A 298 16.71 -11.43 -7.98
CA LEU A 298 17.97 -11.48 -8.73
C LEU A 298 17.86 -10.92 -10.13
N TRP A 299 16.64 -10.86 -10.66
CA TRP A 299 16.35 -10.37 -12.00
C TRP A 299 16.36 -8.85 -12.10
N SER A 300 16.38 -8.18 -10.94
CA SER A 300 16.34 -6.72 -10.84
C SER A 300 17.74 -6.15 -10.62
N ALA A 301 17.80 -4.90 -10.15
CA ALA A 301 19.04 -4.26 -9.72
C ALA A 301 19.85 -5.12 -8.76
N ILE A 302 19.16 -5.96 -7.98
CA ILE A 302 19.84 -6.88 -7.06
C ILE A 302 20.83 -7.77 -7.81
N GLY A 303 20.58 -8.01 -9.09
CA GLY A 303 21.48 -8.79 -9.94
C GLY A 303 22.71 -8.06 -10.46
N LEU A 304 22.98 -6.83 -10.00
CA LEU A 304 24.16 -6.10 -10.50
C LEU A 304 25.45 -6.91 -10.34
N SER A 305 25.60 -7.62 -9.23
CA SER A 305 26.81 -8.44 -9.09
C SER A 305 26.91 -9.52 -10.16
N ILE A 306 25.78 -10.04 -10.63
CA ILE A 306 25.79 -11.01 -11.73
C ILE A 306 26.30 -10.33 -13.00
N ILE A 307 25.75 -9.16 -13.30
CA ILE A 307 26.17 -8.40 -14.46
C ILE A 307 27.66 -8.10 -14.37
N LEU A 308 28.13 -7.72 -13.19
CA LEU A 308 29.55 -7.43 -13.06
C LEU A 308 30.43 -8.66 -13.24
N SER A 309 29.94 -9.83 -12.83
CA SER A 309 30.74 -11.05 -12.94
C SER A 309 30.76 -11.66 -14.33
N ILE A 310 29.63 -11.67 -15.02
CA ILE A 310 29.51 -12.35 -16.33
C ILE A 310 29.16 -11.43 -17.49
N GLY A 311 28.99 -10.14 -17.20
CA GLY A 311 28.66 -9.16 -18.23
C GLY A 311 27.18 -9.01 -18.49
N TYR A 312 26.82 -7.86 -19.02
CA TYR A 312 25.45 -7.54 -19.30
C TYR A 312 24.82 -8.46 -20.33
N ASP A 313 25.54 -8.77 -21.40
CA ASP A 313 24.96 -9.63 -22.43
C ASP A 313 24.55 -11.01 -21.88
N ASN A 314 25.37 -11.60 -21.01
CA ASN A 314 25.02 -12.86 -20.41
C ASN A 314 23.85 -12.70 -19.44
N PHE A 315 23.77 -11.56 -18.73
CA PHE A 315 22.63 -11.31 -17.86
C PHE A 315 21.34 -11.22 -18.69
N VAL A 316 21.40 -10.60 -19.86
CA VAL A 316 20.23 -10.52 -20.74
C VAL A 316 19.81 -11.92 -21.17
N GLU A 317 20.77 -12.82 -21.43
CA GLU A 317 20.43 -14.23 -21.74
C GLU A 317 19.70 -14.92 -20.59
N LEU A 318 20.14 -14.66 -19.37
CA LEU A 318 19.50 -15.16 -18.17
C LEU A 318 18.05 -14.66 -18.12
N LEU A 319 17.85 -13.35 -18.30
CA LEU A 319 16.49 -12.80 -18.34
C LEU A 319 15.66 -13.42 -19.45
N ALA A 320 16.26 -13.59 -20.62
CA ALA A 320 15.55 -14.14 -21.77
C ALA A 320 15.09 -15.56 -21.51
N GLY A 321 15.92 -16.35 -20.82
CA GLY A 321 15.56 -17.70 -20.48
C GLY A 321 14.38 -17.70 -19.52
N ALA A 322 14.39 -16.81 -18.54
CA ALA A 322 13.26 -16.73 -17.65
C ALA A 322 11.99 -16.32 -18.42
N HIS A 323 12.13 -15.37 -19.34
CA HIS A 323 11.02 -14.91 -20.15
C HIS A 323 10.41 -16.05 -20.99
N GLU A 324 11.28 -16.90 -21.54
N GLU A 324 11.24 -16.90 -21.58
CA GLU A 324 10.85 -18.07 -22.35
CA GLU A 324 10.67 -17.97 -22.41
C GLU A 324 9.94 -18.96 -21.52
C GLU A 324 9.92 -19.00 -21.53
N MET A 325 10.37 -19.21 -20.30
CA MET A 325 9.65 -20.09 -19.39
C MET A 325 8.35 -19.41 -18.93
N ASP A 326 8.38 -18.09 -18.72
CA ASP A 326 7.17 -17.34 -18.39
C ASP A 326 6.12 -17.52 -19.49
N GLN A 327 6.54 -17.40 -20.75
N GLN A 327 6.54 -17.40 -20.75
CA GLN A 327 5.63 -17.55 -21.88
CA GLN A 327 5.63 -17.55 -21.88
C GLN A 327 5.06 -18.98 -21.90
C GLN A 327 5.07 -18.98 -21.95
N HIS A 328 5.91 -19.97 -21.68
CA HIS A 328 5.46 -21.36 -21.62
C HIS A 328 4.38 -21.51 -20.53
N PHE A 329 4.64 -20.93 -19.37
CA PHE A 329 3.73 -21.07 -18.24
C PHE A 329 2.37 -20.45 -18.49
N VAL A 330 2.36 -19.27 -19.11
CA VAL A 330 1.12 -18.56 -19.39
C VAL A 330 0.33 -19.17 -20.56
N ASN A 331 1.01 -19.71 -21.55
CA ASN A 331 0.35 -20.12 -22.79
C ASN A 331 0.06 -21.59 -22.99
N THR A 332 0.61 -22.44 -22.14
CA THR A 332 0.49 -23.88 -22.34
C THR A 332 -0.61 -24.52 -21.51
N PRO A 333 -1.45 -25.36 -22.15
CA PRO A 333 -2.48 -26.06 -21.39
C PRO A 333 -1.83 -26.86 -20.27
N PHE A 334 -2.54 -27.02 -19.16
CA PHE A 334 -1.95 -27.65 -17.97
C PHE A 334 -1.30 -29.00 -18.22
N GLU A 335 -1.92 -29.82 -19.07
CA GLU A 335 -1.43 -31.17 -19.32
C GLU A 335 -0.04 -31.25 -19.94
N SER A 336 0.45 -30.14 -20.50
N SER A 336 0.45 -30.15 -20.50
CA SER A 336 1.80 -30.09 -21.06
CA SER A 336 1.78 -30.05 -21.09
C SER A 336 2.60 -28.91 -20.49
C SER A 336 2.61 -28.93 -20.47
N ASN A 337 2.11 -28.34 -19.38
CA ASN A 337 2.72 -27.18 -18.73
C ASN A 337 3.67 -27.64 -17.63
N ILE A 338 4.97 -27.48 -17.84
CA ILE A 338 5.98 -28.06 -16.97
C ILE A 338 5.84 -27.63 -15.51
N PRO A 339 5.77 -26.31 -15.23
CA PRO A 339 5.63 -25.93 -13.83
C PRO A 339 4.37 -26.49 -13.16
N VAL A 340 3.28 -26.58 -13.91
CA VAL A 340 2.04 -27.12 -13.35
C VAL A 340 2.20 -28.61 -13.05
N ILE A 341 2.77 -29.35 -13.99
CA ILE A 341 2.98 -30.78 -13.81
C ILE A 341 3.85 -31.02 -12.58
N LEU A 342 4.99 -30.32 -12.48
CA LEU A 342 5.88 -30.52 -11.34
C LEU A 342 5.19 -30.16 -10.02
N ALA A 343 4.44 -29.07 -10.02
CA ALA A 343 3.71 -28.65 -8.82
C ALA A 343 2.72 -29.71 -8.36
N LEU A 344 1.96 -30.24 -9.31
CA LEU A 344 0.93 -31.22 -8.99
C LEU A 344 1.52 -32.53 -8.45
N ILE A 345 2.59 -33.02 -9.08
CA ILE A 345 3.27 -34.22 -8.60
C ILE A 345 3.79 -33.97 -7.19
N GLY A 346 4.32 -32.78 -6.94
CA GLY A 346 4.76 -32.43 -5.61
C GLY A 346 3.63 -32.44 -4.60
N ILE A 347 2.47 -31.94 -4.98
CA ILE A 347 1.28 -31.96 -4.10
C ILE A 347 0.87 -33.42 -3.80
N TRP A 348 0.95 -34.28 -4.80
CA TRP A 348 0.63 -35.69 -4.58
C TRP A 348 1.49 -36.28 -3.46
N TYR A 349 2.78 -36.00 -3.49
CA TYR A 349 3.64 -36.53 -2.44
C TYR A 349 3.48 -35.83 -1.09
N ASN A 350 3.33 -34.52 -1.12
CA ASN A 350 3.22 -33.71 0.11
C ASN A 350 1.91 -33.92 0.85
N ASN A 351 0.83 -34.00 0.11
CA ASN A 351 -0.51 -34.04 0.70
C ASN A 351 -1.21 -35.38 0.72
N PHE A 352 -0.73 -36.31 -0.08
CA PHE A 352 -1.35 -37.65 -0.10
C PHE A 352 -0.40 -38.68 0.45
N HIS A 353 0.84 -38.69 -0.03
CA HIS A 353 1.85 -39.61 0.52
C HIS A 353 2.46 -39.14 1.83
N GLY A 354 2.25 -37.88 2.20
CA GLY A 354 2.77 -37.38 3.47
C GLY A 354 4.27 -37.13 3.57
N ALA A 355 4.94 -36.96 2.44
CA ALA A 355 6.40 -36.69 2.44
C ALA A 355 6.63 -35.26 2.87
N GLU A 356 7.52 -35.05 3.83
CA GLU A 356 7.79 -33.69 4.31
C GLU A 356 8.79 -32.92 3.50
N SER A 357 9.60 -33.60 2.69
CA SER A 357 10.68 -32.92 2.00
C SER A 357 10.80 -33.21 0.53
N GLU A 358 11.63 -32.42 -0.15
CA GLU A 358 11.98 -32.62 -1.55
C GLU A 358 13.48 -32.36 -1.64
N ALA A 359 14.21 -33.28 -2.29
CA ALA A 359 15.63 -33.07 -2.51
C ALA A 359 15.88 -32.60 -3.92
N ILE A 360 16.79 -31.62 -4.06
CA ILE A 360 17.20 -31.08 -5.37
C ILE A 360 18.68 -31.47 -5.50
N LEU A 361 18.99 -32.28 -6.52
CA LEU A 361 20.29 -32.93 -6.66
C LEU A 361 20.91 -32.68 -8.05
N PRO A 362 21.58 -31.53 -8.20
N PRO A 362 21.54 -31.51 -8.22
CA PRO A 362 22.19 -31.24 -9.49
CA PRO A 362 22.17 -31.25 -9.50
C PRO A 362 23.53 -31.96 -9.63
C PRO A 362 23.52 -31.98 -9.62
N TYR A 363 23.71 -32.68 -10.73
CA TYR A 363 24.97 -33.38 -11.01
C TYR A 363 25.85 -32.39 -11.73
N ASP A 364 26.28 -31.39 -10.98
CA ASP A 364 27.02 -30.26 -11.49
C ASP A 364 27.56 -29.46 -10.29
N GLN A 365 28.87 -29.47 -10.13
CA GLN A 365 29.52 -28.78 -9.03
C GLN A 365 29.25 -27.27 -9.06
N TYR A 366 29.18 -26.68 -10.24
CA TYR A 366 28.91 -25.26 -10.35
C TYR A 366 27.57 -24.89 -9.72
N LEU A 367 26.60 -25.80 -9.77
CA LEU A 367 25.27 -25.60 -9.20
C LEU A 367 25.18 -25.95 -7.70
N HIS A 368 26.32 -25.89 -7.00
CA HIS A 368 26.36 -26.25 -5.58
C HIS A 368 25.49 -25.41 -4.66
N ARG A 369 25.06 -24.22 -5.10
CA ARG A 369 24.20 -23.38 -4.27
C ARG A 369 22.75 -23.31 -4.74
N PHE A 370 22.40 -24.16 -5.70
CA PHE A 370 21.06 -24.17 -6.29
C PHE A 370 19.98 -24.60 -5.29
N ALA A 371 20.21 -25.72 -4.60
CA ALA A 371 19.26 -26.16 -3.58
C ALA A 371 19.11 -25.10 -2.47
N ALA A 372 20.22 -24.53 -2.01
CA ALA A 372 20.18 -23.50 -0.99
C ALA A 372 19.30 -22.30 -1.43
N TYR A 373 19.40 -21.94 -2.69
CA TYR A 373 18.60 -20.83 -3.21
C TYR A 373 17.12 -21.13 -3.07
N PHE A 374 16.74 -22.35 -3.41
CA PHE A 374 15.33 -22.74 -3.33
C PHE A 374 14.85 -22.99 -1.93
N GLN A 375 15.76 -23.13 -0.97
CA GLN A 375 15.32 -23.13 0.42
C GLN A 375 14.59 -21.84 0.69
N GLN A 376 15.13 -20.69 0.28
CA GLN A 376 14.40 -19.45 0.47
C GLN A 376 13.22 -19.35 -0.48
N GLY A 377 13.47 -19.51 -1.77
CA GLY A 377 12.42 -19.30 -2.75
C GLY A 377 11.18 -20.12 -2.50
N ASN A 378 11.39 -21.38 -2.13
CA ASN A 378 10.28 -22.28 -1.88
C ASN A 378 9.76 -22.15 -0.47
N MET A 379 10.62 -22.35 0.52
CA MET A 379 10.18 -22.41 1.92
C MET A 379 9.69 -21.09 2.47
N GLU A 380 10.33 -19.99 2.10
CA GLU A 380 9.84 -18.70 2.60
C GLU A 380 8.51 -18.34 1.90
N SER A 381 8.30 -18.83 0.68
CA SER A 381 7.05 -18.56 -0.01
C SER A 381 5.91 -19.39 0.55
N ASN A 382 6.11 -20.71 0.63
CA ASN A 382 5.01 -21.62 0.95
C ASN A 382 5.00 -22.24 2.33
N GLY A 383 5.91 -21.82 3.20
CA GLY A 383 5.93 -22.24 4.61
C GLY A 383 4.95 -21.33 5.35
N LYS A 384 3.67 -21.63 5.17
CA LYS A 384 2.56 -20.82 5.66
C LYS A 384 1.49 -21.72 6.24
N TYR A 385 0.71 -21.22 7.17
N TYR A 385 0.74 -21.24 7.23
CA TYR A 385 -0.32 -22.07 7.80
CA TYR A 385 -0.32 -22.07 7.82
C TYR A 385 -1.71 -21.46 7.85
C TYR A 385 -1.69 -21.42 7.93
N VAL A 386 -1.88 -20.26 7.30
CA VAL A 386 -3.15 -19.56 7.26
C VAL A 386 -3.52 -19.35 5.80
N ASP A 387 -4.75 -19.70 5.47
CA ASP A 387 -5.20 -19.60 4.10
C ASP A 387 -5.61 -18.19 3.72
N ARG A 388 -5.93 -17.99 2.44
CA ARG A 388 -6.20 -16.64 1.94
C ARG A 388 -7.43 -15.98 2.52
N ASN A 389 -8.31 -16.77 3.12
CA ASN A 389 -9.50 -16.26 3.79
C ASN A 389 -9.25 -15.98 5.27
N GLY A 390 -8.00 -16.18 5.72
CA GLY A 390 -7.63 -15.96 7.11
C GLY A 390 -7.91 -17.12 8.04
N ASN A 391 -8.14 -18.29 7.46
CA ASN A 391 -8.45 -19.49 8.25
C ASN A 391 -7.25 -20.44 8.30
N PRO A 392 -6.98 -21.02 9.48
CA PRO A 392 -5.86 -21.95 9.59
C PRO A 392 -6.05 -23.14 8.67
N VAL A 393 -4.99 -23.54 7.97
CA VAL A 393 -5.08 -24.68 7.07
C VAL A 393 -5.24 -25.98 7.87
N THR A 394 -5.83 -26.97 7.23
CA THR A 394 -6.05 -28.30 7.80
C THR A 394 -5.34 -29.35 6.94
N TYR A 395 -4.32 -28.91 6.23
CA TYR A 395 -3.56 -29.74 5.30
C TYR A 395 -2.15 -29.21 5.24
N GLN A 396 -1.27 -30.00 4.65
CA GLN A 396 0.13 -29.64 4.52
C GLN A 396 0.38 -28.60 3.46
N THR A 397 1.27 -27.64 3.78
CA THR A 397 1.71 -26.67 2.79
C THR A 397 3.15 -26.96 2.39
N GLY A 398 4.01 -25.94 2.27
CA GLY A 398 5.31 -26.15 1.68
C GLY A 398 6.19 -27.21 2.31
N PRO A 399 6.97 -27.92 1.49
CA PRO A 399 7.90 -28.92 1.99
C PRO A 399 9.25 -28.32 2.35
N ILE A 400 10.05 -29.12 3.03
CA ILE A 400 11.43 -28.79 3.33
C ILE A 400 12.26 -29.12 2.09
N ILE A 401 13.02 -28.16 1.60
CA ILE A 401 13.89 -28.32 0.43
C ILE A 401 15.32 -28.49 0.94
N TRP A 402 16.04 -29.44 0.35
CA TRP A 402 17.43 -29.70 0.73
C TRP A 402 18.16 -30.41 -0.41
N GLY A 403 19.47 -30.62 -0.26
CA GLY A 403 20.22 -31.34 -1.27
C GLY A 403 21.65 -30.86 -1.38
N GLU A 404 22.45 -31.68 -2.05
CA GLU A 404 23.84 -31.41 -2.37
C GLU A 404 24.06 -31.91 -3.79
N PRO A 405 24.99 -31.30 -4.51
CA PRO A 405 25.25 -31.78 -5.86
C PRO A 405 25.78 -33.20 -5.93
N GLY A 406 25.41 -33.92 -6.99
CA GLY A 406 25.96 -35.23 -7.26
C GLY A 406 27.32 -35.05 -7.92
N THR A 407 28.28 -35.97 -7.72
CA THR A 407 28.13 -37.18 -6.90
C THR A 407 28.36 -37.01 -5.36
N ASN A 408 28.64 -35.78 -4.91
N ASN A 408 28.63 -35.78 -4.89
CA ASN A 408 28.89 -35.53 -3.49
CA ASN A 408 28.89 -35.51 -3.44
C ASN A 408 27.77 -36.12 -2.61
C ASN A 408 27.78 -35.91 -2.46
N GLY A 409 26.54 -35.60 -2.81
CA GLY A 409 25.39 -35.97 -1.97
C GLY A 409 25.21 -37.46 -2.05
N GLN A 410 25.47 -37.98 -3.24
CA GLN A 410 25.36 -39.38 -3.50
C GLN A 410 26.19 -40.24 -2.53
N HIS A 411 27.39 -39.78 -2.18
CA HIS A 411 28.25 -40.50 -1.24
C HIS A 411 28.06 -40.11 0.23
N ALA A 412 27.10 -39.23 0.48
CA ALA A 412 26.79 -38.80 1.84
C ALA A 412 25.51 -39.41 2.38
N PHE A 413 24.39 -39.15 1.73
CA PHE A 413 23.08 -39.49 2.28
C PHE A 413 22.16 -40.35 1.44
N TYR A 414 22.59 -40.78 0.27
CA TYR A 414 21.68 -41.62 -0.55
C TYR A 414 21.35 -42.95 0.12
N GLN A 415 22.19 -43.44 1.03
CA GLN A 415 21.87 -44.64 1.80
C GLN A 415 20.46 -44.51 2.35
N LEU A 416 20.13 -43.37 2.94
CA LEU A 416 18.81 -43.18 3.53
C LEU A 416 17.71 -43.05 2.48
N ILE A 417 18.02 -42.46 1.33
CA ILE A 417 17.02 -42.34 0.27
C ILE A 417 16.68 -43.75 -0.23
N HIS A 418 17.69 -44.59 -0.42
CA HIS A 418 17.46 -45.97 -0.92
C HIS A 418 16.90 -46.94 0.10
N GLN A 419 17.36 -46.84 1.35
CA GLN A 419 17.01 -47.87 2.36
C GLN A 419 16.51 -47.37 3.70
N GLY A 420 16.09 -46.10 3.75
CA GLY A 420 15.53 -45.57 4.98
C GLY A 420 14.03 -45.79 5.05
N THR A 421 13.39 -45.03 5.93
CA THR A 421 11.95 -45.15 6.17
C THR A 421 11.17 -43.88 5.80
N LYS A 422 11.81 -42.96 5.09
CA LYS A 422 11.19 -41.72 4.62
C LYS A 422 11.07 -41.72 3.11
N LEU A 423 9.94 -41.19 2.61
CA LEU A 423 9.71 -40.97 1.17
C LEU A 423 10.28 -39.59 0.89
N ILE A 424 11.21 -39.52 -0.06
CA ILE A 424 11.89 -38.29 -0.41
C ILE A 424 11.93 -38.12 -1.94
N PRO A 425 10.92 -37.45 -2.49
CA PRO A 425 10.96 -37.18 -3.93
C PRO A 425 12.24 -36.40 -4.25
N CYS A 426 12.89 -36.75 -5.35
CA CYS A 426 14.13 -36.09 -5.75
C CYS A 426 14.08 -35.56 -7.16
N ASP A 427 14.61 -34.35 -7.34
CA ASP A 427 14.78 -33.77 -8.67
C ASP A 427 16.25 -33.88 -8.99
N PHE A 428 16.57 -34.74 -9.94
CA PHE A 428 17.93 -34.93 -10.44
C PHE A 428 18.06 -34.02 -11.64
N ILE A 429 19.08 -33.17 -11.66
CA ILE A 429 19.31 -32.22 -12.75
C ILE A 429 20.73 -32.37 -13.26
N ALA A 430 20.90 -32.37 -14.60
CA ALA A 430 22.25 -32.47 -15.15
C ALA A 430 22.34 -31.94 -16.55
N PRO A 431 23.50 -31.41 -16.91
CA PRO A 431 23.75 -31.05 -18.28
C PRO A 431 24.41 -32.17 -19.04
N ALA A 432 24.06 -32.31 -20.32
CA ALA A 432 24.68 -33.31 -21.17
C ALA A 432 26.13 -32.98 -21.51
N VAL A 433 26.45 -31.69 -21.56
CA VAL A 433 27.77 -31.20 -21.96
C VAL A 433 28.35 -30.34 -20.84
N SER A 434 29.54 -30.74 -20.39
CA SER A 434 30.28 -30.00 -19.37
C SER A 434 30.96 -28.79 -19.97
N HIS A 435 31.19 -27.79 -19.13
CA HIS A 435 31.97 -26.63 -19.50
C HIS A 435 33.46 -26.86 -19.43
N ASN A 436 33.87 -27.99 -18.87
CA ASN A 436 35.27 -28.36 -18.72
C ASN A 436 35.51 -29.70 -19.38
N LEU A 437 36.47 -29.75 -20.28
CA LEU A 437 36.78 -30.94 -21.01
C LEU A 437 37.91 -31.62 -20.22
N VAL A 438 37.56 -32.70 -19.52
CA VAL A 438 38.48 -33.41 -18.62
C VAL A 438 38.33 -34.92 -18.77
N GLY A 439 39.15 -35.52 -19.61
CA GLY A 439 39.12 -36.97 -19.82
C GLY A 439 37.72 -37.55 -19.95
N ASP A 440 37.45 -38.63 -19.21
CA ASP A 440 36.12 -39.27 -19.22
C ASP A 440 35.28 -38.94 -18.01
N HIS A 441 35.63 -37.86 -17.32
CA HIS A 441 34.89 -37.47 -16.14
C HIS A 441 33.40 -37.29 -16.36
N HIS A 442 33.02 -36.65 -17.46
CA HIS A 442 31.60 -36.36 -17.65
C HIS A 442 30.80 -37.63 -17.90
N GLN A 443 31.36 -38.57 -18.64
CA GLN A 443 30.65 -39.85 -18.84
C GLN A 443 30.49 -40.57 -17.52
N LYS A 444 31.52 -40.53 -16.67
CA LYS A 444 31.40 -41.13 -15.35
C LYS A 444 30.33 -40.44 -14.52
N LEU A 445 30.33 -39.12 -14.50
CA LEU A 445 29.32 -38.37 -13.79
C LEU A 445 27.94 -38.75 -14.28
N MET A 446 27.74 -38.74 -15.60
CA MET A 446 26.42 -39.03 -16.15
C MET A 446 25.99 -40.47 -15.91
N SER A 447 26.94 -41.40 -15.90
CA SER A 447 26.57 -42.80 -15.62
C SER A 447 25.88 -42.89 -14.25
N ASN A 448 26.34 -42.08 -13.31
CA ASN A 448 25.74 -42.03 -11.97
C ASN A 448 24.38 -41.34 -11.98
N PHE A 449 24.26 -40.24 -12.72
CA PHE A 449 22.99 -39.52 -12.85
C PHE A 449 21.88 -40.46 -13.35
N PHE A 450 22.17 -41.23 -14.40
CA PHE A 450 21.16 -42.14 -14.96
C PHE A 450 20.90 -43.34 -14.03
N ALA A 451 21.97 -43.90 -13.48
CA ALA A 451 21.89 -45.11 -12.67
C ALA A 451 21.14 -44.90 -11.37
N GLN A 452 21.32 -43.75 -10.74
CA GLN A 452 20.71 -43.54 -9.46
C GLN A 452 19.20 -43.51 -9.52
N THR A 453 18.65 -42.87 -10.54
CA THR A 453 17.17 -42.82 -10.66
C THR A 453 16.62 -44.19 -11.02
N GLU A 454 17.36 -44.94 -11.85
CA GLU A 454 17.02 -46.31 -12.21
C GLU A 454 16.97 -47.19 -10.93
N ALA A 455 18.00 -47.06 -10.10
CA ALA A 455 18.12 -47.79 -8.85
C ALA A 455 16.97 -47.44 -7.90
N LEU A 456 16.73 -46.15 -7.74
CA LEU A 456 15.68 -45.68 -6.85
C LEU A 456 14.30 -46.18 -7.27
N ALA A 457 14.03 -46.19 -8.58
CA ALA A 457 12.72 -46.60 -9.04
C ALA A 457 12.47 -48.08 -8.92
N PHE A 458 13.43 -48.87 -9.37
CA PHE A 458 13.19 -50.30 -9.54
C PHE A 458 13.81 -51.22 -8.49
N GLY A 459 14.79 -50.73 -7.77
CA GLY A 459 15.39 -51.53 -6.69
C GLY A 459 16.05 -52.83 -7.14
N LYS A 460 16.11 -53.77 -6.21
N LYS A 460 16.12 -53.77 -6.22
CA LYS A 460 16.75 -55.07 -6.44
CA LYS A 460 16.71 -55.08 -6.47
C LYS A 460 16.12 -56.05 -5.45
C LYS A 460 16.11 -56.04 -5.47
N SER A 461 15.51 -57.12 -5.98
CA SER A 461 14.82 -58.08 -5.14
C SER A 461 15.69 -59.06 -4.39
N ALA A 462 15.09 -59.71 -3.40
CA ALA A 462 15.77 -60.76 -2.64
C ALA A 462 16.26 -61.89 -3.57
N GLN A 463 15.46 -62.24 -4.57
CA GLN A 463 15.84 -63.27 -5.55
C GLN A 463 17.12 -62.90 -6.27
N ALA A 464 17.22 -61.63 -6.69
CA ALA A 464 18.42 -61.16 -7.39
C ALA A 464 19.64 -61.15 -6.48
N VAL A 465 19.45 -60.72 -5.24
CA VAL A 465 20.54 -60.69 -4.27
C VAL A 465 21.04 -62.10 -3.95
N GLN A 466 20.11 -63.02 -3.75
CA GLN A 466 20.46 -64.40 -3.45
C GLN A 466 21.31 -64.98 -4.57
N ALA A 467 20.92 -64.73 -5.82
CA ALA A 467 21.66 -65.21 -6.98
C ALA A 467 23.09 -64.65 -6.98
N GLU A 468 23.24 -63.35 -6.72
N GLU A 468 23.23 -63.35 -6.72
CA GLU A 468 24.58 -62.74 -6.69
CA GLU A 468 24.55 -62.72 -6.67
C GLU A 468 25.46 -63.31 -5.59
C GLU A 468 25.44 -63.34 -5.60
N LEU A 469 24.89 -63.53 -4.41
CA LEU A 469 25.65 -64.09 -3.30
C LEU A 469 26.04 -65.54 -3.55
N GLU A 470 25.16 -66.30 -4.19
CA GLU A 470 25.46 -67.69 -4.56
C GLU A 470 26.64 -67.76 -5.52
N LYS A 471 26.70 -66.81 -6.47
CA LYS A 471 27.78 -66.80 -7.45
C LYS A 471 29.10 -66.40 -6.78
N ALA A 472 29.01 -65.61 -5.71
CA ALA A 472 30.19 -65.16 -4.97
C ALA A 472 30.72 -66.23 -4.03
N GLY A 473 30.07 -67.40 -4.01
CA GLY A 473 30.50 -68.52 -3.19
C GLY A 473 30.10 -68.51 -1.73
N LYS A 474 29.13 -67.67 -1.36
CA LYS A 474 28.68 -67.60 0.03
C LYS A 474 27.97 -68.89 0.42
N SER A 475 28.08 -69.29 1.68
CA SER A 475 27.40 -70.48 2.20
C SER A 475 25.92 -70.14 2.34
N ALA A 476 25.07 -71.17 2.42
CA ALA A 476 23.64 -70.96 2.56
C ALA A 476 23.32 -70.11 3.80
N ALA A 477 24.01 -70.37 4.91
CA ALA A 477 23.77 -69.62 6.13
C ALA A 477 24.19 -68.17 6.00
N GLU A 478 25.36 -67.95 5.36
CA GLU A 478 25.85 -66.58 5.11
C GLU A 478 24.86 -65.81 4.25
N ILE A 479 24.32 -66.48 3.24
CA ILE A 479 23.35 -65.85 2.34
C ILE A 479 22.08 -65.49 3.09
N ALA A 480 21.52 -66.45 3.83
CA ALA A 480 20.30 -66.18 4.57
C ALA A 480 20.49 -65.01 5.55
N ALA A 481 21.66 -64.92 6.17
CA ALA A 481 21.92 -63.83 7.13
C ALA A 481 22.05 -62.45 6.50
N LEU A 482 22.54 -62.41 5.27
CA LEU A 482 22.84 -61.15 4.63
C LEU A 482 21.80 -60.61 3.64
N VAL A 483 21.08 -61.50 2.97
CA VAL A 483 20.13 -61.09 1.94
C VAL A 483 19.21 -59.92 2.31
N PRO A 484 18.53 -59.96 3.46
CA PRO A 484 17.59 -58.84 3.70
C PRO A 484 18.23 -57.46 3.72
N PHE A 485 19.49 -57.39 4.14
CA PHE A 485 20.16 -56.10 4.24
C PHE A 485 20.56 -55.53 2.90
N LYS A 486 20.61 -56.41 1.89
CA LYS A 486 21.02 -56.02 0.54
C LYS A 486 19.85 -55.79 -0.42
N VAL A 487 18.62 -55.97 0.03
CA VAL A 487 17.46 -55.76 -0.82
C VAL A 487 17.13 -54.26 -0.91
N PHE A 488 16.77 -53.83 -2.11
CA PHE A 488 16.35 -52.45 -2.38
C PHE A 488 14.89 -52.54 -2.81
N GLU A 489 14.00 -52.00 -2.00
CA GLU A 489 12.57 -52.07 -2.28
C GLU A 489 12.14 -51.23 -3.45
N GLY A 490 12.93 -50.20 -3.77
CA GLY A 490 12.58 -49.35 -4.88
C GLY A 490 11.36 -48.50 -4.59
N ASN A 491 10.69 -48.08 -5.66
CA ASN A 491 9.52 -47.19 -5.55
C ASN A 491 9.84 -45.84 -4.94
N ARG A 492 11.09 -45.41 -5.11
CA ARG A 492 11.56 -44.10 -4.69
C ARG A 492 11.48 -43.22 -5.93
N PRO A 493 10.54 -42.27 -5.96
CA PRO A 493 10.29 -41.48 -7.17
C PRO A 493 11.23 -40.32 -7.40
N THR A 494 11.46 -40.03 -8.67
CA THR A 494 12.31 -38.95 -9.09
C THR A 494 11.82 -38.27 -10.36
N ASN A 495 12.21 -37.02 -10.52
CA ASN A 495 12.14 -36.34 -11.78
C ASN A 495 13.58 -36.23 -12.26
N SER A 496 13.79 -36.34 -13.56
CA SER A 496 15.12 -36.12 -14.15
C SER A 496 14.99 -34.96 -15.13
N ILE A 497 15.78 -33.92 -14.91
CA ILE A 497 15.81 -32.77 -15.79
C ILE A 497 17.17 -32.78 -16.45
N LEU A 498 17.17 -33.01 -17.76
CA LEU A 498 18.39 -33.06 -18.55
C LEU A 498 18.43 -31.85 -19.46
N VAL A 499 19.49 -31.06 -19.34
CA VAL A 499 19.65 -29.87 -20.18
C VAL A 499 20.86 -30.09 -21.07
N LYS A 500 20.88 -29.46 -22.25
CA LYS A 500 22.01 -29.60 -23.13
C LYS A 500 23.28 -29.14 -22.44
N GLN A 501 23.21 -27.95 -21.85
CA GLN A 501 24.33 -27.33 -21.15
C GLN A 501 23.75 -26.28 -20.23
N ILE A 502 24.37 -26.06 -19.08
CA ILE A 502 23.96 -24.97 -18.19
C ILE A 502 24.56 -23.68 -18.71
N THR A 503 23.72 -22.86 -19.30
CA THR A 503 24.10 -21.59 -19.89
C THR A 503 23.28 -20.52 -19.16
N PRO A 504 23.58 -19.23 -19.39
CA PRO A 504 22.72 -18.24 -18.74
C PRO A 504 21.24 -18.45 -19.10
N ARG A 505 20.97 -18.75 -20.36
CA ARG A 505 19.61 -18.96 -20.79
C ARG A 505 18.95 -20.17 -20.14
N THR A 506 19.62 -21.33 -20.15
CA THR A 506 18.99 -22.50 -19.52
C THR A 506 18.88 -22.36 -18.01
N LEU A 507 19.81 -21.65 -17.38
CA LEU A 507 19.69 -21.41 -15.95
C LEU A 507 18.45 -20.53 -15.69
N GLY A 508 18.25 -19.51 -16.54
CA GLY A 508 17.06 -18.68 -16.43
C GLY A 508 15.80 -19.51 -16.59
N ASN A 509 15.80 -20.41 -17.56
CA ASN A 509 14.67 -21.31 -17.76
C ASN A 509 14.39 -22.07 -16.46
N LEU A 510 15.42 -22.67 -15.86
CA LEU A 510 15.27 -23.51 -14.67
C LEU A 510 14.81 -22.75 -13.44
N ILE A 511 15.39 -21.58 -13.21
CA ILE A 511 14.99 -20.83 -12.03
C ILE A 511 13.51 -20.41 -12.15
N ALA A 512 13.14 -19.88 -13.32
CA ALA A 512 11.75 -19.47 -13.55
C ALA A 512 10.79 -20.66 -13.44
N MET A 513 11.22 -21.82 -13.89
CA MET A 513 10.39 -23.03 -13.85
C MET A 513 9.99 -23.31 -12.40
N TYR A 514 10.99 -23.30 -11.51
CA TYR A 514 10.73 -23.54 -10.10
C TYR A 514 9.94 -22.41 -9.48
N GLU A 515 10.23 -21.15 -9.84
CA GLU A 515 9.41 -20.03 -9.34
C GLU A 515 7.93 -20.31 -9.64
N HIS A 516 7.63 -20.73 -10.85
CA HIS A 516 6.23 -20.99 -11.21
C HIS A 516 5.67 -22.21 -10.53
N LYS A 517 6.49 -23.25 -10.33
CA LYS A 517 6.03 -24.42 -9.58
C LYS A 517 5.55 -23.97 -8.20
N ILE A 518 6.38 -23.14 -7.55
CA ILE A 518 6.07 -22.59 -6.23
C ILE A 518 4.76 -21.80 -6.25
N PHE A 519 4.59 -20.97 -7.27
CA PHE A 519 3.36 -20.18 -7.42
C PHE A 519 2.15 -21.09 -7.53
N VAL A 520 2.24 -22.10 -8.39
CA VAL A 520 1.12 -23.02 -8.56
C VAL A 520 0.74 -23.70 -7.27
N GLN A 521 1.72 -24.18 -6.53
CA GLN A 521 1.45 -24.85 -5.27
C GLN A 521 0.76 -23.91 -4.29
N GLY A 522 1.24 -22.66 -4.20
CA GLY A 522 0.60 -21.68 -3.31
C GLY A 522 -0.83 -21.34 -3.71
N VAL A 523 -1.10 -21.31 -5.02
CA VAL A 523 -2.45 -21.06 -5.47
C VAL A 523 -3.36 -22.21 -4.99
N ILE A 524 -2.96 -23.44 -5.30
CA ILE A 524 -3.79 -24.61 -4.98
C ILE A 524 -3.97 -24.77 -3.46
N TRP A 525 -2.89 -24.53 -2.69
CA TRP A 525 -2.95 -24.62 -1.23
C TRP A 525 -3.70 -23.45 -0.60
N ASN A 526 -4.14 -22.49 -1.41
CA ASN A 526 -4.92 -21.38 -0.89
C ASN A 526 -4.16 -20.58 0.16
N ILE A 527 -2.88 -20.35 -0.08
CA ILE A 527 -2.06 -19.54 0.82
C ILE A 527 -1.48 -18.34 0.08
N PHE A 528 -0.80 -17.46 0.82
CA PHE A 528 -0.16 -16.29 0.23
C PHE A 528 1.32 -16.56 0.09
N SER A 529 1.79 -16.71 -1.13
CA SER A 529 3.20 -17.10 -1.38
C SER A 529 4.19 -15.95 -1.35
N PHE A 530 3.71 -14.71 -1.31
CA PHE A 530 4.57 -13.57 -1.55
C PHE A 530 4.83 -12.65 -0.37
N ASP A 531 4.27 -13.00 0.79
CA ASP A 531 4.53 -12.27 2.04
C ASP A 531 5.45 -13.11 2.94
N GLN A 532 5.80 -12.60 4.11
CA GLN A 532 6.70 -13.31 5.01
C GLN A 532 6.57 -12.73 6.41
N TRP A 533 5.36 -12.78 6.93
CA TRP A 533 5.11 -12.26 8.27
C TRP A 533 5.82 -13.05 9.36
N GLY A 534 6.25 -14.27 9.02
CA GLY A 534 6.93 -15.14 9.97
C GLY A 534 8.34 -14.71 10.32
N VAL A 535 8.84 -13.65 9.71
CA VAL A 535 10.16 -13.15 10.04
C VAL A 535 10.14 -12.12 11.17
N GLU A 536 8.96 -11.60 11.51
CA GLU A 536 8.87 -10.46 12.43
C GLU A 536 9.16 -10.72 13.90
N LEU A 537 8.71 -11.85 14.43
CA LEU A 537 8.86 -12.08 15.87
C LEU A 537 10.33 -12.18 16.29
N GLY A 538 11.11 -12.95 15.54
CA GLY A 538 12.52 -13.10 15.85
C GLY A 538 13.25 -11.76 15.82
N LYS A 539 12.90 -10.90 14.87
CA LYS A 539 13.52 -9.58 14.79
C LYS A 539 13.18 -8.74 16.02
N GLN A 540 11.91 -8.74 16.40
N GLN A 540 11.91 -8.71 16.41
CA GLN A 540 11.45 -7.97 17.57
CA GLN A 540 11.49 -7.91 17.57
C GLN A 540 12.19 -8.45 18.81
C GLN A 540 12.19 -8.43 18.84
N LEU A 541 12.24 -9.75 19.02
CA LEU A 541 12.88 -10.30 20.21
C LEU A 541 14.40 -10.04 20.21
N ALA A 542 15.03 -10.08 19.04
CA ALA A 542 16.47 -9.78 18.98
C ALA A 542 16.74 -8.32 19.32
N ASN A 543 15.84 -7.42 18.91
CA ASN A 543 15.98 -6.00 19.23
C ASN A 543 15.94 -5.78 20.73
N GLN A 544 15.11 -6.56 21.43
CA GLN A 544 15.01 -6.46 22.88
C GLN A 544 16.24 -7.03 23.60
N ILE A 545 16.81 -8.08 23.05
CA ILE A 545 17.98 -8.72 23.65
C ILE A 545 19.28 -8.00 23.40
N LEU A 546 19.44 -7.38 22.24
CA LEU A 546 20.72 -6.75 21.91
C LEU A 546 21.28 -5.81 23.01
N PRO A 547 20.47 -4.84 23.50
CA PRO A 547 21.03 -3.97 24.54
C PRO A 547 21.39 -4.68 25.84
N GLU A 548 20.75 -5.81 26.12
CA GLU A 548 21.04 -6.59 27.30
C GLU A 548 22.38 -7.30 27.24
N LEU A 549 22.94 -7.43 26.04
CA LEU A 549 24.23 -8.11 25.86
C LEU A 549 25.44 -7.20 26.01
N ALA A 550 25.21 -5.89 26.10
CA ALA A 550 26.30 -4.93 26.20
C ALA A 550 27.08 -4.99 27.53
N ASP A 551 26.37 -5.10 28.65
CA ASP A 551 27.04 -5.13 29.97
C ASP A 551 27.19 -6.53 30.57
N SER A 552 27.77 -6.60 31.76
CA SER A 552 28.01 -7.88 32.43
C SER A 552 26.89 -8.28 33.42
N ALA A 553 25.89 -7.42 33.57
CA ALA A 553 24.79 -7.62 34.50
C ALA A 553 23.90 -8.84 34.18
N ALA A 554 23.45 -9.51 35.24
CA ALA A 554 22.59 -10.67 35.10
C ALA A 554 21.28 -10.26 34.48
N VAL A 555 20.78 -11.12 33.61
CA VAL A 555 19.53 -10.91 32.92
C VAL A 555 18.45 -11.80 33.53
N THR A 556 17.30 -11.21 33.85
CA THR A 556 16.17 -11.95 34.44
C THR A 556 14.86 -11.63 33.73
N SER A 557 14.92 -10.90 32.62
CA SER A 557 13.72 -10.40 31.93
C SER A 557 12.97 -11.36 31.02
N HIS A 558 13.50 -12.54 30.82
CA HIS A 558 12.88 -13.52 29.94
C HIS A 558 12.49 -14.77 30.69
N ASP A 559 12.18 -15.81 29.95
CA ASP A 559 11.94 -17.15 30.49
C ASP A 559 13.26 -17.70 31.02
N SER A 560 13.21 -18.77 31.80
CA SER A 560 14.44 -19.28 32.45
C SER A 560 15.47 -19.78 31.48
N SER A 561 15.07 -20.27 30.32
CA SER A 561 16.06 -20.75 29.33
C SER A 561 16.82 -19.58 28.69
N THR A 562 16.08 -18.61 28.18
CA THR A 562 16.70 -17.43 27.58
C THR A 562 17.59 -16.73 28.62
N ASN A 563 17.08 -16.57 29.84
CA ASN A 563 17.91 -15.95 30.88
C ASN A 563 19.18 -16.78 31.12
N GLY A 564 18.99 -18.10 31.22
CA GLY A 564 20.11 -19.00 31.51
C GLY A 564 21.17 -18.98 30.42
N LEU A 565 20.74 -18.97 29.17
CA LEU A 565 21.65 -18.92 28.06
C LEU A 565 22.42 -17.59 28.02
N ILE A 566 21.70 -16.49 28.20
CA ILE A 566 22.35 -15.17 28.19
C ILE A 566 23.34 -15.06 29.34
N ASN A 567 22.94 -15.53 30.52
CA ASN A 567 23.85 -15.44 31.66
C ASN A 567 25.08 -16.32 31.49
N ALA A 568 24.91 -17.48 30.88
CA ALA A 568 26.05 -18.38 30.61
C ALA A 568 26.98 -17.75 29.59
N PHE A 569 26.39 -17.07 28.61
CA PHE A 569 27.15 -16.32 27.62
C PHE A 569 28.01 -15.24 28.27
N LYS A 570 27.41 -14.48 29.17
CA LYS A 570 28.15 -13.43 29.87
C LYS A 570 29.28 -13.99 30.71
N ALA A 571 29.05 -15.14 31.33
CA ALA A 571 30.10 -15.79 32.13
C ALA A 571 31.24 -16.28 31.25
N PHE A 572 30.90 -16.84 30.09
CA PHE A 572 31.93 -17.34 29.19
C PHE A 572 32.82 -16.24 28.61
N ARG A 573 32.27 -15.06 28.37
N ARG A 573 32.23 -15.07 28.36
CA ARG A 573 33.07 -14.00 27.78
CA ARG A 573 32.95 -13.90 27.84
C ARG A 573 33.90 -13.26 28.85
C ARG A 573 33.92 -13.32 28.86
N ALA A 574 33.56 -13.46 30.12
CA ALA A 574 34.33 -12.89 31.23
C ALA A 574 35.63 -13.68 31.44
N ALA B 24 26.88 -62.16 22.69
CA ALA B 24 27.22 -60.77 22.29
C ALA B 24 26.63 -59.77 23.29
N MET B 25 27.39 -58.73 23.61
N MET B 25 27.39 -58.73 23.60
CA MET B 25 26.90 -57.70 24.52
CA MET B 25 26.94 -57.68 24.52
C MET B 25 25.85 -56.84 23.84
C MET B 25 25.87 -56.83 23.84
N LEU B 26 25.99 -56.65 22.53
CA LEU B 26 24.99 -55.88 21.78
C LEU B 26 23.74 -56.78 21.66
N LYS B 27 22.61 -56.30 22.19
CA LYS B 27 21.35 -57.03 22.10
C LYS B 27 20.57 -56.52 20.88
N ASN B 28 19.49 -57.23 20.54
CA ASN B 28 18.64 -56.91 19.39
C ASN B 28 17.18 -56.77 19.79
N ILE B 29 16.93 -55.92 20.76
CA ILE B 29 15.60 -55.73 21.29
C ILE B 29 14.73 -54.84 20.37
N ASN B 30 13.55 -55.33 19.98
CA ASN B 30 12.63 -54.57 19.15
C ASN B 30 12.03 -53.50 20.07
N PRO B 31 12.32 -52.22 19.80
CA PRO B 31 11.83 -51.21 20.72
C PRO B 31 10.33 -51.15 20.85
N THR B 32 9.60 -51.54 19.80
CA THR B 32 8.14 -51.39 19.84
C THR B 32 7.48 -52.40 20.75
N GLN B 33 8.25 -53.41 21.16
N GLN B 33 8.20 -53.43 21.17
CA GLN B 33 7.75 -54.47 22.03
CA GLN B 33 7.62 -54.42 22.05
C GLN B 33 8.04 -54.20 23.50
C GLN B 33 7.92 -54.14 23.53
N THR B 34 8.70 -53.09 23.80
CA THR B 34 9.05 -52.77 25.17
C THR B 34 7.93 -52.06 25.91
N GLN B 35 7.94 -52.19 27.23
N GLN B 35 7.91 -52.20 27.24
CA GLN B 35 6.97 -51.50 28.08
CA GLN B 35 6.93 -51.48 28.03
C GLN B 35 7.12 -49.98 27.94
C GLN B 35 7.12 -49.97 27.92
N ALA B 36 8.37 -49.51 27.82
CA ALA B 36 8.64 -48.08 27.72
C ALA B 36 8.03 -47.47 26.46
N TRP B 37 8.12 -48.19 25.35
CA TRP B 37 7.58 -47.69 24.07
C TRP B 37 6.08 -47.59 24.18
N LYS B 38 5.45 -48.60 24.78
CA LYS B 38 4.00 -48.58 24.97
C LYS B 38 3.60 -47.39 25.88
N ALA B 39 4.44 -47.12 26.89
CA ALA B 39 4.19 -45.98 27.78
C ALA B 39 4.34 -44.68 27.00
N LEU B 40 5.31 -44.59 26.10
CA LEU B 40 5.50 -43.39 25.29
C LEU B 40 4.30 -43.16 24.36
N THR B 41 3.77 -44.22 23.78
CA THR B 41 2.58 -44.15 22.92
C THR B 41 1.41 -43.59 23.73
N ALA B 42 1.20 -44.12 24.94
CA ALA B 42 0.11 -43.61 25.79
C ALA B 42 0.31 -42.16 26.19
N HIS B 43 1.55 -41.81 26.51
CA HIS B 43 1.90 -40.44 26.89
C HIS B 43 1.70 -39.50 25.74
N PHE B 44 2.08 -39.89 24.53
CA PHE B 44 1.86 -39.01 23.39
C PHE B 44 0.37 -38.74 23.17
N GLU B 45 -0.45 -39.78 23.28
CA GLU B 45 -1.87 -39.59 23.08
C GLU B 45 -2.47 -38.56 24.03
N SER B 46 -2.03 -38.61 25.29
CA SER B 46 -2.61 -37.78 26.35
C SER B 46 -1.94 -36.45 26.58
N ALA B 47 -0.74 -36.26 26.03
CA ALA B 47 0.06 -35.04 26.26
C ALA B 47 0.71 -34.41 25.01
N GLN B 48 0.32 -34.85 23.81
CA GLN B 48 0.88 -34.31 22.54
C GLN B 48 0.70 -32.79 22.38
N ASP B 49 -0.27 -32.20 23.08
CA ASP B 49 -0.49 -30.75 23.00
C ASP B 49 0.28 -29.95 24.05
N MET B 50 1.24 -30.61 24.68
CA MET B 50 2.12 -29.96 25.66
C MET B 50 2.61 -28.63 25.08
N ASP B 51 2.57 -27.59 25.91
CA ASP B 51 2.86 -26.21 25.49
C ASP B 51 4.03 -25.64 26.29
N LEU B 52 5.03 -25.15 25.57
CA LEU B 52 6.22 -24.61 26.20
C LEU B 52 5.97 -23.42 27.11
N LYS B 53 5.09 -22.50 26.72
CA LYS B 53 4.81 -21.34 27.56
C LYS B 53 4.33 -21.80 28.95
N ALA B 54 3.42 -22.79 28.96
CA ALA B 54 2.91 -23.33 30.21
C ALA B 54 3.99 -24.08 31.00
N LEU B 55 4.83 -24.87 30.33
CA LEU B 55 5.88 -25.61 31.01
C LEU B 55 6.84 -24.66 31.75
N PHE B 56 7.21 -23.56 31.11
CA PHE B 56 8.10 -22.59 31.75
C PHE B 56 7.39 -21.78 32.85
N ALA B 57 6.13 -21.44 32.62
CA ALA B 57 5.37 -20.66 33.61
C ALA B 57 5.21 -21.42 34.92
N GLN B 58 5.05 -22.74 34.81
CA GLN B 58 4.75 -23.59 35.96
C GLN B 58 5.95 -24.11 36.72
N ASP B 59 7.16 -23.89 36.21
CA ASP B 59 8.36 -24.37 36.88
C ASP B 59 9.51 -23.41 36.64
N SER B 60 9.81 -22.56 37.63
CA SER B 60 10.88 -21.59 37.50
C SER B 60 12.27 -22.23 37.38
N GLU B 61 12.39 -23.51 37.72
CA GLU B 61 13.65 -24.24 37.61
C GLU B 61 13.77 -25.07 36.35
N ARG B 62 12.92 -24.81 35.37
CA ARG B 62 12.95 -25.63 34.17
C ARG B 62 14.30 -25.62 33.44
N PHE B 63 14.88 -24.44 33.23
CA PHE B 63 16.18 -24.40 32.59
C PHE B 63 17.19 -25.20 33.40
N ALA B 64 17.21 -25.01 34.71
CA ALA B 64 18.19 -25.70 35.56
C ALA B 64 18.04 -27.23 35.47
N LYS B 65 16.81 -27.70 35.38
CA LYS B 65 16.52 -29.12 35.33
C LYS B 65 16.71 -29.77 33.97
N TYR B 66 16.62 -28.98 32.90
CA TYR B 66 16.73 -29.49 31.55
C TYR B 66 17.92 -28.91 30.80
N SER B 67 19.06 -28.88 31.50
CA SER B 67 20.29 -28.43 30.90
C SER B 67 21.45 -29.20 31.53
N ALA B 68 22.54 -29.30 30.79
CA ALA B 68 23.71 -30.03 31.24
C ALA B 68 24.95 -29.26 30.84
N ARG B 69 25.97 -29.35 31.68
CA ARG B 69 27.24 -28.72 31.42
C ARG B 69 28.24 -29.82 31.08
N PHE B 70 29.05 -29.59 30.07
CA PHE B 70 30.11 -30.49 29.72
C PHE B 70 31.45 -29.76 29.87
N GLY B 71 32.30 -30.25 30.76
CA GLY B 71 33.53 -29.57 31.04
C GLY B 71 33.30 -28.14 31.50
N GLN B 72 34.28 -27.29 31.23
CA GLN B 72 34.17 -25.90 31.61
C GLN B 72 33.62 -25.01 30.50
N ASP B 73 33.57 -25.55 29.28
CA ASP B 73 33.31 -24.70 28.13
C ASP B 73 32.05 -24.96 27.31
N ILE B 74 31.19 -25.90 27.72
CA ILE B 74 29.97 -26.19 26.95
C ILE B 74 28.74 -26.31 27.85
N LEU B 75 27.67 -25.65 27.39
CA LEU B 75 26.35 -25.74 27.99
C LEU B 75 25.39 -26.29 26.94
N VAL B 76 24.68 -27.37 27.27
CA VAL B 76 23.65 -27.95 26.41
C VAL B 76 22.31 -27.73 27.09
N ASP B 77 21.51 -26.83 26.52
CA ASP B 77 20.20 -26.49 27.04
C ASP B 77 19.14 -27.21 26.22
N TYR B 78 18.46 -28.17 26.82
CA TYR B 78 17.41 -28.93 26.14
C TYR B 78 16.05 -28.64 26.75
N SER B 79 15.93 -27.48 27.41
CA SER B 79 14.70 -27.11 28.09
C SER B 79 13.57 -26.65 27.17
N LYS B 80 13.90 -26.16 25.97
CA LYS B 80 12.88 -25.71 25.02
C LYS B 80 12.40 -26.84 24.12
N ASN B 81 12.26 -28.01 24.71
CA ASN B 81 11.75 -29.19 24.04
C ASN B 81 10.38 -29.54 24.59
N LEU B 82 9.58 -30.22 23.76
CA LEU B 82 8.21 -30.61 24.13
C LEU B 82 8.25 -31.89 24.96
N VAL B 83 8.90 -31.77 26.13
CA VAL B 83 9.08 -32.86 27.06
C VAL B 83 8.82 -32.37 28.48
N ASN B 84 8.28 -33.26 29.30
CA ASN B 84 8.10 -32.98 30.71
C ASN B 84 8.71 -34.12 31.52
N ALA B 85 8.54 -34.10 32.83
CA ALA B 85 9.19 -35.12 33.66
C ALA B 85 8.75 -36.51 33.26
N GLU B 86 7.49 -36.66 32.90
CA GLU B 86 6.98 -37.97 32.45
C GLU B 86 7.66 -38.40 31.16
N THR B 87 7.77 -37.50 30.19
CA THR B 87 8.40 -37.87 28.93
C THR B 87 9.81 -38.38 29.17
N MET B 88 10.58 -37.66 29.98
CA MET B 88 11.96 -38.04 30.23
C MET B 88 12.04 -39.37 30.95
N GLN B 89 11.15 -39.59 31.91
CA GLN B 89 11.12 -40.86 32.63
C GLN B 89 10.92 -42.03 31.66
N HIS B 90 9.95 -41.90 30.76
CA HIS B 90 9.69 -42.99 29.82
C HIS B 90 10.84 -43.16 28.83
N LEU B 91 11.45 -42.05 28.41
CA LEU B 91 12.56 -42.12 27.46
C LEU B 91 13.78 -42.83 28.08
N PHE B 92 14.13 -42.47 29.32
CA PHE B 92 15.26 -43.15 29.98
C PHE B 92 14.93 -44.62 30.19
N ALA B 93 13.67 -44.93 30.50
CA ALA B 93 13.24 -46.31 30.66
C ALA B 93 13.43 -47.09 29.34
N LEU B 94 13.19 -46.43 28.21
CA LEU B 94 13.40 -47.06 26.91
C LEU B 94 14.86 -47.42 26.69
N ALA B 95 15.76 -46.50 27.05
CA ALA B 95 17.21 -46.74 26.93
C ALA B 95 17.62 -47.97 27.76
N LYS B 96 17.08 -48.07 28.98
N LYS B 96 17.10 -48.08 28.97
CA LYS B 96 17.38 -49.18 29.87
CA LYS B 96 17.46 -49.21 29.83
C LYS B 96 16.83 -50.49 29.32
C LYS B 96 16.81 -50.53 29.36
N GLU B 97 15.58 -50.45 28.86
CA GLU B 97 14.90 -51.66 28.38
C GLU B 97 15.50 -52.22 27.09
N THR B 98 16.22 -51.40 26.34
CA THR B 98 16.89 -51.87 25.12
C THR B 98 18.36 -52.23 25.40
N ASP B 99 18.75 -52.21 26.67
CA ASP B 99 20.10 -52.55 27.09
C ASP B 99 21.18 -51.72 26.38
N LEU B 100 20.95 -50.42 26.39
CA LEU B 100 21.88 -49.47 25.81
C LEU B 100 23.25 -49.54 26.47
N GLN B 101 23.32 -49.68 27.78
CA GLN B 101 24.63 -49.72 28.42
C GLN B 101 25.50 -50.88 27.90
N SER B 102 24.89 -52.04 27.67
N SER B 102 24.91 -52.05 27.68
CA SER B 102 25.61 -53.20 27.18
CA SER B 102 25.68 -53.19 27.18
C SER B 102 26.18 -52.92 25.78
C SER B 102 26.21 -52.88 25.78
N ALA B 103 25.41 -52.19 24.98
CA ALA B 103 25.83 -51.83 23.64
C ALA B 103 27.01 -50.87 23.64
N ILE B 104 26.98 -49.88 24.52
CA ILE B 104 28.05 -48.92 24.66
C ILE B 104 29.33 -49.68 25.00
N THR B 105 29.24 -50.56 26.00
CA THR B 105 30.40 -51.36 26.40
C THR B 105 30.93 -52.18 25.23
N ALA B 106 30.03 -52.80 24.46
CA ALA B 106 30.42 -53.64 23.33
C ALA B 106 31.22 -52.85 22.29
N MET B 107 30.75 -51.64 21.96
CA MET B 107 31.47 -50.83 20.99
C MET B 107 32.89 -50.52 21.46
N PHE B 108 32.99 -49.98 22.68
CA PHE B 108 34.27 -49.53 23.20
C PHE B 108 35.27 -50.64 23.39
N LYS B 109 34.80 -51.83 23.72
CA LYS B 109 35.71 -52.96 23.95
C LYS B 109 36.17 -53.70 22.69
N GLY B 110 35.65 -53.33 21.53
CA GLY B 110 36.09 -53.97 20.30
C GLY B 110 35.27 -55.14 19.81
N GLU B 111 34.08 -55.35 20.38
CA GLU B 111 33.19 -56.39 19.91
C GLU B 111 32.82 -56.07 18.46
N ALA B 112 32.65 -57.11 17.65
CA ALA B 112 32.34 -56.93 16.22
C ALA B 112 30.87 -56.59 16.03
N ILE B 113 30.47 -55.42 16.50
CA ILE B 113 29.07 -55.00 16.46
C ILE B 113 28.54 -54.69 15.06
N ASN B 114 29.45 -54.49 14.09
CA ASN B 114 29.08 -54.32 12.69
C ASN B 114 29.00 -55.78 12.20
N GLN B 115 27.87 -56.41 12.49
CA GLN B 115 27.72 -57.82 12.25
C GLN B 115 27.58 -58.22 10.80
N THR B 116 27.00 -57.35 9.98
CA THR B 116 26.81 -57.75 8.58
C THR B 116 28.12 -57.83 7.81
N GLU B 117 29.11 -57.06 8.27
CA GLU B 117 30.45 -57.10 7.68
C GLU B 117 31.47 -57.79 8.61
N ASP B 118 30.99 -58.22 9.77
CA ASP B 118 31.80 -58.87 10.83
C ASP B 118 33.05 -58.02 11.17
N ARG B 119 32.80 -56.81 11.65
CA ARG B 119 33.86 -55.89 12.01
C ARG B 119 33.57 -55.18 13.31
N ALA B 120 34.63 -54.81 14.00
CA ALA B 120 34.57 -53.94 15.16
C ALA B 120 34.27 -52.53 14.64
N VAL B 121 33.94 -51.63 15.59
CA VAL B 121 33.59 -50.23 15.31
C VAL B 121 34.39 -49.44 16.33
N LEU B 122 35.57 -48.98 15.91
CA LEU B 122 36.56 -48.43 16.83
C LEU B 122 37.14 -47.06 16.49
N HIS B 123 36.29 -46.18 15.94
CA HIS B 123 36.72 -44.79 15.79
C HIS B 123 37.13 -44.22 17.16
N THR B 124 36.54 -44.71 18.24
CA THR B 124 36.92 -44.25 19.57
C THR B 124 38.39 -44.58 19.90
N ALA B 125 38.93 -45.69 19.36
CA ALA B 125 40.31 -46.04 19.61
C ALA B 125 41.25 -45.05 18.94
N LEU B 126 40.80 -44.49 17.81
CA LEU B 126 41.64 -43.55 17.06
C LEU B 126 42.04 -42.33 17.88
N ARG B 127 41.19 -41.94 18.81
CA ARG B 127 41.42 -40.75 19.65
C ARG B 127 41.59 -41.11 21.11
N ASN B 128 41.94 -42.37 21.37
CA ASN B 128 42.13 -42.85 22.74
C ASN B 128 43.45 -42.36 23.30
N ARG B 129 43.46 -41.10 23.74
CA ARG B 129 44.67 -40.46 24.25
C ARG B 129 45.21 -41.11 25.51
N SER B 130 44.34 -41.78 26.25
N SER B 130 44.34 -41.76 26.27
CA SER B 130 44.70 -42.46 27.49
CA SER B 130 44.75 -42.42 27.50
C SER B 130 45.63 -43.63 27.21
C SER B 130 45.61 -43.67 27.22
N ASN B 131 45.53 -44.17 26.00
CA ASN B 131 46.32 -45.34 25.57
C ASN B 131 46.04 -46.64 26.31
N SER B 132 44.89 -46.71 26.96
CA SER B 132 44.46 -47.94 27.58
C SER B 132 44.28 -48.94 26.43
N PRO B 133 44.65 -50.21 26.63
CA PRO B 133 44.53 -51.15 25.52
C PRO B 133 43.11 -51.31 24.97
N VAL B 134 43.02 -51.49 23.67
CA VAL B 134 41.73 -51.74 22.99
C VAL B 134 42.02 -52.99 22.18
N LEU B 135 41.38 -54.09 22.55
CA LEU B 135 41.67 -55.37 21.93
C LEU B 135 40.73 -55.76 20.81
N VAL B 136 41.32 -56.27 19.74
CA VAL B 136 40.58 -56.83 18.62
C VAL B 136 41.22 -58.20 18.41
N ASN B 137 40.43 -59.25 18.59
CA ASN B 137 40.92 -60.63 18.49
C ASN B 137 42.10 -60.86 19.43
N GLY B 138 41.99 -60.28 20.63
CA GLY B 138 42.99 -60.43 21.67
C GLY B 138 44.29 -59.64 21.53
N GLU B 139 44.36 -58.75 20.53
N GLU B 139 44.37 -58.75 20.54
CA GLU B 139 45.56 -57.94 20.31
CA GLU B 139 45.58 -57.95 20.33
C GLU B 139 45.23 -56.45 20.41
C GLU B 139 45.25 -56.45 20.38
N ASP B 140 46.06 -55.71 21.15
CA ASP B 140 45.88 -54.28 21.31
C ASP B 140 46.12 -53.55 19.99
N VAL B 141 45.16 -52.72 19.60
CA VAL B 141 45.29 -51.95 18.37
C VAL B 141 45.98 -50.59 18.60
N MET B 142 46.19 -50.18 19.85
CA MET B 142 46.76 -48.85 20.09
C MET B 142 48.16 -48.64 19.51
N PRO B 143 49.05 -49.65 19.56
CA PRO B 143 50.36 -49.39 18.96
C PRO B 143 50.26 -49.04 17.46
N ALA B 144 49.37 -49.72 16.73
CA ALA B 144 49.19 -49.43 15.31
C ALA B 144 48.60 -48.04 15.10
N VAL B 145 47.62 -47.67 15.92
CA VAL B 145 47.01 -46.32 15.86
C VAL B 145 48.08 -45.26 16.07
N ASN B 146 48.85 -45.42 17.14
CA ASN B 146 49.87 -44.45 17.49
C ASN B 146 51.02 -44.39 16.49
N ALA B 147 51.35 -45.51 15.83
CA ALA B 147 52.42 -45.50 14.84
C ALA B 147 52.01 -44.63 13.65
N VAL B 148 50.75 -44.69 13.23
CA VAL B 148 50.32 -43.85 12.11
C VAL B 148 50.30 -42.39 12.57
N LEU B 149 49.78 -42.11 13.77
CA LEU B 149 49.77 -40.74 14.28
C LEU B 149 51.19 -40.15 14.31
N ALA B 150 52.14 -40.94 14.83
CA ALA B 150 53.53 -40.49 14.93
C ALA B 150 54.13 -40.22 13.56
N LYS B 151 53.80 -41.07 12.60
CA LYS B 151 54.29 -40.93 11.23
C LYS B 151 53.72 -39.66 10.59
N MET B 152 52.45 -39.40 10.85
CA MET B 152 51.81 -38.19 10.30
C MET B 152 52.39 -36.93 10.93
N LYS B 153 52.63 -36.94 12.23
CA LYS B 153 53.24 -35.79 12.88
C LYS B 153 54.58 -35.48 12.22
N ALA B 154 55.44 -36.49 12.10
CA ALA B 154 56.77 -36.30 11.53
C ALA B 154 56.70 -35.78 10.08
N PHE B 155 55.85 -36.40 9.26
CA PHE B 155 55.67 -36.01 7.86
C PHE B 155 55.17 -34.57 7.78
N SER B 156 54.15 -34.24 8.57
CA SER B 156 53.58 -32.91 8.53
C SER B 156 54.62 -31.81 8.87
N GLU B 157 55.53 -32.09 9.79
CA GLU B 157 56.56 -31.11 10.14
C GLU B 157 57.47 -30.81 8.96
N ARG B 158 57.82 -31.84 8.21
N ARG B 158 57.82 -31.86 8.21
CA ARG B 158 58.68 -31.68 7.03
CA ARG B 158 58.67 -31.70 7.04
C ARG B 158 57.95 -30.87 5.96
C ARG B 158 57.96 -30.89 5.95
N VAL B 159 56.67 -31.15 5.76
CA VAL B 159 55.90 -30.45 4.74
C VAL B 159 55.64 -28.98 5.13
N ILE B 160 55.11 -28.77 6.33
CA ILE B 160 54.79 -27.42 6.81
C ILE B 160 56.04 -26.56 6.95
N GLY B 161 57.11 -27.15 7.48
CA GLY B 161 58.36 -26.45 7.73
C GLY B 161 59.22 -26.15 6.52
N GLY B 162 58.91 -26.76 5.39
CA GLY B 162 59.66 -26.52 4.16
C GLY B 162 60.80 -27.48 3.85
N GLU B 163 61.09 -28.41 4.73
N GLU B 163 61.06 -28.42 4.75
CA GLU B 163 62.16 -29.40 4.49
CA GLU B 163 62.12 -29.40 4.56
C GLU B 163 61.80 -30.38 3.38
C GLU B 163 61.80 -30.37 3.41
N TRP B 164 60.52 -30.69 3.24
CA TRP B 164 60.06 -31.57 2.16
C TRP B 164 60.03 -30.72 0.91
N LYS B 165 60.84 -31.07 -0.06
CA LYS B 165 60.91 -30.29 -1.30
C LYS B 165 60.22 -30.99 -2.45
N GLY B 166 59.64 -30.19 -3.34
CA GLY B 166 59.09 -30.70 -4.58
C GLY B 166 60.21 -31.07 -5.55
N PHE B 167 59.83 -31.56 -6.74
CA PHE B 167 60.79 -32.09 -7.71
C PHE B 167 61.77 -31.07 -8.25
N THR B 168 61.47 -29.79 -8.10
CA THR B 168 62.39 -28.72 -8.52
C THR B 168 63.08 -28.04 -7.33
N GLY B 169 62.92 -28.61 -6.13
CA GLY B 169 63.59 -28.10 -4.93
C GLY B 169 62.87 -27.05 -4.12
N LYS B 170 61.59 -26.83 -4.39
CA LYS B 170 60.83 -25.81 -3.70
C LYS B 170 59.97 -26.38 -2.60
N ALA B 171 59.73 -25.56 -1.58
CA ALA B 171 58.84 -25.95 -0.49
C ALA B 171 57.39 -26.02 -0.99
N ILE B 172 56.62 -26.87 -0.36
CA ILE B 172 55.21 -27.03 -0.69
C ILE B 172 54.41 -25.83 -0.20
N THR B 173 53.49 -25.36 -1.03
CA THR B 173 52.61 -24.24 -0.68
C THR B 173 51.13 -24.63 -0.68
N ASP B 174 50.78 -25.70 -1.39
CA ASP B 174 49.42 -26.13 -1.53
C ASP B 174 49.29 -27.63 -1.34
N VAL B 175 48.21 -28.01 -0.65
CA VAL B 175 47.86 -29.40 -0.44
C VAL B 175 46.47 -29.63 -1.04
N VAL B 176 46.33 -30.68 -1.86
CA VAL B 176 45.04 -31.02 -2.47
C VAL B 176 44.64 -32.40 -2.00
N ASN B 177 43.56 -32.47 -1.23
CA ASN B 177 43.01 -33.74 -0.78
C ASN B 177 42.05 -34.23 -1.85
N ILE B 178 42.19 -35.49 -2.24
CA ILE B 178 41.30 -36.10 -3.24
C ILE B 178 40.59 -37.24 -2.56
N GLY B 179 39.26 -37.15 -2.45
CA GLY B 179 38.48 -38.18 -1.77
C GLY B 179 37.01 -37.88 -1.87
N ILE B 180 36.19 -38.89 -1.60
CA ILE B 180 34.73 -38.79 -1.64
C ILE B 180 34.15 -39.21 -0.31
N GLY B 181 32.94 -38.71 -0.01
CA GLY B 181 32.25 -39.09 1.20
C GLY B 181 33.08 -38.90 2.43
N GLY B 182 33.30 -40.00 3.14
CA GLY B 182 34.05 -39.98 4.38
C GLY B 182 35.48 -39.48 4.26
N SER B 183 36.03 -39.55 3.06
CA SER B 183 37.40 -39.10 2.84
C SER B 183 37.46 -37.61 2.45
N ASP B 184 36.32 -36.93 2.44
CA ASP B 184 36.24 -35.53 2.06
C ASP B 184 35.49 -34.67 3.08
N LEU B 185 34.28 -35.09 3.46
CA LEU B 185 33.40 -34.23 4.24
C LEU B 185 33.97 -33.79 5.57
N GLY B 186 34.57 -34.73 6.30
CA GLY B 186 35.12 -34.43 7.60
C GLY B 186 36.30 -33.50 7.52
N PRO B 187 37.31 -33.87 6.75
CA PRO B 187 38.45 -32.98 6.64
C PRO B 187 38.10 -31.58 6.12
N TYR B 188 37.19 -31.48 5.15
CA TYR B 188 36.80 -30.17 4.67
C TYR B 188 36.07 -29.38 5.76
N MET B 189 35.10 -30.03 6.42
CA MET B 189 34.37 -29.34 7.45
C MET B 189 35.25 -28.84 8.57
N VAL B 190 36.18 -29.67 9.00
CA VAL B 190 37.03 -29.34 10.15
C VAL B 190 38.02 -28.24 9.79
N THR B 191 38.65 -28.33 8.62
CA THR B 191 39.59 -27.28 8.22
C THR B 191 38.85 -25.94 8.05
N GLU B 192 37.61 -25.98 7.54
CA GLU B 192 36.81 -24.76 7.43
C GLU B 192 36.45 -24.20 8.80
N ALA B 193 36.06 -25.08 9.71
CA ALA B 193 35.67 -24.66 11.06
C ALA B 193 36.82 -24.07 11.86
N LEU B 194 38.04 -24.50 11.53
CA LEU B 194 39.23 -24.13 12.29
C LEU B 194 40.19 -23.22 11.53
N VAL B 195 39.67 -22.47 10.57
CA VAL B 195 40.47 -21.51 9.82
C VAL B 195 41.35 -20.61 10.72
N PRO B 196 40.85 -20.13 11.89
CA PRO B 196 41.73 -19.30 12.73
C PRO B 196 43.03 -19.99 13.16
N TYR B 197 43.02 -21.32 13.13
CA TYR B 197 44.18 -22.14 13.57
C TYR B 197 45.07 -22.62 12.44
N LYS B 198 44.83 -22.15 11.23
CA LYS B 198 45.58 -22.61 10.08
C LYS B 198 46.97 -22.01 10.00
N ASN B 199 47.82 -22.75 9.32
CA ASN B 199 49.17 -22.32 9.00
C ASN B 199 49.21 -21.71 7.57
N HIS B 200 50.41 -21.52 7.04
CA HIS B 200 50.59 -20.87 5.74
C HIS B 200 50.15 -21.68 4.53
N LEU B 201 49.96 -22.98 4.69
CA LEU B 201 49.56 -23.81 3.56
C LEU B 201 48.13 -23.51 3.12
N THR B 202 47.90 -23.64 1.82
CA THR B 202 46.56 -23.51 1.28
C THR B 202 46.12 -24.93 1.00
N VAL B 203 45.01 -25.34 1.61
N VAL B 203 45.01 -25.33 1.62
CA VAL B 203 44.50 -26.69 1.41
CA VAL B 203 44.46 -26.67 1.45
C VAL B 203 43.22 -26.65 0.58
C VAL B 203 43.22 -26.62 0.55
N HIS B 204 43.12 -27.60 -0.35
CA HIS B 204 42.00 -27.70 -1.30
C HIS B 204 41.39 -29.08 -1.20
N PHE B 205 40.08 -29.16 -1.38
CA PHE B 205 39.36 -30.44 -1.32
C PHE B 205 38.65 -30.70 -2.63
N VAL B 206 39.03 -31.78 -3.30
CA VAL B 206 38.41 -32.21 -4.54
C VAL B 206 37.72 -33.54 -4.26
N SER B 207 36.47 -33.63 -4.65
CA SER B 207 35.69 -34.81 -4.35
C SER B 207 34.80 -35.25 -5.51
N ASN B 208 34.13 -34.33 -6.17
CA ASN B 208 33.20 -34.71 -7.22
C ASN B 208 33.93 -35.34 -8.41
N VAL B 209 33.32 -36.34 -9.05
CA VAL B 209 33.89 -36.86 -10.29
C VAL B 209 33.62 -35.85 -11.41
N ASP B 210 32.63 -34.98 -11.25
CA ASP B 210 32.40 -33.91 -12.22
C ASP B 210 33.74 -33.23 -12.44
N GLY B 211 34.19 -33.22 -13.69
CA GLY B 211 35.50 -32.67 -14.07
C GLY B 211 35.73 -31.24 -13.64
N THR B 212 34.65 -30.51 -13.47
CA THR B 212 34.75 -29.14 -12.98
C THR B 212 35.55 -29.06 -11.68
N HIS B 213 35.36 -30.02 -10.79
CA HIS B 213 35.96 -29.90 -9.47
C HIS B 213 37.48 -29.92 -9.54
N MET B 214 38.04 -30.92 -10.19
CA MET B 214 39.47 -30.97 -10.33
C MET B 214 39.98 -29.87 -11.27
N ALA B 215 39.26 -29.60 -12.37
CA ALA B 215 39.70 -28.56 -13.30
C ALA B 215 39.89 -27.20 -12.63
N GLU B 216 38.92 -26.78 -11.83
CA GLU B 216 39.00 -25.49 -11.16
C GLU B 216 40.10 -25.46 -10.11
N THR B 217 40.37 -26.60 -9.48
CA THR B 217 41.43 -26.65 -8.48
C THR B 217 42.80 -26.57 -9.14
N LEU B 218 42.99 -27.32 -10.22
CA LEU B 218 44.28 -27.33 -10.89
C LEU B 218 44.68 -25.99 -11.47
N LYS B 219 43.70 -25.16 -11.83
N LYS B 219 43.72 -25.16 -11.84
CA LYS B 219 43.99 -23.82 -12.34
CA LYS B 219 44.07 -23.83 -12.37
C LYS B 219 44.62 -22.92 -11.27
C LYS B 219 44.52 -22.86 -11.26
N ASN B 220 44.41 -23.28 -10.01
CA ASN B 220 44.86 -22.46 -8.87
C ASN B 220 46.15 -22.94 -8.21
N VAL B 221 46.73 -24.03 -8.70
CA VAL B 221 47.96 -24.57 -8.11
C VAL B 221 49.05 -24.85 -9.13
N ASP B 222 50.28 -25.01 -8.63
N ASP B 222 50.28 -25.00 -8.66
CA ASP B 222 51.50 -25.21 -9.44
CA ASP B 222 51.39 -25.28 -9.54
C ASP B 222 52.11 -26.61 -9.19
C ASP B 222 51.97 -26.65 -9.23
N PRO B 223 52.38 -27.40 -10.26
CA PRO B 223 52.91 -28.75 -10.00
C PRO B 223 54.16 -28.81 -9.10
N GLU B 224 55.03 -27.81 -9.19
N GLU B 224 55.01 -27.79 -9.20
CA GLU B 224 56.27 -27.80 -8.41
CA GLU B 224 56.25 -27.74 -8.45
C GLU B 224 56.07 -27.62 -6.91
C GLU B 224 56.07 -27.58 -6.93
N THR B 225 54.92 -27.07 -6.52
CA THR B 225 54.69 -26.75 -5.11
C THR B 225 53.42 -27.32 -4.49
N THR B 226 52.84 -28.34 -5.13
CA THR B 226 51.60 -28.93 -4.67
C THR B 226 51.79 -30.39 -4.29
N LEU B 227 51.23 -30.74 -3.13
CA LEU B 227 51.20 -32.10 -2.60
C LEU B 227 49.75 -32.60 -2.64
N PHE B 228 49.55 -33.72 -3.30
CA PHE B 228 48.24 -34.36 -3.38
C PHE B 228 48.14 -35.49 -2.38
N LEU B 229 47.00 -35.58 -1.70
CA LEU B 229 46.71 -36.71 -0.83
C LEU B 229 45.58 -37.49 -1.51
N VAL B 230 45.81 -38.75 -1.80
CA VAL B 230 44.80 -39.61 -2.43
C VAL B 230 44.20 -40.46 -1.31
N ALA B 231 42.96 -40.14 -0.94
CA ALA B 231 42.31 -40.74 0.22
C ALA B 231 41.32 -41.79 -0.22
N SER B 232 41.74 -43.06 -0.11
CA SER B 232 40.94 -44.21 -0.53
C SER B 232 41.55 -45.50 0.05
N LYS B 233 40.82 -46.15 0.93
CA LYS B 233 41.28 -47.39 1.58
C LYS B 233 41.70 -48.47 0.58
N THR B 234 40.84 -48.72 -0.41
CA THR B 234 41.08 -49.73 -1.44
C THR B 234 42.01 -49.22 -2.54
N PHE B 235 42.07 -47.91 -2.67
CA PHE B 235 42.82 -47.25 -3.72
C PHE B 235 42.24 -47.66 -5.08
N THR B 236 40.96 -48.01 -5.10
CA THR B 236 40.24 -48.34 -6.33
C THR B 236 38.88 -47.61 -6.45
N THR B 237 38.56 -46.73 -5.47
CA THR B 237 37.32 -45.95 -5.47
C THR B 237 37.27 -45.22 -6.81
N GLN B 238 36.24 -45.46 -7.61
N GLN B 238 36.27 -45.54 -7.63
CA GLN B 238 36.15 -44.87 -8.95
CA GLN B 238 36.17 -45.00 -8.97
C GLN B 238 36.30 -43.34 -9.02
C GLN B 238 36.37 -43.49 -9.12
N GLU B 239 35.46 -42.60 -8.31
N GLU B 239 35.60 -42.68 -8.41
CA GLU B 239 35.55 -41.14 -8.40
CA GLU B 239 35.71 -41.23 -8.56
C GLU B 239 36.95 -40.65 -8.01
C GLU B 239 37.03 -40.67 -8.04
N THR B 240 37.45 -41.15 -6.89
CA THR B 240 38.73 -40.72 -6.35
C THR B 240 39.89 -41.10 -7.25
N MET B 241 39.86 -42.31 -7.79
CA MET B 241 40.97 -42.71 -8.65
C MET B 241 40.92 -41.98 -9.99
N THR B 242 39.73 -41.65 -10.46
CA THR B 242 39.60 -40.86 -11.69
C THR B 242 40.24 -39.49 -11.45
N ASN B 243 39.85 -38.84 -10.35
CA ASN B 243 40.46 -37.57 -9.98
C ASN B 243 41.98 -37.69 -9.78
N ALA B 244 42.43 -38.74 -9.09
CA ALA B 244 43.86 -38.92 -8.83
C ALA B 244 44.65 -39.08 -10.13
N HIS B 245 44.11 -39.84 -11.06
CA HIS B 245 44.78 -40.01 -12.34
C HIS B 245 44.81 -38.73 -13.16
N THR B 246 43.76 -37.92 -13.07
CA THR B 246 43.75 -36.63 -13.76
C THR B 246 44.87 -35.75 -13.16
N ALA B 247 44.99 -35.75 -11.83
CA ALA B 247 46.04 -34.98 -11.16
C ALA B 247 47.43 -35.49 -11.53
N ARG B 248 47.59 -36.81 -11.60
CA ARG B 248 48.88 -37.40 -11.94
C ARG B 248 49.28 -37.02 -13.37
N ASP B 249 48.32 -37.05 -14.29
CA ASP B 249 48.59 -36.68 -15.69
C ASP B 249 49.08 -35.23 -15.76
N TRP B 250 48.38 -34.35 -15.05
CA TRP B 250 48.70 -32.92 -15.01
C TRP B 250 50.09 -32.72 -14.44
N PHE B 251 50.36 -33.43 -13.35
CA PHE B 251 51.66 -33.35 -12.72
C PHE B 251 52.79 -33.80 -13.66
N LEU B 252 52.57 -34.92 -14.35
CA LEU B 252 53.61 -35.47 -15.23
C LEU B 252 53.84 -34.64 -16.48
N LYS B 253 52.85 -33.85 -16.89
N LYS B 253 52.84 -33.85 -16.88
CA LYS B 253 53.05 -32.95 -18.03
CA LYS B 253 53.00 -32.94 -18.00
C LYS B 253 54.18 -31.97 -17.68
C LYS B 253 54.14 -31.96 -17.68
N ALA B 254 54.22 -31.58 -16.40
CA ALA B 254 55.26 -30.67 -15.92
C ALA B 254 56.56 -31.37 -15.51
N ALA B 255 56.45 -32.55 -14.90
CA ALA B 255 57.61 -33.27 -14.32
C ALA B 255 58.25 -34.33 -15.20
N GLY B 256 57.48 -34.96 -16.08
CA GLY B 256 58.01 -35.98 -17.01
C GLY B 256 58.28 -37.36 -16.44
N ASP B 257 59.20 -37.42 -15.48
CA ASP B 257 59.67 -38.66 -14.88
C ASP B 257 58.75 -39.07 -13.73
N GLU B 258 58.15 -40.26 -13.83
N GLU B 258 58.15 -40.26 -13.83
CA GLU B 258 57.26 -40.77 -12.79
CA GLU B 258 57.24 -40.72 -12.78
C GLU B 258 57.94 -40.89 -11.44
C GLU B 258 57.93 -40.88 -11.42
N ALA B 259 59.27 -40.92 -11.40
CA ALA B 259 60.01 -40.97 -10.13
C ALA B 259 59.64 -39.76 -9.25
N HIS B 260 59.31 -38.65 -9.89
CA HIS B 260 58.96 -37.42 -9.16
C HIS B 260 57.60 -37.47 -8.48
N VAL B 261 56.75 -38.42 -8.86
CA VAL B 261 55.43 -38.58 -8.24
C VAL B 261 55.60 -38.76 -6.73
N ALA B 262 56.67 -39.42 -6.32
CA ALA B 262 56.92 -39.68 -4.89
C ALA B 262 57.10 -38.43 -4.03
N LYS B 263 57.44 -37.28 -4.63
CA LYS B 263 57.60 -36.03 -3.89
C LYS B 263 56.30 -35.20 -3.85
N HIS B 264 55.29 -35.65 -4.59
CA HIS B 264 54.06 -34.88 -4.75
C HIS B 264 52.74 -35.58 -4.49
N PHE B 265 52.80 -36.87 -4.16
CA PHE B 265 51.60 -37.65 -3.90
C PHE B 265 51.81 -38.56 -2.71
N ALA B 266 50.83 -38.56 -1.82
CA ALA B 266 50.77 -39.45 -0.66
C ALA B 266 49.41 -40.16 -0.69
N ALA B 267 49.32 -41.27 0.01
CA ALA B 267 48.11 -42.07 0.03
C ALA B 267 47.60 -42.30 1.43
N LEU B 268 46.28 -42.21 1.59
CA LEU B 268 45.61 -42.51 2.87
C LEU B 268 44.86 -43.79 2.46
N SER B 269 45.50 -44.93 2.73
CA SER B 269 45.09 -46.23 2.13
C SER B 269 45.83 -47.40 2.75
N THR B 270 45.40 -48.61 2.42
CA THR B 270 46.11 -49.82 2.86
C THR B 270 46.54 -50.69 1.68
N ASN B 271 46.24 -50.27 0.44
CA ASN B 271 46.60 -51.04 -0.74
C ASN B 271 47.99 -50.64 -1.22
N GLY B 272 49.02 -51.22 -0.59
CA GLY B 272 50.40 -50.89 -0.91
C GLY B 272 50.83 -51.19 -2.32
N LYS B 273 50.33 -52.29 -2.89
CA LYS B 273 50.67 -52.63 -4.27
C LYS B 273 50.16 -51.54 -5.22
N ALA B 274 48.88 -51.20 -5.09
CA ALA B 274 48.28 -50.16 -5.94
C ALA B 274 48.94 -48.79 -5.73
N VAL B 275 49.27 -48.49 -4.48
CA VAL B 275 49.91 -47.24 -4.15
C VAL B 275 51.28 -47.11 -4.78
N ALA B 276 52.07 -48.18 -4.68
CA ALA B 276 53.40 -48.22 -5.30
C ALA B 276 53.28 -48.12 -6.82
N GLU B 277 52.30 -48.80 -7.39
CA GLU B 277 52.09 -48.76 -8.86
C GLU B 277 51.78 -47.35 -9.33
N PHE B 278 51.04 -46.60 -8.51
CA PHE B 278 50.68 -45.21 -8.83
C PHE B 278 51.95 -44.33 -8.83
N GLY B 279 52.96 -44.73 -8.07
CA GLY B 279 54.23 -43.98 -7.98
C GLY B 279 54.50 -43.35 -6.62
N ILE B 280 53.65 -43.68 -5.65
CA ILE B 280 53.77 -43.17 -4.31
C ILE B 280 54.73 -44.06 -3.50
N ASP B 281 55.63 -43.44 -2.74
CA ASP B 281 56.59 -44.15 -1.90
C ASP B 281 55.74 -44.68 -0.75
N THR B 282 55.81 -45.98 -0.46
CA THR B 282 54.94 -46.52 0.61
C THR B 282 55.28 -45.96 2.01
N ASP B 283 56.41 -45.26 2.15
CA ASP B 283 56.70 -44.54 3.38
C ASP B 283 55.66 -43.43 3.56
N ASN B 284 55.04 -43.01 2.45
CA ASN B 284 54.00 -41.99 2.45
C ASN B 284 52.61 -42.58 2.19
N MET B 285 52.44 -43.82 2.62
CA MET B 285 51.13 -44.45 2.68
C MET B 285 50.81 -44.47 4.17
N PHE B 286 49.70 -43.84 4.53
CA PHE B 286 49.24 -43.71 5.91
C PHE B 286 48.02 -44.60 6.04
N GLU B 287 48.14 -45.65 6.83
N GLU B 287 48.14 -45.66 6.83
CA GLU B 287 47.13 -46.67 6.92
CA GLU B 287 47.11 -46.67 6.89
C GLU B 287 46.03 -46.44 7.96
C GLU B 287 46.03 -46.44 7.94
N PHE B 288 44.91 -47.12 7.72
CA PHE B 288 43.81 -47.16 8.66
C PHE B 288 43.25 -48.58 8.59
N TRP B 289 42.17 -48.86 9.31
CA TRP B 289 41.73 -50.24 9.51
C TRP B 289 40.27 -50.45 9.21
N ASP B 290 39.89 -51.71 9.03
CA ASP B 290 38.52 -52.07 8.69
C ASP B 290 37.49 -51.58 9.70
N TRP B 291 37.92 -51.41 10.95
CA TRP B 291 37.05 -50.94 12.03
C TRP B 291 36.91 -49.43 12.11
N VAL B 292 37.47 -48.75 11.11
CA VAL B 292 37.28 -47.32 10.94
C VAL B 292 36.29 -47.11 9.79
N GLY B 293 35.05 -46.77 10.10
CA GLY B 293 34.09 -46.47 9.04
C GLY B 293 34.44 -45.17 8.35
N GLY B 294 34.21 -45.08 7.04
CA GLY B 294 34.50 -43.84 6.31
C GLY B 294 33.94 -42.59 6.94
N ARG B 295 32.67 -42.66 7.35
CA ARG B 295 31.98 -41.53 7.95
C ARG B 295 32.37 -41.25 9.41
N TYR B 296 33.32 -42.05 9.93
CA TYR B 296 33.89 -41.87 11.26
C TYR B 296 35.41 -41.86 11.13
N SER B 297 35.94 -41.46 9.98
CA SER B 297 37.36 -41.59 9.71
C SER B 297 38.25 -40.35 9.81
N LEU B 298 37.70 -39.18 10.06
CA LEU B 298 38.54 -37.97 10.09
C LEU B 298 39.59 -38.03 11.20
N TRP B 299 39.33 -38.89 12.18
CA TRP B 299 40.22 -39.07 13.35
C TRP B 299 41.44 -39.94 13.03
N SER B 300 41.44 -40.60 11.88
CA SER B 300 42.50 -41.51 11.44
C SER B 300 43.43 -40.83 10.45
N ALA B 301 44.19 -41.64 9.71
CA ALA B 301 45.03 -41.16 8.61
C ALA B 301 44.26 -40.26 7.65
N ILE B 302 42.95 -40.49 7.53
CA ILE B 302 42.11 -39.64 6.66
C ILE B 302 42.20 -38.17 7.08
N GLY B 303 42.52 -37.91 8.35
CA GLY B 303 42.68 -36.56 8.84
C GLY B 303 44.01 -35.90 8.49
N LEU B 304 44.84 -36.54 7.65
CA LEU B 304 46.13 -35.93 7.33
C LEU B 304 45.99 -34.51 6.77
N SER B 305 44.98 -34.26 5.94
CA SER B 305 44.79 -32.89 5.43
C SER B 305 44.49 -31.89 6.56
N ILE B 306 43.82 -32.35 7.62
CA ILE B 306 43.58 -31.50 8.79
C ILE B 306 44.93 -31.20 9.45
N ILE B 307 45.74 -32.23 9.67
CA ILE B 307 47.08 -32.06 10.27
C ILE B 307 47.91 -31.11 9.43
N LEU B 308 47.89 -31.26 8.12
CA LEU B 308 48.67 -30.36 7.28
C LEU B 308 48.15 -28.91 7.30
N SER B 309 46.84 -28.72 7.47
CA SER B 309 46.29 -27.36 7.48
C SER B 309 46.47 -26.60 8.79
N ILE B 310 46.27 -27.28 9.91
CA ILE B 310 46.29 -26.66 11.25
C ILE B 310 47.41 -27.15 12.17
N GLY B 311 48.18 -28.14 11.72
CA GLY B 311 49.27 -28.70 12.50
C GLY B 311 48.85 -29.82 13.42
N TYR B 312 49.81 -30.67 13.76
CA TYR B 312 49.55 -31.83 14.61
C TYR B 312 49.15 -31.42 16.02
N ASP B 313 49.69 -30.32 16.57
CA ASP B 313 49.28 -29.89 17.92
C ASP B 313 47.76 -29.68 17.96
N ASN B 314 47.23 -28.96 16.98
CA ASN B 314 45.80 -28.71 16.90
C ASN B 314 45.01 -29.95 16.59
N PHE B 315 45.53 -30.83 15.73
CA PHE B 315 44.84 -32.10 15.47
C PHE B 315 44.71 -32.91 16.76
N VAL B 316 45.77 -32.95 17.57
CA VAL B 316 45.69 -33.64 18.85
C VAL B 316 44.65 -33.03 19.78
N GLU B 317 44.53 -31.70 19.78
CA GLU B 317 43.46 -31.03 20.55
C GLU B 317 42.08 -31.53 20.10
N LEU B 318 41.90 -31.68 18.80
CA LEU B 318 40.64 -32.20 18.23
C LEU B 318 40.41 -33.62 18.74
N LEU B 319 41.42 -34.48 18.65
CA LEU B 319 41.33 -35.87 19.16
C LEU B 319 41.01 -35.87 20.66
N ALA B 320 41.67 -34.99 21.39
CA ALA B 320 41.50 -34.93 22.85
C ALA B 320 40.08 -34.52 23.22
N GLY B 321 39.51 -33.59 22.46
CA GLY B 321 38.13 -33.19 22.70
C GLY B 321 37.17 -34.35 22.45
N ALA B 322 37.39 -35.11 21.38
CA ALA B 322 36.57 -36.28 21.15
C ALA B 322 36.71 -37.28 22.30
N HIS B 323 37.96 -37.47 22.74
CA HIS B 323 38.25 -38.42 23.85
C HIS B 323 37.51 -38.02 25.13
N GLU B 324 37.48 -36.72 25.46
CA GLU B 324 36.77 -36.22 26.65
C GLU B 324 35.29 -36.59 26.54
N MET B 325 34.71 -36.43 25.34
CA MET B 325 33.31 -36.75 25.15
C MET B 325 33.10 -38.28 25.21
N ASP B 326 34.05 -39.05 24.69
CA ASP B 326 33.99 -40.51 24.80
C ASP B 326 33.94 -40.92 26.27
N GLN B 327 34.78 -40.29 27.10
CA GLN B 327 34.81 -40.61 28.52
C GLN B 327 33.47 -40.27 29.18
N HIS B 328 32.91 -39.13 28.82
CA HIS B 328 31.62 -38.72 29.33
C HIS B 328 30.54 -39.74 28.96
N PHE B 329 30.54 -40.15 27.71
CA PHE B 329 29.52 -41.06 27.19
C PHE B 329 29.53 -42.41 27.88
N VAL B 330 30.72 -42.95 28.11
N VAL B 330 30.71 -42.95 28.12
CA VAL B 330 30.87 -44.23 28.79
CA VAL B 330 30.81 -44.27 28.76
C VAL B 330 30.59 -44.18 30.28
C VAL B 330 30.66 -44.22 30.30
N ASN B 331 31.00 -43.09 30.93
CA ASN B 331 30.95 -43.00 32.41
C ASN B 331 29.77 -42.31 33.07
N THR B 332 28.92 -41.66 32.30
CA THR B 332 27.83 -40.89 32.87
C THR B 332 26.46 -41.61 32.89
N PRO B 333 25.76 -41.58 34.05
CA PRO B 333 24.40 -42.14 34.07
C PRO B 333 23.53 -41.44 33.04
N PHE B 334 22.59 -42.18 32.47
CA PHE B 334 21.81 -41.66 31.34
C PHE B 334 21.16 -40.31 31.59
N GLU B 335 20.70 -40.10 32.81
CA GLU B 335 19.99 -38.87 33.15
C GLU B 335 20.83 -37.59 33.01
N SER B 336 22.15 -37.73 32.95
N SER B 336 22.16 -37.74 32.95
CA SER B 336 23.04 -36.59 32.76
CA SER B 336 23.08 -36.61 32.80
C SER B 336 24.02 -36.82 31.61
C SER B 336 24.02 -36.82 31.61
N ASN B 337 23.73 -37.83 30.79
CA ASN B 337 24.57 -38.21 29.65
C ASN B 337 24.09 -37.49 28.41
N ILE B 338 24.86 -36.50 27.97
CA ILE B 338 24.44 -35.63 26.88
C ILE B 338 24.04 -36.34 25.58
N PRO B 339 24.90 -37.21 25.03
CA PRO B 339 24.47 -37.89 23.80
C PRO B 339 23.19 -38.73 23.97
N VAL B 340 23.01 -39.35 25.13
CA VAL B 340 21.82 -40.16 25.37
C VAL B 340 20.58 -39.27 25.43
N ILE B 341 20.69 -38.15 26.15
CA ILE B 341 19.55 -37.23 26.26
C ILE B 341 19.16 -36.71 24.87
N LEU B 342 20.15 -36.26 24.10
CA LEU B 342 19.86 -35.74 22.75
C LEU B 342 19.24 -36.84 21.88
N ALA B 343 19.77 -38.05 21.96
CA ALA B 343 19.26 -39.18 21.17
C ALA B 343 17.79 -39.47 21.50
N LEU B 344 17.47 -39.48 22.79
CA LEU B 344 16.12 -39.81 23.24
C LEU B 344 15.10 -38.73 22.84
N ILE B 345 15.47 -37.48 23.03
CA ILE B 345 14.61 -36.37 22.61
C ILE B 345 14.36 -36.48 21.10
N GLY B 346 15.40 -36.80 20.34
CA GLY B 346 15.26 -37.00 18.90
C GLY B 346 14.28 -38.13 18.56
N ILE B 347 14.35 -39.23 19.29
CA ILE B 347 13.42 -40.35 19.10
C ILE B 347 11.98 -39.92 19.40
N TRP B 348 11.78 -39.13 20.45
CA TRP B 348 10.45 -38.62 20.74
C TRP B 348 9.87 -37.90 19.53
N TYR B 349 10.65 -37.06 18.87
CA TYR B 349 10.13 -36.33 17.72
C TYR B 349 9.97 -37.22 16.49
N ASN B 350 10.97 -38.05 16.25
CA ASN B 350 10.96 -38.92 15.06
C ASN B 350 9.88 -40.00 15.08
N ASN B 351 9.70 -40.64 16.23
CA ASN B 351 8.84 -41.79 16.35
C ASN B 351 7.48 -41.58 16.97
N PHE B 352 7.29 -40.44 17.64
CA PHE B 352 6.02 -40.14 18.29
C PHE B 352 5.34 -38.93 17.67
N HIS B 353 6.08 -37.85 17.52
CA HIS B 353 5.55 -36.68 16.82
C HIS B 353 5.57 -36.83 15.29
N GLY B 354 6.31 -37.80 14.77
CA GLY B 354 6.33 -38.01 13.31
C GLY B 354 7.10 -37.00 12.50
N ALA B 355 8.04 -36.28 13.12
CA ALA B 355 8.86 -35.31 12.40
C ALA B 355 9.89 -36.06 11.57
N GLU B 356 9.99 -35.73 10.29
CA GLU B 356 10.92 -36.43 9.42
C GLU B 356 12.34 -35.89 9.43
N SER B 357 12.54 -34.69 9.95
CA SER B 357 13.85 -34.05 9.82
C SER B 357 14.33 -33.41 11.12
N GLU B 358 15.60 -33.04 11.11
CA GLU B 358 16.25 -32.28 12.19
C GLU B 358 17.12 -31.25 11.50
N ALA B 359 17.05 -30.01 11.93
CA ALA B 359 17.89 -28.94 11.39
C ALA B 359 19.03 -28.67 12.36
N ILE B 360 20.24 -28.48 11.83
CA ILE B 360 21.44 -28.14 12.62
C ILE B 360 21.83 -26.74 12.15
N LEU B 361 21.82 -25.79 13.07
CA LEU B 361 21.94 -24.36 12.76
C LEU B 361 23.03 -23.68 13.60
N PRO B 362 24.28 -23.77 13.14
N PRO B 362 24.30 -23.80 13.16
CA PRO B 362 25.39 -23.12 13.86
CA PRO B 362 25.35 -23.11 13.91
C PRO B 362 25.46 -21.63 13.55
C PRO B 362 25.40 -21.64 13.56
N TYR B 363 25.46 -20.78 14.57
CA TYR B 363 25.56 -19.33 14.39
C TYR B 363 27.05 -19.03 14.35
N ASP B 364 27.66 -19.49 13.27
CA ASP B 364 29.10 -19.45 13.08
C ASP B 364 29.39 -19.78 11.62
N GLN B 365 29.85 -18.78 10.90
CA GLN B 365 30.19 -18.92 9.49
C GLN B 365 31.27 -19.96 9.25
N TYR B 366 32.27 -20.06 10.11
CA TYR B 366 33.30 -21.09 9.91
C TYR B 366 32.71 -22.50 9.90
N LEU B 367 31.62 -22.71 10.64
CA LEU B 367 30.93 -24.01 10.71
C LEU B 367 29.91 -24.22 9.58
N HIS B 368 30.11 -23.55 8.46
CA HIS B 368 29.17 -23.63 7.34
C HIS B 368 29.02 -25.02 6.75
N ARG B 369 29.95 -25.94 7.01
CA ARG B 369 29.84 -27.30 6.49
C ARG B 369 29.50 -28.36 7.56
N PHE B 370 29.19 -27.91 8.77
CA PHE B 370 28.89 -28.81 9.88
C PHE B 370 27.63 -29.64 9.64
N ALA B 371 26.54 -28.99 9.23
CA ALA B 371 25.32 -29.74 8.95
C ALA B 371 25.53 -30.75 7.82
N ALA B 372 26.22 -30.35 6.77
CA ALA B 372 26.49 -31.23 5.65
C ALA B 372 27.27 -32.48 6.08
N TYR B 373 28.20 -32.31 7.02
CA TYR B 373 28.96 -33.42 7.53
C TYR B 373 28.05 -34.44 8.19
N PHE B 374 27.10 -33.96 9.00
CA PHE B 374 26.17 -34.85 9.67
C PHE B 374 25.12 -35.45 8.78
N GLN B 375 24.94 -34.89 7.58
CA GLN B 375 24.08 -35.59 6.62
C GLN B 375 24.66 -36.97 6.39
N GLN B 376 25.97 -37.11 6.20
CA GLN B 376 26.55 -38.44 6.03
C GLN B 376 26.60 -39.19 7.35
N GLY B 377 27.17 -38.56 8.38
CA GLY B 377 27.33 -39.27 9.64
C GLY B 377 26.03 -39.84 10.19
N ASN B 378 24.97 -39.07 10.11
CA ASN B 378 23.70 -39.47 10.63
C ASN B 378 22.93 -40.33 9.62
N MET B 379 22.70 -39.79 8.43
CA MET B 379 21.82 -40.44 7.48
C MET B 379 22.36 -41.73 6.91
N GLU B 380 23.64 -41.79 6.65
CA GLU B 380 24.22 -43.03 6.16
C GLU B 380 24.30 -44.09 7.26
N SER B 381 24.39 -43.65 8.51
CA SER B 381 24.37 -44.60 9.61
C SER B 381 22.99 -45.17 9.84
N ASN B 382 22.01 -44.27 10.04
CA ASN B 382 20.69 -44.68 10.49
C ASN B 382 19.55 -44.72 9.48
N GLY B 383 19.88 -44.47 8.22
CA GLY B 383 18.91 -44.58 7.10
C GLY B 383 18.83 -46.04 6.72
N LYS B 384 18.15 -46.83 7.57
CA LYS B 384 18.09 -48.29 7.45
C LYS B 384 16.68 -48.75 7.67
N TYR B 385 16.34 -49.91 7.13
CA TYR B 385 14.96 -50.41 7.27
C TYR B 385 14.87 -51.87 7.68
N VAL B 386 16.01 -52.53 7.90
CA VAL B 386 16.01 -53.91 8.36
C VAL B 386 16.67 -53.95 9.73
N ASP B 387 16.01 -54.57 10.69
CA ASP B 387 16.52 -54.63 12.05
C ASP B 387 17.63 -55.65 12.23
N ARG B 388 18.22 -55.70 13.43
CA ARG B 388 19.39 -56.55 13.66
C ARG B 388 19.12 -58.03 13.56
N ASN B 389 17.85 -58.40 13.65
CA ASN B 389 17.41 -59.80 13.51
C ASN B 389 17.09 -60.16 12.06
N GLY B 390 17.23 -59.19 11.15
CA GLY B 390 16.97 -59.40 9.74
C GLY B 390 15.52 -59.18 9.33
N ASN B 391 14.73 -58.58 10.21
CA ASN B 391 13.31 -58.34 9.94
C ASN B 391 13.05 -56.89 9.59
N PRO B 392 12.12 -56.62 8.66
N PRO B 392 12.17 -56.62 8.62
CA PRO B 392 11.87 -55.22 8.33
CA PRO B 392 11.91 -55.20 8.32
C PRO B 392 11.31 -54.44 9.52
C PRO B 392 11.33 -54.45 9.51
N VAL B 393 11.77 -53.21 9.69
CA VAL B 393 11.27 -52.37 10.79
C VAL B 393 9.84 -51.95 10.50
N THR B 394 9.07 -51.75 11.56
CA THR B 394 7.69 -51.31 11.49
C THR B 394 7.54 -49.94 12.15
N TYR B 395 8.62 -49.17 12.14
CA TYR B 395 8.71 -47.88 12.80
C TYR B 395 9.74 -47.05 12.07
N GLN B 396 9.79 -45.77 12.37
CA GLN B 396 10.72 -44.85 11.75
C GLN B 396 12.13 -44.99 12.26
N THR B 397 13.10 -44.92 11.35
CA THR B 397 14.48 -44.91 11.73
C THR B 397 15.04 -43.49 11.47
N GLY B 398 16.26 -43.37 10.93
CA GLY B 398 16.90 -42.07 10.86
C GLY B 398 16.17 -40.94 10.19
N PRO B 399 16.34 -39.72 10.72
CA PRO B 399 15.72 -38.55 10.11
C PRO B 399 16.62 -37.91 9.04
N ILE B 400 16.05 -36.98 8.29
CA ILE B 400 16.76 -36.18 7.32
C ILE B 400 17.41 -35.03 8.07
N ILE B 401 18.72 -34.85 7.90
CA ILE B 401 19.48 -33.78 8.51
C ILE B 401 19.71 -32.70 7.47
N TRP B 402 19.58 -31.45 7.86
CA TRP B 402 19.79 -30.31 6.97
C TRP B 402 20.07 -29.05 7.79
N GLY B 403 20.40 -27.96 7.11
CA GLY B 403 20.64 -26.69 7.78
C GLY B 403 21.66 -25.83 7.10
N GLU B 404 21.68 -24.56 7.50
CA GLU B 404 22.65 -23.57 7.07
C GLU B 404 23.04 -22.76 8.31
N PRO B 405 24.24 -22.21 8.35
CA PRO B 405 24.61 -21.42 9.52
C PRO B 405 23.78 -20.15 9.68
N GLY B 406 23.54 -19.74 10.92
CA GLY B 406 22.89 -18.46 11.19
C GLY B 406 23.94 -17.35 11.03
N THR B 407 23.56 -16.15 10.60
CA THR B 407 22.18 -15.79 10.27
C THR B 407 21.72 -16.10 8.82
N ASN B 408 22.57 -16.74 8.02
CA ASN B 408 22.20 -17.05 6.62
C ASN B 408 20.93 -17.88 6.49
N GLY B 409 20.83 -18.99 7.23
CA GLY B 409 19.64 -19.83 7.15
C GLY B 409 18.43 -19.11 7.70
N GLN B 410 18.67 -18.33 8.74
CA GLN B 410 17.63 -17.53 9.35
C GLN B 410 16.89 -16.66 8.34
N HIS B 411 17.63 -16.06 7.42
CA HIS B 411 17.03 -15.19 6.41
C HIS B 411 16.61 -15.91 5.14
N ALA B 412 16.74 -17.24 5.14
CA ALA B 412 16.32 -18.05 4.01
C ALA B 412 15.04 -18.80 4.29
N PHE B 413 15.03 -19.66 5.30
CA PHE B 413 13.93 -20.62 5.49
C PHE B 413 13.25 -20.63 6.84
N TYR B 414 13.62 -19.74 7.74
CA TYR B 414 12.97 -19.78 9.06
C TYR B 414 11.47 -19.46 9.00
N GLN B 415 11.01 -18.75 7.97
CA GLN B 415 9.57 -18.54 7.78
C GLN B 415 8.82 -19.85 7.93
N LEU B 416 9.31 -20.91 7.32
CA LEU B 416 8.65 -22.20 7.37
C LEU B 416 8.76 -22.85 8.74
N ILE B 417 9.89 -22.69 9.41
CA ILE B 417 10.03 -23.26 10.74
C ILE B 417 9.03 -22.60 11.70
N HIS B 418 8.86 -21.29 11.59
CA HIS B 418 7.93 -20.55 12.46
C HIS B 418 6.46 -20.69 12.10
N GLN B 419 6.14 -20.70 10.81
CA GLN B 419 4.74 -20.64 10.37
C GLN B 419 4.31 -21.65 9.31
N GLY B 420 5.08 -22.72 9.15
CA GLY B 420 4.76 -23.79 8.24
C GLY B 420 3.93 -24.86 8.92
N THR B 421 3.79 -26.00 8.25
CA THR B 421 2.98 -27.12 8.74
C THR B 421 3.80 -28.37 9.10
N LYS B 422 5.11 -28.20 9.21
CA LYS B 422 6.02 -29.27 9.59
C LYS B 422 6.68 -28.97 10.92
N LEU B 423 6.83 -30.00 11.75
CA LEU B 423 7.56 -29.92 13.00
C LEU B 423 9.01 -30.20 12.66
N ILE B 424 9.88 -29.27 12.99
CA ILE B 424 11.31 -29.34 12.67
C ILE B 424 12.15 -29.04 13.90
N PRO B 425 12.52 -30.09 14.63
CA PRO B 425 13.41 -29.85 15.80
C PRO B 425 14.70 -29.23 15.29
N CYS B 426 15.21 -28.22 16.00
CA CYS B 426 16.43 -27.53 15.60
C CYS B 426 17.47 -27.51 16.69
N ASP B 427 18.73 -27.75 16.33
CA ASP B 427 19.85 -27.59 17.23
C ASP B 427 20.56 -26.31 16.85
N PHE B 428 20.45 -25.33 17.72
CA PHE B 428 21.13 -24.03 17.57
C PHE B 428 22.46 -24.14 18.31
N ILE B 429 23.56 -23.83 17.64
CA ILE B 429 24.90 -23.96 18.24
C ILE B 429 25.64 -22.62 18.07
N ALA B 430 26.30 -22.13 19.11
CA ALA B 430 27.04 -20.88 18.98
C ALA B 430 28.15 -20.75 19.99
N PRO B 431 29.24 -20.04 19.62
CA PRO B 431 30.27 -19.72 20.58
C PRO B 431 30.02 -18.36 21.23
N ALA B 432 30.38 -18.23 22.49
CA ALA B 432 30.26 -16.95 23.20
C ALA B 432 31.31 -15.93 22.74
N VAL B 433 32.48 -16.42 22.34
CA VAL B 433 33.61 -15.61 21.93
C VAL B 433 33.98 -15.89 20.49
N SER B 434 33.96 -14.85 19.66
CA SER B 434 34.35 -14.94 18.26
C SER B 434 35.88 -14.85 18.13
N HIS B 435 36.42 -15.45 17.07
CA HIS B 435 37.82 -15.30 16.75
C HIS B 435 38.10 -13.97 16.07
N ASN B 436 37.05 -13.29 15.64
CA ASN B 436 37.15 -12.02 14.96
C ASN B 436 36.53 -10.98 15.86
N LEU B 437 37.37 -10.12 16.44
CA LEU B 437 36.90 -9.12 17.39
C LEU B 437 36.62 -7.81 16.67
N VAL B 438 35.62 -7.84 15.79
CA VAL B 438 35.29 -6.70 14.94
C VAL B 438 34.00 -6.02 15.36
N GLY B 439 34.09 -4.78 15.82
CA GLY B 439 32.90 -4.03 16.19
C GLY B 439 31.92 -4.79 17.09
N ASP B 440 30.65 -4.63 16.80
CA ASP B 440 29.60 -5.28 17.59
C ASP B 440 28.92 -6.42 16.84
N HIS B 441 29.58 -6.95 15.83
CA HIS B 441 29.03 -8.05 15.05
C HIS B 441 28.61 -9.22 15.93
N HIS B 442 29.43 -9.60 16.90
CA HIS B 442 29.13 -10.81 17.67
C HIS B 442 27.91 -10.64 18.56
N GLN B 443 27.77 -9.47 19.18
CA GLN B 443 26.59 -9.22 20.00
C GLN B 443 25.33 -9.26 19.12
N LYS B 444 25.43 -8.72 17.91
CA LYS B 444 24.30 -8.75 16.99
C LYS B 444 23.98 -10.20 16.60
N LEU B 445 24.99 -10.97 16.24
CA LEU B 445 24.80 -12.37 15.91
C LEU B 445 24.12 -13.11 17.06
N MET B 446 24.66 -12.92 18.27
CA MET B 446 24.14 -13.63 19.43
C MET B 446 22.73 -13.22 19.82
N SER B 447 22.37 -11.96 19.59
CA SER B 447 21.02 -11.51 19.89
C SER B 447 20.02 -12.35 19.09
N ASN B 448 20.38 -12.68 17.85
CA ASN B 448 19.58 -13.55 17.01
C ASN B 448 19.55 -14.99 17.50
N PHE B 449 20.70 -15.51 17.90
CA PHE B 449 20.79 -16.87 18.45
C PHE B 449 19.83 -17.07 19.63
N PHE B 450 19.81 -16.11 20.56
CA PHE B 450 18.95 -16.23 21.72
C PHE B 450 17.48 -15.96 21.35
N ALA B 451 17.24 -14.93 20.56
CA ALA B 451 15.88 -14.53 20.21
C ALA B 451 15.13 -15.57 19.39
N GLN B 452 15.81 -16.23 18.48
CA GLN B 452 15.11 -17.19 17.61
C GLN B 452 14.55 -18.35 18.37
N THR B 453 15.30 -18.88 19.34
CA THR B 453 14.77 -20.02 20.09
C THR B 453 13.61 -19.59 21.02
N GLU B 454 13.71 -18.37 21.55
CA GLU B 454 12.64 -17.77 22.36
C GLU B 454 11.36 -17.61 21.51
N ALA B 455 11.53 -17.09 20.30
CA ALA B 455 10.41 -16.91 19.38
C ALA B 455 9.78 -18.27 19.01
N LEU B 456 10.62 -19.24 18.68
CA LEU B 456 10.16 -20.57 18.29
C LEU B 456 9.37 -21.24 19.39
N ALA B 457 9.86 -21.12 20.63
CA ALA B 457 9.22 -21.78 21.74
C ALA B 457 7.89 -21.18 22.14
N PHE B 458 7.86 -19.86 22.28
CA PHE B 458 6.73 -19.20 22.90
C PHE B 458 5.77 -18.49 21.96
N GLY B 459 6.23 -18.16 20.75
CA GLY B 459 5.38 -17.52 19.78
C GLY B 459 4.79 -16.20 20.23
N LYS B 460 3.63 -15.87 19.67
CA LYS B 460 2.88 -14.63 19.96
C LYS B 460 1.45 -14.92 19.57
N SER B 461 0.55 -14.83 20.55
CA SER B 461 -0.82 -15.23 20.37
C SER B 461 -1.69 -14.25 19.63
N ALA B 462 -2.83 -14.73 19.17
CA ALA B 462 -3.81 -13.89 18.50
C ALA B 462 -4.28 -12.78 19.44
N GLN B 463 -4.46 -13.08 20.73
N GLN B 463 -4.45 -13.11 20.72
CA GLN B 463 -4.89 -12.05 21.66
CA GLN B 463 -4.86 -12.13 21.72
C GLN B 463 -3.83 -10.96 21.79
C GLN B 463 -3.84 -10.99 21.81
N ALA B 464 -2.57 -11.36 21.83
CA ALA B 464 -1.49 -10.41 21.95
C ALA B 464 -1.39 -9.55 20.70
N VAL B 465 -1.48 -10.16 19.53
CA VAL B 465 -1.39 -9.41 18.28
C VAL B 465 -2.58 -8.44 18.16
N GLN B 466 -3.77 -8.92 18.46
CA GLN B 466 -4.94 -8.08 18.36
C GLN B 466 -4.84 -6.89 19.32
N ALA B 467 -4.38 -7.13 20.54
CA ALA B 467 -4.26 -6.01 21.50
C ALA B 467 -3.26 -4.96 20.98
N GLU B 468 -2.20 -5.40 20.32
N GLU B 468 -2.17 -5.43 20.40
CA GLU B 468 -1.24 -4.45 19.77
CA GLU B 468 -1.10 -4.56 19.89
C GLU B 468 -1.85 -3.67 18.60
C GLU B 468 -1.63 -3.66 18.78
N LEU B 469 -2.56 -4.35 17.70
N LEU B 469 -2.41 -4.27 17.87
CA LEU B 469 -3.17 -3.63 16.57
CA LEU B 469 -3.02 -3.53 16.74
C LEU B 469 -4.23 -2.65 17.07
C LEU B 469 -4.10 -2.57 17.20
N GLU B 470 -4.95 -3.01 18.13
CA GLU B 470 -5.96 -2.10 18.68
C GLU B 470 -5.29 -0.85 19.26
N LYS B 471 -4.22 -1.05 20.03
CA LYS B 471 -3.51 0.09 20.61
C LYS B 471 -2.90 0.98 19.52
N ALA B 472 -2.56 0.37 18.38
CA ALA B 472 -1.96 1.08 17.23
C ALA B 472 -3.00 1.79 16.36
N GLY B 473 -4.25 1.77 16.79
CA GLY B 473 -5.33 2.49 16.10
C GLY B 473 -5.96 1.78 14.94
N LYS B 474 -5.77 0.46 14.86
CA LYS B 474 -6.30 -0.31 13.71
C LYS B 474 -7.80 -0.58 13.88
N SER B 475 -8.50 -0.71 12.75
CA SER B 475 -9.93 -0.98 12.74
C SER B 475 -10.21 -2.47 12.85
N ALA B 476 -11.45 -2.81 13.15
CA ALA B 476 -11.85 -4.20 13.24
C ALA B 476 -11.59 -4.88 11.91
N ALA B 477 -11.83 -4.18 10.79
CA ALA B 477 -11.60 -4.78 9.46
C ALA B 477 -10.12 -5.08 9.24
N GLU B 478 -9.25 -4.14 9.62
CA GLU B 478 -7.81 -4.37 9.48
C GLU B 478 -7.36 -5.54 10.37
N ILE B 479 -7.90 -5.61 11.58
CA ILE B 479 -7.56 -6.67 12.52
C ILE B 479 -7.98 -8.03 11.96
N ALA B 480 -9.20 -8.12 11.43
CA ALA B 480 -9.68 -9.38 10.85
C ALA B 480 -8.84 -9.81 9.66
N ALA B 481 -8.37 -8.85 8.89
CA ALA B 481 -7.60 -9.14 7.70
C ALA B 481 -6.16 -9.53 7.95
N LEU B 482 -5.58 -9.06 9.06
N LEU B 482 -5.57 -9.03 9.04
CA LEU B 482 -4.16 -9.25 9.28
CA LEU B 482 -4.14 -9.25 9.29
C LEU B 482 -3.73 -10.08 10.49
C LEU B 482 -3.74 -10.11 10.48
N VAL B 483 -4.49 -10.05 11.58
CA VAL B 483 -4.12 -10.81 12.79
C VAL B 483 -3.76 -12.27 12.52
N PRO B 484 -4.59 -12.99 11.74
CA PRO B 484 -4.29 -14.41 11.55
C PRO B 484 -2.90 -14.68 11.00
N PHE B 485 -2.42 -13.80 10.14
CA PHE B 485 -1.13 -13.99 9.49
C PHE B 485 0.05 -13.62 10.35
N LYS B 486 -0.20 -12.86 11.41
CA LYS B 486 0.85 -12.38 12.33
C LYS B 486 0.97 -13.22 13.60
N VAL B 487 0.14 -14.25 13.73
CA VAL B 487 0.17 -15.12 14.90
C VAL B 487 1.30 -16.15 14.76
N PHE B 488 2.06 -16.35 15.83
CA PHE B 488 3.11 -17.36 15.91
C PHE B 488 2.61 -18.36 16.94
N GLU B 489 2.25 -19.56 16.49
N GLU B 489 2.25 -19.56 16.49
CA GLU B 489 1.72 -20.57 17.41
CA GLU B 489 1.73 -20.58 17.39
C GLU B 489 2.76 -21.08 18.40
C GLU B 489 2.75 -21.05 18.41
N GLY B 490 4.03 -20.94 18.05
CA GLY B 490 5.08 -21.39 18.94
C GLY B 490 5.11 -22.90 19.07
N ASN B 491 5.66 -23.38 20.18
CA ASN B 491 5.83 -24.81 20.40
C ASN B 491 6.70 -25.46 19.35
N ARG B 492 7.66 -24.69 18.82
CA ARG B 492 8.64 -25.19 17.87
C ARG B 492 9.87 -25.46 18.75
N PRO B 493 10.20 -26.73 18.96
CA PRO B 493 11.25 -27.06 19.92
C PRO B 493 12.69 -26.91 19.41
N THR B 494 13.58 -26.59 20.33
CA THR B 494 14.97 -26.44 20.00
C THR B 494 15.87 -26.92 21.14
N ASN B 495 17.10 -27.25 20.78
CA ASN B 495 18.21 -27.40 21.71
C ASN B 495 19.12 -26.20 21.44
N SER B 496 19.72 -25.65 22.48
CA SER B 496 20.73 -24.59 22.32
C SER B 496 22.01 -25.10 22.94
N ILE B 497 23.07 -25.10 22.16
CA ILE B 497 24.38 -25.54 22.60
C ILE B 497 25.28 -24.33 22.54
N LEU B 498 25.69 -23.85 23.71
CA LEU B 498 26.55 -22.69 23.81
C LEU B 498 27.93 -23.14 24.23
N VAL B 499 28.91 -22.75 23.43
N VAL B 499 28.93 -22.81 23.43
CA VAL B 499 30.30 -23.11 23.65
CA VAL B 499 30.30 -23.16 23.78
C VAL B 499 31.10 -21.85 23.97
C VAL B 499 31.07 -21.87 24.00
N LYS B 500 32.12 -21.94 24.81
CA LYS B 500 32.90 -20.73 25.10
C LYS B 500 33.48 -20.14 23.82
N GLN B 501 34.15 -21.00 23.06
CA GLN B 501 34.77 -20.63 21.80
C GLN B 501 34.93 -21.91 20.99
N ILE B 502 34.83 -21.80 19.67
CA ILE B 502 35.05 -22.96 18.82
C ILE B 502 36.56 -23.11 18.64
N THR B 503 37.11 -24.14 19.28
CA THR B 503 38.53 -24.44 19.25
C THR B 503 38.65 -25.88 18.74
N PRO B 504 39.86 -26.34 18.41
CA PRO B 504 39.94 -27.73 17.98
C PRO B 504 39.35 -28.68 19.03
N ARG B 505 39.60 -28.40 20.30
CA ARG B 505 39.07 -29.25 21.37
C ARG B 505 37.53 -29.21 21.47
N THR B 506 36.93 -28.02 21.43
CA THR B 506 35.46 -27.98 21.54
C THR B 506 34.78 -28.54 20.28
N LEU B 507 35.41 -28.36 19.12
CA LEU B 507 34.88 -28.96 17.91
C LEU B 507 34.93 -30.50 18.06
N GLY B 508 36.04 -31.03 18.58
CA GLY B 508 36.13 -32.48 18.81
C GLY B 508 35.04 -32.94 19.77
N ASN B 509 34.80 -32.17 20.83
CA ASN B 509 33.73 -32.48 21.77
C ASN B 509 32.39 -32.61 21.01
N LEU B 510 32.10 -31.62 20.16
CA LEU B 510 30.81 -31.56 19.45
C LEU B 510 30.63 -32.67 18.43
N ILE B 511 31.67 -32.96 17.67
CA ILE B 511 31.56 -34.01 16.65
C ILE B 511 31.31 -35.36 17.32
N ALA B 512 32.09 -35.66 18.37
CA ALA B 512 31.94 -36.93 19.07
C ALA B 512 30.58 -37.02 19.75
N MET B 513 30.08 -35.90 20.26
CA MET B 513 28.76 -35.86 20.89
C MET B 513 27.70 -36.37 19.91
N TYR B 514 27.71 -35.85 18.69
CA TYR B 514 26.73 -36.28 17.69
C TYR B 514 26.99 -37.71 17.25
N GLU B 515 28.26 -38.12 17.10
CA GLU B 515 28.56 -39.52 16.79
C GLU B 515 27.86 -40.44 17.79
N HIS B 516 27.95 -40.10 19.08
CA HIS B 516 27.36 -40.97 20.08
C HIS B 516 25.84 -40.87 20.10
N LYS B 517 25.29 -39.70 19.80
CA LYS B 517 23.83 -39.56 19.66
C LYS B 517 23.35 -40.55 18.58
N ILE B 518 24.03 -40.55 17.45
CA ILE B 518 23.70 -41.46 16.33
C ILE B 518 23.79 -42.92 16.76
N PHE B 519 24.83 -43.24 17.51
CA PHE B 519 25.01 -44.60 18.02
C PHE B 519 23.83 -45.02 18.89
N VAL B 520 23.45 -44.16 19.84
CA VAL B 520 22.36 -44.47 20.76
C VAL B 520 21.07 -44.70 19.98
N GLN B 521 20.76 -43.84 19.01
CA GLN B 521 19.54 -44.01 18.24
C GLN B 521 19.52 -45.34 17.49
N GLY B 522 20.65 -45.71 16.90
CA GLY B 522 20.75 -46.98 16.18
C GLY B 522 20.61 -48.19 17.09
N VAL B 523 21.12 -48.09 18.31
CA VAL B 523 20.95 -49.17 19.27
C VAL B 523 19.46 -49.34 19.58
N ILE B 524 18.81 -48.24 19.96
CA ILE B 524 17.41 -48.29 20.36
C ILE B 524 16.50 -48.72 19.20
N TRP B 525 16.80 -48.25 17.99
CA TRP B 525 16.00 -48.60 16.81
C TRP B 525 16.29 -50.02 16.32
N ASN B 526 17.21 -50.72 16.95
CA ASN B 526 17.49 -52.10 16.60
C ASN B 526 17.96 -52.26 15.15
N ILE B 527 18.81 -51.34 14.71
CA ILE B 527 19.39 -51.39 13.37
C ILE B 527 20.91 -51.42 13.44
N PHE B 528 21.54 -51.58 12.29
CA PHE B 528 22.99 -51.60 12.20
C PHE B 528 23.46 -50.25 11.67
N SER B 529 24.09 -49.47 12.54
CA SER B 529 24.51 -48.12 12.20
C SER B 529 25.82 -48.00 11.43
N PHE B 530 26.55 -49.10 11.29
CA PHE B 530 27.92 -49.00 10.79
C PHE B 530 28.23 -49.63 9.47
N ASP B 531 27.21 -50.18 8.82
CA ASP B 531 27.33 -50.70 7.46
C ASP B 531 26.62 -49.73 6.50
N GLN B 532 26.66 -50.03 5.21
CA GLN B 532 26.03 -49.14 4.22
C GLN B 532 25.77 -49.90 2.93
N TRP B 533 24.96 -50.95 3.05
CA TRP B 533 24.65 -51.77 1.88
C TRP B 533 23.84 -51.03 0.83
N GLY B 534 23.22 -49.92 1.24
CA GLY B 534 22.40 -49.11 0.35
C GLY B 534 23.12 -48.35 -0.71
N VAL B 535 24.45 -48.39 -0.71
CA VAL B 535 25.21 -47.71 -1.76
C VAL B 535 25.55 -48.62 -2.93
N GLU B 536 25.30 -49.92 -2.81
CA GLU B 536 25.75 -50.86 -3.85
C GLU B 536 25.01 -50.86 -5.18
N LEU B 537 23.70 -50.73 -5.14
CA LEU B 537 22.90 -50.82 -6.37
C LEU B 537 23.25 -49.73 -7.36
N GLY B 538 23.36 -48.49 -6.88
CA GLY B 538 23.70 -47.38 -7.75
C GLY B 538 25.05 -47.59 -8.42
N LYS B 539 26.00 -48.14 -7.69
N LYS B 539 26.01 -48.15 -7.71
CA LYS B 539 27.33 -48.38 -8.24
CA LYS B 539 27.33 -48.39 -8.28
C LYS B 539 27.29 -49.45 -9.32
C LYS B 539 27.24 -49.44 -9.38
N GLN B 540 26.53 -50.51 -9.08
N GLN B 540 26.55 -50.54 -9.08
CA GLN B 540 26.39 -51.59 -10.05
CA GLN B 540 26.37 -51.63 -10.04
C GLN B 540 25.75 -51.08 -11.32
C GLN B 540 25.73 -51.11 -11.32
N LEU B 541 24.65 -50.35 -11.18
CA LEU B 541 23.95 -49.84 -12.37
C LEU B 541 24.78 -48.82 -13.14
N ALA B 542 25.56 -48.00 -12.45
CA ALA B 542 26.41 -47.04 -13.14
C ALA B 542 27.50 -47.77 -13.95
N ASN B 543 28.02 -48.86 -13.40
CA ASN B 543 29.03 -49.66 -14.09
C ASN B 543 28.48 -50.24 -15.39
N GLN B 544 27.20 -50.57 -15.41
CA GLN B 544 26.57 -51.10 -16.62
C GLN B 544 26.33 -50.02 -17.66
N ILE B 545 25.97 -48.82 -17.21
CA ILE B 545 25.68 -47.71 -18.10
C ILE B 545 26.92 -47.05 -18.68
N LEU B 546 27.98 -46.96 -17.90
CA LEU B 546 29.20 -46.25 -18.35
C LEU B 546 29.67 -46.60 -19.78
N PRO B 547 29.84 -47.90 -20.11
CA PRO B 547 30.30 -48.18 -21.48
C PRO B 547 29.30 -47.80 -22.57
N GLU B 548 28.02 -47.74 -22.21
CA GLU B 548 26.97 -47.36 -23.15
C GLU B 548 27.00 -45.88 -23.52
N LEU B 549 27.76 -45.08 -22.77
CA LEU B 549 27.82 -43.64 -23.05
C LEU B 549 28.99 -43.22 -23.95
N ALA B 550 29.88 -44.15 -24.29
CA ALA B 550 31.05 -43.80 -25.10
C ALA B 550 30.72 -43.37 -26.53
N ASP B 551 29.77 -44.05 -27.17
CA ASP B 551 29.44 -43.73 -28.57
C ASP B 551 28.09 -43.06 -28.76
N SER B 552 27.70 -42.81 -30.02
CA SER B 552 26.44 -42.11 -30.32
C SER B 552 25.27 -43.06 -30.64
N ALA B 553 25.48 -44.37 -30.53
CA ALA B 553 24.43 -45.35 -30.85
C ALA B 553 23.29 -45.37 -29.85
N ALA B 554 22.10 -45.65 -30.36
CA ALA B 554 20.89 -45.75 -29.56
C ALA B 554 21.01 -46.83 -28.50
N VAL B 555 20.49 -46.56 -27.31
CA VAL B 555 20.50 -47.50 -26.20
C VAL B 555 19.07 -47.96 -25.94
N THR B 556 18.90 -49.27 -25.84
CA THR B 556 17.58 -49.86 -25.62
C THR B 556 17.57 -50.89 -24.50
N SER B 557 18.67 -50.98 -23.75
CA SER B 557 18.85 -52.04 -22.75
C SER B 557 18.21 -51.86 -21.39
N HIS B 558 17.55 -50.73 -21.17
CA HIS B 558 16.95 -50.45 -19.87
C HIS B 558 15.46 -50.20 -20.01
N ASP B 559 14.85 -49.69 -18.94
CA ASP B 559 13.47 -49.25 -18.96
C ASP B 559 13.34 -48.03 -19.90
N SER B 560 12.10 -47.67 -20.26
CA SER B 560 11.92 -46.58 -21.21
C SER B 560 12.46 -45.23 -20.75
N SER B 561 12.44 -44.96 -19.45
CA SER B 561 12.95 -43.67 -18.94
C SER B 561 14.46 -43.60 -19.04
N THR B 562 15.14 -44.62 -18.52
CA THR B 562 16.59 -44.65 -18.61
C THR B 562 17.04 -44.60 -20.08
N ASN B 563 16.40 -45.38 -20.94
CA ASN B 563 16.73 -45.34 -22.36
C ASN B 563 16.50 -43.94 -22.92
N GLY B 564 15.34 -43.36 -22.61
CA GLY B 564 14.99 -42.05 -23.12
C GLY B 564 15.97 -40.99 -22.70
N LEU B 565 16.38 -41.03 -21.45
CA LEU B 565 17.33 -40.06 -20.92
C LEU B 565 18.70 -40.24 -21.58
N ILE B 566 19.17 -41.49 -21.70
CA ILE B 566 20.46 -41.73 -22.32
C ILE B 566 20.45 -41.30 -23.79
N ASN B 567 19.37 -41.61 -24.49
CA ASN B 567 19.31 -41.23 -25.90
C ASN B 567 19.21 -39.72 -26.08
N ALA B 568 18.50 -39.04 -25.19
CA ALA B 568 18.42 -37.58 -25.25
C ALA B 568 19.80 -36.96 -24.95
N PHE B 569 20.54 -37.57 -24.02
CA PHE B 569 21.89 -37.14 -23.71
C PHE B 569 22.78 -37.26 -24.94
N LYS B 570 22.71 -38.39 -25.63
CA LYS B 570 23.52 -38.58 -26.82
C LYS B 570 23.20 -37.56 -27.91
N ALA B 571 21.91 -37.25 -28.07
CA ALA B 571 21.46 -36.29 -29.07
C ALA B 571 21.91 -34.87 -28.70
N PHE B 572 21.86 -34.53 -27.41
CA PHE B 572 22.35 -33.22 -26.97
C PHE B 572 23.84 -33.05 -27.17
N ARG B 573 24.58 -34.13 -26.98
CA ARG B 573 26.04 -34.10 -27.10
C ARG B 573 26.49 -33.99 -28.56
N ALA B 574 25.71 -34.58 -29.47
CA ALA B 574 26.05 -34.59 -30.89
C ALA B 574 24.80 -34.66 -31.75
N ALA C 24 15.58 27.30 10.12
CA ALA C 24 14.25 26.65 9.84
C ALA C 24 14.25 26.10 8.41
N MET C 25 13.55 24.99 8.21
N MET C 25 13.55 24.98 8.22
CA MET C 25 13.48 24.40 6.87
CA MET C 25 13.45 24.37 6.90
C MET C 25 12.51 25.19 6.00
C MET C 25 12.51 25.18 6.01
N LEU C 26 11.47 25.77 6.60
CA LEU C 26 10.55 26.60 5.85
C LEU C 26 11.27 27.92 5.56
N LYS C 27 11.37 28.27 4.27
CA LYS C 27 12.02 29.51 3.85
C LYS C 27 10.94 30.58 3.62
N ASN C 28 11.37 31.83 3.47
CA ASN C 28 10.45 32.97 3.27
C ASN C 28 10.79 33.73 2.00
N ILE C 29 10.85 33.02 0.89
CA ILE C 29 11.23 33.62 -0.36
C ILE C 29 10.06 34.41 -1.00
N ASN C 30 10.30 35.68 -1.32
CA ASN C 30 9.29 36.50 -1.99
C ASN C 30 9.21 36.00 -3.44
N PRO C 31 8.07 35.42 -3.83
CA PRO C 31 8.03 34.83 -5.16
C PRO C 31 8.26 35.82 -6.28
N THR C 32 7.92 37.08 -6.07
CA THR C 32 8.02 38.08 -7.14
C THR C 32 9.46 38.45 -7.47
N GLN C 33 10.38 38.10 -6.58
N GLN C 33 10.38 38.11 -6.59
CA GLN C 33 11.80 38.41 -6.76
CA GLN C 33 11.78 38.43 -6.81
C GLN C 33 12.56 37.29 -7.48
C GLN C 33 12.59 37.22 -7.27
N THR C 34 11.88 36.18 -7.71
CA THR C 34 12.54 35.01 -8.29
C THR C 34 12.67 35.11 -9.80
N GLN C 35 13.66 34.41 -10.34
N GLN C 35 13.66 34.41 -10.35
CA GLN C 35 13.86 34.35 -11.77
CA GLN C 35 13.84 34.38 -11.80
C GLN C 35 12.64 33.71 -12.45
C GLN C 35 12.64 33.71 -12.46
N ALA C 36 12.09 32.69 -11.83
CA ALA C 36 10.94 31.97 -12.37
C ALA C 36 9.72 32.87 -12.54
N TRP C 37 9.48 33.73 -11.55
CA TRP C 37 8.32 34.64 -11.61
C TRP C 37 8.51 35.62 -12.74
N LYS C 38 9.73 36.14 -12.89
CA LYS C 38 10.02 37.07 -13.98
C LYS C 38 9.81 36.36 -15.33
N ALA C 39 10.19 35.08 -15.42
CA ALA C 39 9.99 34.30 -16.65
C ALA C 39 8.50 34.10 -16.89
N LEU C 40 7.72 33.86 -15.84
CA LEU C 40 6.27 33.71 -16.01
C LEU C 40 5.62 35.01 -16.51
N THR C 41 6.07 36.14 -16.00
CA THR C 41 5.57 37.45 -16.44
C THR C 41 5.86 37.63 -17.93
N ALA C 42 7.08 37.34 -18.34
CA ALA C 42 7.46 37.43 -19.77
C ALA C 42 6.64 36.49 -20.63
N HIS C 43 6.45 35.28 -20.14
CA HIS C 43 5.67 34.25 -20.84
C HIS C 43 4.22 34.68 -20.98
N PHE C 44 3.63 35.23 -19.92
CA PHE C 44 2.26 35.67 -20.01
C PHE C 44 2.08 36.75 -21.07
N GLU C 45 3.01 37.70 -21.12
N GLU C 45 3.01 37.69 -21.12
CA GLU C 45 2.92 38.77 -22.10
CA GLU C 45 2.93 38.76 -22.09
C GLU C 45 2.89 38.25 -23.52
C GLU C 45 2.92 38.27 -23.51
N SER C 46 3.74 37.26 -23.80
CA SER C 46 3.90 36.74 -25.14
C SER C 46 3.03 35.56 -25.53
N ALA C 47 2.36 34.92 -24.56
CA ALA C 47 1.53 33.72 -24.80
C ALA C 47 0.15 33.72 -24.12
N GLN C 48 -0.31 34.85 -23.58
CA GLN C 48 -1.61 34.93 -22.89
C GLN C 48 -2.81 34.55 -23.78
N ASP C 49 -2.63 34.60 -25.09
CA ASP C 49 -3.71 34.24 -26.04
C ASP C 49 -3.68 32.78 -26.47
N MET C 50 -2.90 31.98 -25.76
N MET C 50 -2.91 31.96 -25.74
CA MET C 50 -2.79 30.55 -25.99
CA MET C 50 -2.82 30.52 -25.98
C MET C 50 -4.21 29.98 -26.13
C MET C 50 -4.23 29.97 -26.13
N ASP C 51 -4.40 29.14 -27.15
CA ASP C 51 -5.73 28.59 -27.49
C ASP C 51 -5.75 27.08 -27.39
N LEU C 52 -6.73 26.56 -26.66
CA LEU C 52 -6.84 25.14 -26.46
C LEU C 52 -7.05 24.33 -27.72
N LYS C 53 -7.86 24.86 -28.65
CA LYS C 53 -8.10 24.10 -29.89
C LYS C 53 -6.78 23.85 -30.61
N ALA C 54 -5.94 24.88 -30.69
CA ALA C 54 -4.63 24.79 -31.32
C ALA C 54 -3.69 23.86 -30.56
N LEU C 55 -3.68 23.94 -29.23
CA LEU C 55 -2.81 23.09 -28.41
C LEU C 55 -3.11 21.61 -28.64
N PHE C 56 -4.40 21.26 -28.71
CA PHE C 56 -4.78 19.89 -28.96
C PHE C 56 -4.53 19.44 -30.40
N ALA C 57 -4.79 20.32 -31.35
CA ALA C 57 -4.58 20.00 -32.75
C ALA C 57 -3.11 19.70 -33.07
N GLN C 58 -2.21 20.40 -32.39
CA GLN C 58 -0.78 20.29 -32.68
C GLN C 58 -0.02 19.22 -31.93
N ASP C 59 -0.68 18.56 -30.99
CA ASP C 59 -0.03 17.49 -30.23
C ASP C 59 -1.04 16.42 -29.88
N SER C 60 -0.99 15.32 -30.61
CA SER C 60 -1.92 14.21 -30.37
C SER C 60 -1.72 13.55 -29.00
N GLU C 61 -0.58 13.78 -28.37
N GLU C 61 -0.56 13.79 -28.38
CA GLU C 61 -0.27 13.19 -27.06
CA GLU C 61 -0.24 13.20 -27.08
C GLU C 61 -0.53 14.18 -25.91
C GLU C 61 -0.53 14.17 -25.92
N ARG C 62 -1.27 15.24 -26.18
CA ARG C 62 -1.52 16.23 -25.13
C ARG C 62 -2.19 15.64 -23.87
N PHE C 63 -3.27 14.89 -24.03
CA PHE C 63 -3.89 14.26 -22.87
C PHE C 63 -2.88 13.40 -22.11
N ALA C 64 -2.13 12.58 -22.83
CA ALA C 64 -1.17 11.66 -22.20
C ALA C 64 -0.11 12.43 -21.40
N LYS C 65 0.33 13.57 -21.94
CA LYS C 65 1.37 14.39 -21.31
C LYS C 65 0.89 15.26 -20.18
N TYR C 66 -0.40 15.61 -20.18
CA TYR C 66 -0.96 16.50 -19.17
C TYR C 66 -2.04 15.81 -18.33
N SER C 67 -1.74 14.59 -17.91
CA SER C 67 -2.62 13.87 -17.03
C SER C 67 -1.78 12.99 -16.12
N ALA C 68 -2.33 12.66 -14.96
CA ALA C 68 -1.64 11.83 -13.98
C ALA C 68 -2.60 10.84 -13.39
N ARG C 69 -2.10 9.66 -13.09
CA ARG C 69 -2.89 8.63 -12.46
C ARG C 69 -2.43 8.53 -11.01
N PHE C 70 -3.38 8.42 -10.10
CA PHE C 70 -3.08 8.22 -8.69
C PHE C 70 -3.68 6.86 -8.27
N GLY C 71 -2.82 5.93 -7.87
CA GLY C 71 -3.27 4.61 -7.51
C GLY C 71 -3.95 3.96 -8.69
N GLN C 72 -4.91 3.09 -8.40
CA GLN C 72 -5.63 2.39 -9.43
C GLN C 72 -6.96 3.06 -9.78
N ASP C 73 -7.40 3.98 -8.92
CA ASP C 73 -8.75 4.48 -9.00
C ASP C 73 -8.97 5.95 -9.31
N ILE C 74 -7.90 6.72 -9.56
CA ILE C 74 -8.07 8.15 -9.83
C ILE C 74 -7.24 8.61 -11.03
N LEU C 75 -7.91 9.35 -11.91
CA LEU C 75 -7.28 10.01 -13.05
C LEU C 75 -7.45 11.52 -12.88
N VAL C 76 -6.35 12.28 -12.94
CA VAL C 76 -6.40 13.74 -12.89
C VAL C 76 -5.92 14.26 -14.25
N ASP C 77 -6.87 14.77 -15.02
CA ASP C 77 -6.62 15.30 -16.35
C ASP C 77 -6.54 16.81 -16.27
N TYR C 78 -5.35 17.36 -16.45
CA TYR C 78 -5.13 18.79 -16.42
C TYR C 78 -4.77 19.33 -17.81
N SER C 79 -5.13 18.58 -18.86
CA SER C 79 -4.78 18.94 -20.21
C SER C 79 -5.63 20.09 -20.80
N LYS C 80 -6.82 20.31 -20.28
CA LYS C 80 -7.67 21.42 -20.77
C LYS C 80 -7.40 22.73 -20.05
N ASN C 81 -6.13 22.97 -19.76
CA ASN C 81 -5.68 24.21 -19.12
C ASN C 81 -4.87 25.04 -20.12
N LEU C 82 -4.83 26.34 -19.88
CA LEU C 82 -4.14 27.29 -20.75
C LEU C 82 -2.65 27.29 -20.43
N VAL C 83 -2.03 26.12 -20.59
CA VAL C 83 -0.62 25.91 -20.30
C VAL C 83 0.02 25.12 -21.43
N ASN C 84 1.28 25.42 -21.70
CA ASN C 84 2.05 24.64 -22.66
C ASN C 84 3.35 24.18 -21.99
N ALA C 85 4.24 23.56 -22.74
CA ALA C 85 5.45 23.01 -22.11
C ALA C 85 6.25 24.11 -21.45
N GLU C 86 6.26 25.30 -22.04
CA GLU C 86 6.98 26.43 -21.44
C GLU C 86 6.34 26.84 -20.12
N THR C 87 5.01 26.94 -20.08
CA THR C 87 4.34 27.36 -18.85
C THR C 87 4.72 26.41 -17.72
N MET C 88 4.64 25.11 -18.01
CA MET C 88 4.93 24.12 -16.98
C MET C 88 6.37 24.20 -16.52
N GLN C 89 7.30 24.41 -17.45
N GLN C 89 7.29 24.42 -17.46
CA GLN C 89 8.71 24.52 -17.08
CA GLN C 89 8.70 24.56 -17.13
C GLN C 89 8.95 25.70 -16.13
C GLN C 89 8.89 25.67 -16.11
N HIS C 90 8.34 26.84 -16.42
CA HIS C 90 8.52 28.00 -15.54
C HIS C 90 7.83 27.80 -14.19
N LEU C 91 6.67 27.15 -14.20
CA LEU C 91 5.93 26.88 -12.97
C LEU C 91 6.70 25.94 -12.05
N PHE C 92 7.24 24.83 -12.58
CA PHE C 92 8.03 23.95 -11.75
C PHE C 92 9.29 24.66 -11.26
N ALA C 93 9.88 25.52 -12.10
CA ALA C 93 11.05 26.29 -11.68
C ALA C 93 10.71 27.21 -10.50
N LEU C 94 9.49 27.73 -10.48
CA LEU C 94 9.04 28.58 -9.37
C LEU C 94 8.98 27.78 -8.07
N ALA C 95 8.45 26.56 -8.13
CA ALA C 95 8.34 25.69 -6.95
C ALA C 95 9.74 25.42 -6.40
N LYS C 96 10.69 25.15 -7.28
CA LYS C 96 12.05 24.87 -6.86
C LYS C 96 12.76 26.10 -6.29
N GLU C 97 12.53 27.25 -6.92
CA GLU C 97 13.18 28.49 -6.48
C GLU C 97 12.65 29.02 -5.15
N THR C 98 11.45 28.60 -4.76
CA THR C 98 10.89 28.99 -3.46
C THR C 98 11.15 27.91 -2.40
N ASP C 99 11.95 26.91 -2.74
CA ASP C 99 12.32 25.82 -1.84
C ASP C 99 11.09 25.10 -1.25
N LEU C 100 10.18 24.74 -2.13
CA LEU C 100 9.00 24.02 -1.75
C LEU C 100 9.33 22.68 -1.08
N GLN C 101 10.32 21.96 -1.60
CA GLN C 101 10.63 20.65 -1.00
C GLN C 101 11.01 20.78 0.48
N SER C 102 11.75 21.82 0.83
N SER C 102 11.78 21.81 0.84
CA SER C 102 12.17 22.04 2.21
CA SER C 102 12.17 22.00 2.25
C SER C 102 10.96 22.31 3.09
C SER C 102 10.93 22.27 3.10
N ALA C 103 9.98 23.02 2.56
CA ALA C 103 8.75 23.33 3.28
C ALA C 103 7.92 22.08 3.53
N ILE C 104 7.81 21.23 2.52
CA ILE C 104 7.09 19.97 2.66
C ILE C 104 7.71 19.17 3.80
N THR C 105 9.04 19.04 3.78
CA THR C 105 9.75 18.29 4.80
C THR C 105 9.49 18.90 6.18
N ALA C 106 9.53 20.23 6.27
CA ALA C 106 9.31 20.92 7.54
C ALA C 106 7.94 20.59 8.12
N MET C 107 6.91 20.61 7.29
CA MET C 107 5.58 20.30 7.79
C MET C 107 5.49 18.90 8.36
N PHE C 108 5.90 17.91 7.56
CA PHE C 108 5.76 16.52 7.93
C PHE C 108 6.58 16.12 9.15
N LYS C 109 7.73 16.76 9.33
CA LYS C 109 8.59 16.42 10.46
C LYS C 109 8.20 17.09 11.78
N GLY C 110 7.24 17.99 11.77
CA GLY C 110 6.81 18.63 13.01
C GLY C 110 7.42 19.96 13.34
N GLU C 111 8.08 20.59 12.36
N GLU C 111 8.09 20.59 12.37
CA GLU C 111 8.64 21.93 12.56
CA GLU C 111 8.64 21.91 12.62
C GLU C 111 7.48 22.87 12.84
C GLU C 111 7.48 22.87 12.84
N ALA C 112 7.71 23.87 13.68
CA ALA C 112 6.65 24.82 14.04
C ALA C 112 6.46 25.87 12.96
N ILE C 113 5.96 25.42 11.80
CA ILE C 113 5.80 26.28 10.64
C ILE C 113 4.69 27.32 10.79
N ASN C 114 3.77 27.12 11.74
CA ASN C 114 2.75 28.09 12.09
C ASN C 114 3.48 29.02 13.08
N GLN C 115 4.25 29.94 12.51
CA GLN C 115 5.15 30.76 13.30
C GLN C 115 4.48 31.82 14.13
N THR C 116 3.35 32.35 13.67
CA THR C 116 2.73 33.44 14.42
C THR C 116 2.10 32.95 15.72
N GLU C 117 1.76 31.65 15.75
CA GLU C 117 1.22 31.01 16.95
C GLU C 117 2.23 30.04 17.59
N ASP C 118 3.40 29.91 16.94
CA ASP C 118 4.47 28.98 17.34
C ASP C 118 3.94 27.55 17.54
N ARG C 119 3.40 26.99 16.46
CA ARG C 119 2.83 25.66 16.49
C ARG C 119 3.26 24.84 15.29
N ALA C 120 3.31 23.53 15.50
CA ALA C 120 3.50 22.59 14.41
C ALA C 120 2.16 22.52 13.65
N VAL C 121 2.18 21.88 12.48
CA VAL C 121 1.01 21.73 11.58
C VAL C 121 1.03 20.25 11.21
N LEU C 122 0.25 19.46 11.93
CA LEU C 122 0.37 18.01 11.88
C LEU C 122 -0.91 17.23 11.66
N HIS C 123 -1.82 17.80 10.87
CA HIS C 123 -2.98 17.00 10.46
C HIS C 123 -2.51 15.71 9.75
N THR C 124 -1.34 15.73 9.11
CA THR C 124 -0.80 14.54 8.48
C THR C 124 -0.53 13.41 9.51
N ALA C 125 -0.17 13.76 10.74
CA ALA C 125 0.09 12.76 11.76
C ALA C 125 -1.20 12.06 12.17
N LEU C 126 -2.33 12.78 12.09
CA LEU C 126 -3.62 12.21 12.49
C LEU C 126 -3.99 10.97 11.69
N ARG C 127 -3.54 10.93 10.43
CA ARG C 127 -3.85 9.81 9.52
C ARG C 127 -2.60 9.01 9.15
N ASN C 128 -1.57 9.11 9.98
CA ASN C 128 -0.30 8.42 9.74
C ASN C 128 -0.43 6.94 10.07
N ARG C 129 -1.06 6.19 9.17
CA ARG C 129 -1.32 4.77 9.38
C ARG C 129 -0.07 3.93 9.50
N SER C 130 1.03 4.40 8.91
N SER C 130 1.04 4.42 8.93
CA SER C 130 2.29 3.68 8.96
CA SER C 130 2.32 3.72 8.97
C SER C 130 2.91 3.72 10.37
C SER C 130 2.87 3.69 10.39
N ASN C 131 2.45 4.65 11.20
CA ASN C 131 2.93 4.82 12.58
C ASN C 131 4.42 5.13 12.76
N SER C 132 5.04 5.63 11.71
CA SER C 132 6.41 6.09 11.80
C SER C 132 6.35 7.26 12.80
N PRO C 133 7.36 7.40 13.67
CA PRO C 133 7.32 8.47 14.65
C PRO C 133 7.24 9.87 14.04
N VAL C 134 6.46 10.73 14.69
CA VAL C 134 6.35 12.14 14.30
C VAL C 134 6.67 12.89 15.59
N LEU C 135 7.80 13.58 15.60
CA LEU C 135 8.28 14.23 16.81
C LEU C 135 7.89 15.70 16.92
N VAL C 136 7.45 16.08 18.11
CA VAL C 136 7.20 17.47 18.44
C VAL C 136 7.98 17.68 19.74
N ASN C 137 8.97 18.56 19.71
CA ASN C 137 9.84 18.81 20.86
C ASN C 137 10.53 17.52 21.33
N GLY C 138 10.93 16.71 20.36
CA GLY C 138 11.63 15.46 20.63
C GLY C 138 10.79 14.29 21.14
N GLU C 139 9.46 14.44 21.16
N GLU C 139 9.46 14.43 21.12
CA GLU C 139 8.57 13.36 21.62
CA GLU C 139 8.57 13.39 21.62
C GLU C 139 7.60 12.97 20.52
C GLU C 139 7.56 12.97 20.56
N ASP C 140 7.45 11.66 20.32
CA ASP C 140 6.54 11.11 19.30
C ASP C 140 5.09 11.38 19.71
N VAL C 141 4.33 11.94 18.78
CA VAL C 141 2.93 12.22 19.03
C VAL C 141 2.02 11.07 18.62
N MET C 142 2.56 10.06 17.93
CA MET C 142 1.70 8.98 17.46
C MET C 142 0.98 8.20 18.57
N PRO C 143 1.63 7.93 19.71
CA PRO C 143 0.89 7.21 20.73
C PRO C 143 -0.37 7.95 21.20
N ALA C 144 -0.28 9.28 21.31
CA ALA C 144 -1.46 10.08 21.72
C ALA C 144 -2.54 10.07 20.64
N VAL C 145 -2.11 10.16 19.39
CA VAL C 145 -3.05 10.10 18.25
C VAL C 145 -3.82 8.79 18.27
N ASN C 146 -3.07 7.70 18.37
CA ASN C 146 -3.65 6.37 18.36
C ASN C 146 -4.50 6.08 19.58
N ALA C 147 -4.17 6.66 20.74
CA ALA C 147 -4.98 6.44 21.94
C ALA C 147 -6.38 7.03 21.75
N VAL C 148 -6.47 8.22 21.14
CA VAL C 148 -7.79 8.81 20.89
C VAL C 148 -8.55 7.97 19.84
N LEU C 149 -7.87 7.57 18.75
CA LEU C 149 -8.52 6.76 17.74
C LEU C 149 -9.09 5.47 18.35
N ALA C 150 -8.29 4.80 19.18
CA ALA C 150 -8.69 3.56 19.83
C ALA C 150 -9.91 3.78 20.73
N LYS C 151 -9.90 4.89 21.46
CA LYS C 151 -10.99 5.24 22.36
C LYS C 151 -12.28 5.51 21.57
N MET C 152 -12.15 6.18 20.44
CA MET C 152 -13.31 6.47 19.60
C MET C 152 -13.86 5.19 18.98
N LYS C 153 -13.00 4.29 18.54
CA LYS C 153 -13.46 3.02 17.99
C LYS C 153 -14.31 2.29 19.04
N ALA C 154 -13.77 2.15 20.26
CA ALA C 154 -14.49 1.42 21.31
C ALA C 154 -15.83 2.08 21.66
N PHE C 155 -15.81 3.41 21.82
CA PHE C 155 -17.02 4.15 22.14
C PHE C 155 -18.06 3.97 21.04
N SER C 156 -17.63 4.12 19.80
CA SER C 156 -18.55 4.03 18.67
C SER C 156 -19.24 2.67 18.59
N GLU C 157 -18.52 1.60 18.93
CA GLU C 157 -19.10 0.25 18.93
C GLU C 157 -20.23 0.13 19.94
N ARG C 158 -20.04 0.73 21.11
N ARG C 158 -20.05 0.72 21.11
CA ARG C 158 -21.07 0.70 22.16
CA ARG C 158 -21.08 0.69 22.15
C ARG C 158 -22.30 1.49 21.73
C ARG C 158 -22.31 1.49 21.72
N VAL C 159 -22.08 2.66 21.12
CA VAL C 159 -23.18 3.50 20.68
C VAL C 159 -23.95 2.88 19.51
N ILE C 160 -23.22 2.51 18.46
CA ILE C 160 -23.84 1.93 17.27
C ILE C 160 -24.52 0.59 17.56
N GLY C 161 -23.85 -0.24 18.37
CA GLY C 161 -24.36 -1.57 18.69
C GLY C 161 -25.50 -1.64 19.69
N GLY C 162 -25.76 -0.53 20.37
CA GLY C 162 -26.86 -0.48 21.33
C GLY C 162 -26.53 -0.75 22.78
N GLU C 163 -25.27 -1.09 23.08
CA GLU C 163 -24.87 -1.35 24.45
C GLU C 163 -24.91 -0.08 25.29
N TRP C 164 -24.59 1.07 24.68
CA TRP C 164 -24.64 2.36 25.36
C TRP C 164 -26.11 2.75 25.47
N LYS C 165 -26.61 2.84 26.69
CA LYS C 165 -28.02 3.15 26.88
C LYS C 165 -28.22 4.58 27.32
N GLY C 166 -29.35 5.16 26.90
CA GLY C 166 -29.74 6.47 27.39
C GLY C 166 -30.27 6.37 28.82
N PHE C 167 -30.71 7.50 29.39
CA PHE C 167 -31.10 7.55 30.81
C PHE C 167 -32.32 6.73 31.17
N THR C 168 -33.11 6.33 30.16
CA THR C 168 -34.27 5.48 30.39
C THR C 168 -34.04 4.05 29.92
N GLY C 169 -32.80 3.72 29.57
CA GLY C 169 -32.42 2.35 29.17
C GLY C 169 -32.54 2.00 27.70
N LYS C 170 -32.73 3.00 26.86
CA LYS C 170 -32.89 2.75 25.43
C LYS C 170 -31.61 2.99 24.64
N ALA C 171 -31.47 2.28 23.52
CA ALA C 171 -30.35 2.47 22.62
C ALA C 171 -30.47 3.83 21.93
N ILE C 172 -29.33 4.40 21.59
CA ILE C 172 -29.28 5.67 20.88
C ILE C 172 -29.71 5.48 19.43
N THR C 173 -30.51 6.42 18.93
CA THR C 173 -30.96 6.40 17.54
C THR C 173 -30.51 7.63 16.75
N ASP C 174 -30.18 8.70 17.47
CA ASP C 174 -29.80 9.95 16.86
C ASP C 174 -28.56 10.53 17.52
N VAL C 175 -27.70 11.11 16.68
CA VAL C 175 -26.49 11.80 17.12
C VAL C 175 -26.57 13.22 16.59
N VAL C 176 -26.35 14.19 17.46
CA VAL C 176 -26.37 15.61 17.08
C VAL C 176 -25.00 16.21 17.35
N ASN C 177 -24.31 16.58 16.28
CA ASN C 177 -23.02 17.24 16.40
C ASN C 177 -23.28 18.74 16.54
N ILE C 178 -22.65 19.36 17.54
CA ILE C 178 -22.77 20.79 17.75
C ILE C 178 -21.39 21.40 17.58
N GLY C 179 -21.22 22.26 16.57
CA GLY C 179 -19.93 22.86 16.30
C GLY C 179 -20.02 23.89 15.20
N ILE C 180 -18.99 24.73 15.10
CA ILE C 180 -18.92 25.79 14.08
C ILE C 180 -17.64 25.63 13.30
N GLY C 181 -17.63 26.14 12.06
CA GLY C 181 -16.46 26.12 11.23
C GLY C 181 -15.88 24.74 11.09
N GLY C 182 -14.62 24.60 11.51
CA GLY C 182 -13.92 23.34 11.38
C GLY C 182 -14.54 22.19 12.14
N SER C 183 -15.35 22.48 13.13
CA SER C 183 -15.99 21.43 13.91
C SER C 183 -17.35 21.03 13.30
N ASP C 184 -17.72 21.60 12.15
CA ASP C 184 -18.98 21.29 11.49
C ASP C 184 -18.82 20.92 10.01
N LEU C 185 -18.10 21.76 9.25
CA LEU C 185 -18.07 21.61 7.79
C LEU C 185 -17.54 20.28 7.31
N GLY C 186 -16.46 19.82 7.90
CA GLY C 186 -15.86 18.55 7.48
C GLY C 186 -16.73 17.37 7.80
N PRO C 187 -17.11 17.22 9.07
CA PRO C 187 -17.97 16.09 9.42
C PRO C 187 -19.29 16.06 8.61
N TYR C 188 -19.91 17.21 8.40
CA TYR C 188 -21.14 17.26 7.63
C TYR C 188 -20.89 16.86 6.18
N MET C 189 -19.86 17.45 5.56
CA MET C 189 -19.56 17.15 4.19
C MET C 189 -19.27 15.67 3.98
N VAL C 190 -18.47 15.11 4.88
CA VAL C 190 -18.05 13.71 4.73
C VAL C 190 -19.21 12.74 4.93
N THR C 191 -20.00 12.97 5.97
CA THR C 191 -21.16 12.11 6.20
C THR C 191 -22.15 12.20 5.05
N GLU C 192 -22.31 13.38 4.46
CA GLU C 192 -23.18 13.54 3.29
C GLU C 192 -22.60 12.81 2.09
N ALA C 193 -21.29 12.94 1.89
CA ALA C 193 -20.65 12.31 0.75
C ALA C 193 -20.67 10.78 0.81
N LEU C 194 -20.70 10.24 2.03
CA LEU C 194 -20.62 8.81 2.25
C LEU C 194 -21.91 8.18 2.76
N VAL C 195 -23.04 8.80 2.44
CA VAL C 195 -24.35 8.25 2.81
C VAL C 195 -24.50 6.73 2.48
N PRO C 196 -23.98 6.24 1.33
CA PRO C 196 -24.14 4.80 1.05
C PRO C 196 -23.50 3.90 2.09
N TYR C 197 -22.57 4.45 2.87
CA TYR C 197 -21.81 3.71 3.88
C TYR C 197 -22.33 3.87 5.30
N LYS C 198 -23.46 4.55 5.44
CA LYS C 198 -24.00 4.82 6.77
C LYS C 198 -24.65 3.62 7.42
N ASN C 199 -24.67 3.68 8.75
CA ASN C 199 -25.37 2.71 9.57
C ASN C 199 -26.79 3.24 9.92
N HIS C 200 -27.45 2.59 10.87
CA HIS C 200 -28.82 2.94 11.24
C HIS C 200 -28.99 4.26 11.97
N LEU C 201 -27.91 4.83 12.50
CA LEU C 201 -28.02 6.09 13.23
C LEU C 201 -28.36 7.24 12.31
N THR C 202 -29.12 8.17 12.83
CA THR C 202 -29.43 9.41 12.11
C THR C 202 -28.55 10.46 12.74
N VAL C 203 -27.71 11.10 11.93
N VAL C 203 -27.70 11.07 11.92
CA VAL C 203 -26.81 12.12 12.44
CA VAL C 203 -26.78 12.13 12.38
C VAL C 203 -27.25 13.50 11.94
C VAL C 203 -27.29 13.50 11.94
N HIS C 204 -27.17 14.47 12.84
CA HIS C 204 -27.60 15.84 12.58
C HIS C 204 -26.46 16.79 12.91
N PHE C 205 -26.36 17.88 12.17
CA PHE C 205 -25.32 18.87 12.38
C PHE C 205 -25.93 20.21 12.65
N VAL C 206 -25.65 20.74 13.84
CA VAL C 206 -26.12 22.07 14.24
C VAL C 206 -24.88 22.94 14.39
N SER C 207 -24.93 24.12 13.79
CA SER C 207 -23.79 25.00 13.78
C SER C 207 -24.11 26.47 13.99
N ASN C 208 -25.17 26.96 13.33
CA ASN C 208 -25.50 28.37 13.42
C ASN C 208 -25.94 28.76 14.82
N VAL C 209 -25.55 29.95 15.28
CA VAL C 209 -26.09 30.45 16.55
C VAL C 209 -27.55 30.87 16.33
N ASP C 210 -27.95 31.16 15.09
CA ASP C 210 -29.37 31.43 14.80
C ASP C 210 -30.18 30.29 15.44
N GLY C 211 -31.08 30.65 16.35
CA GLY C 211 -31.89 29.68 17.09
C GLY C 211 -32.67 28.70 16.23
N THR C 212 -32.98 29.10 15.02
CA THR C 212 -33.63 28.21 14.07
C THR C 212 -32.90 26.87 13.94
N HIS C 213 -31.57 26.89 13.94
CA HIS C 213 -30.84 25.67 13.64
C HIS C 213 -31.05 24.61 14.71
N MET C 214 -30.84 24.97 15.95
CA MET C 214 -31.07 24.02 17.02
C MET C 214 -32.58 23.76 17.19
N ALA C 215 -33.43 24.78 17.08
CA ALA C 215 -34.87 24.57 17.26
C ALA C 215 -35.43 23.52 16.29
N GLU C 216 -35.07 23.61 15.02
CA GLU C 216 -35.56 22.66 14.04
C GLU C 216 -35.01 21.26 14.27
N THR C 217 -33.77 21.16 14.75
CA THR C 217 -33.19 19.86 15.03
C THR C 217 -33.86 19.20 16.21
N LEU C 218 -34.06 19.95 17.28
CA LEU C 218 -34.66 19.38 18.49
C LEU C 218 -36.09 18.89 18.29
N LYS C 219 -36.80 19.45 17.32
CA LYS C 219 -38.17 19.00 17.01
C LYS C 219 -38.15 17.60 16.39
N ASN C 220 -37.00 17.17 15.89
CA ASN C 220 -36.88 15.89 15.20
C ASN C 220 -36.24 14.77 16.02
N VAL C 221 -35.87 15.04 17.27
CA VAL C 221 -35.21 14.05 18.11
C VAL C 221 -35.86 13.95 19.49
N ASP C 222 -35.53 12.85 20.18
N ASP C 222 -35.58 12.86 20.19
CA ASP C 222 -36.10 12.50 21.50
CA ASP C 222 -36.12 12.65 21.52
C ASP C 222 -34.98 12.50 22.56
C ASP C 222 -34.99 12.61 22.52
N PRO C 223 -35.20 13.19 23.70
CA PRO C 223 -34.13 13.22 24.71
C PRO C 223 -33.63 11.83 25.16
N GLU C 224 -34.50 10.85 25.18
CA GLU C 224 -34.13 9.52 25.66
C GLU C 224 -33.20 8.74 24.72
N THR C 225 -33.14 9.15 23.46
CA THR C 225 -32.43 8.38 22.45
C THR C 225 -31.45 9.19 21.62
N THR C 226 -31.08 10.38 22.10
CA THR C 226 -30.18 11.26 21.38
C THR C 226 -28.87 11.47 22.14
N LEU C 227 -27.77 11.36 21.41
CA LEU C 227 -26.43 11.66 21.91
C LEU C 227 -25.94 12.94 21.23
N PHE C 228 -25.51 13.91 22.03
CA PHE C 228 -24.96 15.15 21.53
C PHE C 228 -23.44 15.13 21.63
N LEU C 229 -22.77 15.61 20.59
CA LEU C 229 -21.32 15.80 20.61
C LEU C 229 -21.08 17.30 20.60
N VAL C 230 -20.40 17.82 21.61
CA VAL C 230 -20.11 19.24 21.70
C VAL C 230 -18.66 19.40 21.23
N ALA C 231 -18.50 19.94 20.03
CA ALA C 231 -17.19 20.03 19.39
C ALA C 231 -16.62 21.41 19.54
N SER C 232 -15.68 21.55 20.48
CA SER C 232 -15.02 22.82 20.80
C SER C 232 -13.75 22.57 21.63
N LYS C 233 -12.60 22.87 21.06
CA LYS C 233 -11.30 22.72 21.73
C LYS C 233 -11.27 23.41 23.11
N THR C 234 -11.68 24.67 23.13
CA THR C 234 -11.66 25.47 24.37
C THR C 234 -12.86 25.20 25.26
N PHE C 235 -13.92 24.69 24.64
CA PHE C 235 -15.20 24.49 25.28
C PHE C 235 -15.75 25.83 25.77
N THR C 236 -15.37 26.91 25.07
CA THR C 236 -15.89 28.26 25.35
C THR C 236 -16.30 29.01 24.05
N THR C 237 -16.25 28.34 22.88
CA THR C 237 -16.65 28.94 21.60
C THR C 237 -18.09 29.44 21.81
N GLN C 238 -18.33 30.73 21.49
N GLN C 238 -18.28 30.75 21.87
CA GLN C 238 -19.68 31.34 21.72
CA GLN C 238 -19.58 31.30 22.25
C GLN C 238 -20.86 30.58 21.11
C GLN C 238 -20.81 30.74 21.51
N GLU C 239 -20.91 30.50 19.78
N GLU C 239 -20.72 30.48 20.20
CA GLU C 239 -22.02 29.84 19.11
CA GLU C 239 -21.89 29.95 19.45
C GLU C 239 -22.21 28.42 19.60
C GLU C 239 -22.17 28.48 19.75
N THR C 240 -21.12 27.67 19.71
CA THR C 240 -21.22 26.27 20.07
C THR C 240 -21.71 26.09 21.50
N MET C 241 -21.22 26.90 22.42
CA MET C 241 -21.65 26.75 23.80
C MET C 241 -23.08 27.23 24.00
N THR C 242 -23.48 28.24 23.24
CA THR C 242 -24.87 28.68 23.30
C THR C 242 -25.78 27.54 22.85
N ASN C 243 -25.44 26.93 21.72
CA ASN C 243 -26.17 25.77 21.25
C ASN C 243 -26.14 24.62 22.26
N ALA C 244 -24.97 24.32 22.82
CA ALA C 244 -24.83 23.21 23.76
C ALA C 244 -25.70 23.43 24.98
N HIS C 245 -25.73 24.66 25.48
CA HIS C 245 -26.56 24.94 26.65
C HIS C 245 -28.04 24.86 26.34
N THR C 246 -28.44 25.28 25.14
CA THR C 246 -29.83 25.12 24.72
C THR C 246 -30.19 23.63 24.69
N ALA C 247 -29.32 22.81 24.12
CA ALA C 247 -29.56 21.35 24.09
C ALA C 247 -29.60 20.76 25.49
N ARG C 248 -28.72 21.21 26.39
CA ARG C 248 -28.67 20.69 27.75
C ARG C 248 -29.97 21.06 28.48
N ASP C 249 -30.46 22.29 28.29
CA ASP C 249 -31.71 22.70 28.93
C ASP C 249 -32.88 21.82 28.49
N TRP C 250 -32.94 21.58 27.18
CA TRP C 250 -33.99 20.75 26.57
C TRP C 250 -33.92 19.34 27.12
N PHE C 251 -32.70 18.82 27.23
CA PHE C 251 -32.49 17.49 27.76
C PHE C 251 -32.95 17.40 29.21
N LEU C 252 -32.54 18.38 30.03
CA LEU C 252 -32.89 18.36 31.45
C LEU C 252 -34.40 18.55 31.71
N LYS C 253 -35.12 19.19 30.79
N LYS C 253 -35.10 19.18 30.78
CA LYS C 253 -36.56 19.30 30.96
CA LYS C 253 -36.55 19.32 30.93
C LYS C 253 -37.15 17.90 31.02
C LYS C 253 -37.18 17.93 30.97
N ALA C 254 -36.60 16.99 30.22
CA ALA C 254 -37.04 15.61 30.18
C ALA C 254 -36.40 14.72 31.26
N ALA C 255 -35.12 14.93 31.56
CA ALA C 255 -34.37 14.04 32.46
C ALA C 255 -34.26 14.49 33.92
N GLY C 256 -34.34 15.80 34.15
CA GLY C 256 -34.28 16.38 35.51
C GLY C 256 -32.92 16.42 36.21
N ASP C 257 -32.35 15.25 36.40
CA ASP C 257 -31.10 15.08 37.14
C ASP C 257 -29.90 15.26 36.20
N GLU C 258 -29.05 16.22 36.52
N GLU C 258 -29.04 16.22 36.49
CA GLU C 258 -27.85 16.50 35.72
CA GLU C 258 -27.88 16.48 35.64
C GLU C 258 -26.93 15.29 35.59
C GLU C 258 -26.92 15.27 35.58
N ALA C 259 -27.05 14.32 36.51
CA ALA C 259 -26.24 13.09 36.45
C ALA C 259 -26.45 12.38 35.10
N HIS C 260 -27.66 12.51 34.56
CA HIS C 260 -28.01 11.86 33.28
C HIS C 260 -27.34 12.49 32.07
N VAL C 261 -26.80 13.69 32.21
CA VAL C 261 -26.11 14.35 31.10
C VAL C 261 -24.97 13.48 30.58
N ALA C 262 -24.33 12.74 31.49
CA ALA C 262 -23.20 11.87 31.11
C ALA C 262 -23.55 10.74 30.14
N LYS C 263 -24.82 10.36 30.01
CA LYS C 263 -25.23 9.33 29.06
C LYS C 263 -25.63 9.92 27.71
N HIS C 264 -25.70 11.25 27.61
CA HIS C 264 -26.23 11.92 26.42
C HIS C 264 -25.37 13.01 25.80
N PHE C 265 -24.23 13.31 26.40
CA PHE C 265 -23.35 14.34 25.90
C PHE C 265 -21.89 13.88 25.99
N ALA C 266 -21.17 14.10 24.90
CA ALA C 266 -19.73 13.82 24.81
C ALA C 266 -19.07 15.12 24.32
N ALA C 267 -17.77 15.26 24.55
CA ALA C 267 -17.03 16.45 24.15
C ALA C 267 -15.86 16.12 23.27
N LEU C 268 -15.65 16.95 22.25
CA LEU C 268 -14.48 16.84 21.36
C LEU C 268 -13.77 18.14 21.77
N SER C 269 -12.85 17.99 22.73
CA SER C 269 -12.25 19.13 23.46
C SER C 269 -11.06 18.72 24.31
N THR C 270 -10.37 19.71 24.85
CA THR C 270 -9.27 19.47 25.82
C THR C 270 -9.49 20.19 27.15
N ASN C 271 -10.60 20.90 27.30
CA ASN C 271 -10.89 21.61 28.54
C ASN C 271 -11.68 20.70 29.49
N GLY C 272 -10.94 19.85 30.21
CA GLY C 272 -11.54 18.88 31.11
C GLY C 272 -12.37 19.49 32.23
N LYS C 273 -11.90 20.60 32.79
CA LYS C 273 -12.64 21.28 33.85
C LYS C 273 -14.02 21.71 33.33
N ALA C 274 -14.04 22.43 32.21
CA ALA C 274 -15.30 22.92 31.62
C ALA C 274 -16.23 21.78 31.23
N VAL C 275 -15.63 20.72 30.68
CA VAL C 275 -16.38 19.55 30.25
C VAL C 275 -17.06 18.87 31.43
N ALA C 276 -16.31 18.67 32.51
CA ALA C 276 -16.88 18.07 33.71
C ALA C 276 -17.98 18.97 34.31
N GLU C 277 -17.73 20.28 34.29
CA GLU C 277 -18.74 21.24 34.81
C GLU C 277 -20.06 21.14 34.04
N PHE C 278 -19.95 20.92 32.73
CA PHE C 278 -21.12 20.79 31.87
C PHE C 278 -21.92 19.53 32.25
N GLY C 279 -21.25 18.53 32.80
CA GLY C 279 -21.88 17.27 33.20
C GLY C 279 -21.42 16.07 32.39
N ILE C 280 -20.43 16.29 31.52
CA ILE C 280 -19.89 15.23 30.67
C ILE C 280 -18.81 14.43 31.45
N ASP C 281 -18.87 13.10 31.33
CA ASP C 281 -17.88 12.24 31.96
C ASP C 281 -16.61 12.44 31.15
N THR C 282 -15.48 12.75 31.79
CA THR C 282 -14.26 12.99 31.01
C THR C 282 -13.76 11.75 30.26
N ASP C 283 -14.29 10.58 30.59
CA ASP C 283 -14.04 9.38 29.79
C ASP C 283 -14.59 9.60 28.37
N ASN C 284 -15.59 10.49 28.26
CA ASN C 284 -16.18 10.84 26.97
C ASN C 284 -15.75 12.21 26.47
N MET C 285 -14.54 12.60 26.85
CA MET C 285 -13.88 13.77 26.27
C MET C 285 -12.83 13.16 25.35
N PHE C 286 -12.90 13.52 24.08
CA PHE C 286 -12.00 13.00 23.05
C PHE C 286 -11.13 14.18 22.65
N GLU C 287 -9.83 14.05 22.92
N GLU C 287 -9.83 14.06 22.93
CA GLU C 287 -8.91 15.15 22.75
CA GLU C 287 -8.91 15.18 22.76
C GLU C 287 -8.24 15.27 21.41
C GLU C 287 -8.25 15.27 21.41
N PHE C 288 -7.76 16.48 21.14
CA PHE C 288 -6.94 16.77 19.98
C PHE C 288 -5.92 17.80 20.45
N TRP C 289 -5.09 18.30 19.54
CA TRP C 289 -3.91 19.08 19.89
C TRP C 289 -3.79 20.39 19.17
N ASP C 290 -2.94 21.26 19.71
CA ASP C 290 -2.74 22.58 19.13
C ASP C 290 -2.30 22.56 17.67
N TRP C 291 -1.61 21.49 17.28
CA TRP C 291 -1.12 21.33 15.92
C TRP C 291 -2.15 20.79 14.93
N VAL C 292 -3.39 20.65 15.40
CA VAL C 292 -4.52 20.30 14.56
C VAL C 292 -5.33 21.58 14.33
N GLY C 293 -5.23 22.15 13.14
CA GLY C 293 -6.04 23.35 12.81
C GLY C 293 -7.50 22.94 12.68
N GLY C 294 -8.41 23.82 13.08
CA GLY C 294 -9.85 23.51 12.94
C GLY C 294 -10.25 23.07 11.56
N ARG C 295 -9.77 23.80 10.55
CA ARG C 295 -10.10 23.51 9.15
C ARG C 295 -9.36 22.29 8.56
N TYR C 296 -8.55 21.65 9.40
CA TYR C 296 -7.84 20.41 9.07
C TYR C 296 -8.11 19.37 10.14
N SER C 297 -9.25 19.48 10.83
CA SER C 297 -9.51 18.65 11.99
C SER C 297 -10.44 17.44 11.84
N LEU C 298 -11.06 17.25 10.68
CA LEU C 298 -12.01 16.13 10.55
C LEU C 298 -11.32 14.76 10.78
N TRP C 299 -10.00 14.73 10.63
CA TRP C 299 -9.19 13.52 10.78
C TRP C 299 -8.93 13.14 12.24
N SER C 300 -9.25 14.06 13.17
CA SER C 300 -9.01 13.92 14.61
C SER C 300 -10.29 13.52 15.32
N ALA C 301 -10.31 13.72 16.66
CA ALA C 301 -11.51 13.53 17.48
C ALA C 301 -12.73 14.26 16.91
N ILE C 302 -12.49 15.38 16.22
CA ILE C 302 -13.58 16.12 15.57
C ILE C 302 -14.36 15.25 14.59
N GLY C 303 -13.73 14.21 14.07
CA GLY C 303 -14.40 13.26 13.19
C GLY C 303 -15.26 12.23 13.90
N LEU C 304 -15.48 12.35 15.22
CA LEU C 304 -16.27 11.33 15.91
C LEU C 304 -17.66 11.18 15.28
N SER C 305 -18.29 12.28 14.84
CA SER C 305 -19.59 12.12 14.21
C SER C 305 -19.50 11.30 12.92
N ILE C 306 -18.37 11.39 12.21
CA ILE C 306 -18.18 10.59 11.01
C ILE C 306 -18.12 9.11 11.44
N ILE C 307 -17.32 8.81 12.45
CA ILE C 307 -17.20 7.45 12.98
C ILE C 307 -18.56 6.92 13.40
N LEU C 308 -19.35 7.72 14.09
CA LEU C 308 -20.66 7.28 14.53
C LEU C 308 -21.63 7.04 13.37
N SER C 309 -21.48 7.83 12.30
CA SER C 309 -22.37 7.68 11.15
C SER C 309 -22.05 6.51 10.21
N ILE C 310 -20.77 6.30 9.93
CA ILE C 310 -20.34 5.29 8.96
C ILE C 310 -19.50 4.15 9.54
N GLY C 311 -19.19 4.24 10.82
CA GLY C 311 -18.39 3.23 11.51
C GLY C 311 -16.91 3.48 11.42
N TYR C 312 -16.17 2.92 12.37
CA TYR C 312 -14.73 3.11 12.45
C TYR C 312 -14.00 2.46 11.27
N ASP C 313 -14.48 1.31 10.76
CA ASP C 313 -13.83 0.68 9.60
C ASP C 313 -13.77 1.69 8.44
N ASN C 314 -14.90 2.33 8.15
CA ASN C 314 -14.98 3.31 7.08
C ASN C 314 -14.18 4.57 7.38
N PHE C 315 -14.20 5.02 8.63
CA PHE C 315 -13.38 6.17 9.00
C PHE C 315 -11.89 5.88 8.73
N VAL C 316 -11.43 4.68 9.10
CA VAL C 316 -10.04 4.31 8.83
C VAL C 316 -9.73 4.29 7.34
N GLU C 317 -10.68 3.85 6.51
CA GLU C 317 -10.51 3.89 5.06
C GLU C 317 -10.31 5.34 4.61
N LEU C 318 -11.08 6.26 5.20
CA LEU C 318 -10.93 7.70 4.90
C LEU C 318 -9.52 8.16 5.30
N LEU C 319 -9.08 7.83 6.53
CA LEU C 319 -7.70 8.19 6.96
C LEU C 319 -6.66 7.56 6.03
N ALA C 320 -6.87 6.31 5.65
CA ALA C 320 -5.89 5.61 4.81
C ALA C 320 -5.78 6.28 3.43
N GLY C 321 -6.90 6.74 2.90
CA GLY C 321 -6.87 7.47 1.62
C GLY C 321 -6.06 8.75 1.74
N ALA C 322 -6.27 9.50 2.82
CA ALA C 322 -5.47 10.69 3.03
C ALA C 322 -3.98 10.34 3.14
N HIS C 323 -3.67 9.28 3.88
CA HIS C 323 -2.29 8.83 4.08
C HIS C 323 -1.60 8.47 2.74
N GLU C 324 -2.32 7.77 1.85
CA GLU C 324 -1.81 7.43 0.51
C GLU C 324 -1.43 8.71 -0.25
N MET C 325 -2.30 9.72 -0.14
CA MET C 325 -2.03 11.00 -0.80
C MET C 325 -0.87 11.73 -0.13
N ASP C 326 -0.76 11.63 1.19
CA ASP C 326 0.37 12.23 1.90
C ASP C 326 1.68 11.61 1.40
N GLN C 327 1.68 10.29 1.23
CA GLN C 327 2.87 9.59 0.75
C GLN C 327 3.24 10.05 -0.66
N HIS C 328 2.24 10.18 -1.52
CA HIS C 328 2.44 10.67 -2.87
C HIS C 328 3.04 12.06 -2.87
N PHE C 329 2.49 12.92 -2.03
CA PHE C 329 2.92 14.32 -1.96
C PHE C 329 4.37 14.48 -1.54
N VAL C 330 4.77 13.71 -0.53
N VAL C 330 4.78 13.70 -0.53
CA VAL C 330 6.14 13.74 -0.04
CA VAL C 330 6.15 13.80 -0.05
C VAL C 330 7.16 13.08 -0.98
C VAL C 330 7.18 13.04 -0.93
N ASN C 331 6.75 11.98 -1.61
CA ASN C 331 7.69 11.16 -2.40
C ASN C 331 7.79 11.34 -3.91
N THR C 332 6.92 12.15 -4.49
CA THR C 332 6.88 12.30 -5.93
C THR C 332 7.55 13.58 -6.46
N PRO C 333 8.42 13.45 -7.51
CA PRO C 333 9.02 14.63 -8.12
C PRO C 333 7.91 15.56 -8.58
N PHE C 334 8.16 16.85 -8.53
CA PHE C 334 7.12 17.84 -8.81
C PHE C 334 6.39 17.63 -10.13
N GLU C 335 7.11 17.20 -11.16
CA GLU C 335 6.51 17.02 -12.48
C GLU C 335 5.39 15.98 -12.56
N SER C 336 5.29 15.11 -11.57
N SER C 336 5.29 15.11 -11.56
CA SER C 336 4.24 14.10 -11.51
CA SER C 336 4.27 14.08 -11.50
C SER C 336 3.51 14.13 -10.16
C SER C 336 3.51 14.14 -10.17
N ASN C 337 3.70 15.22 -9.41
CA ASN C 337 3.12 15.40 -8.08
C ASN C 337 1.80 16.16 -8.20
N ILE C 338 0.69 15.45 -8.01
CA ILE C 338 -0.63 16.00 -8.27
C ILE C 338 -0.94 17.30 -7.52
N PRO C 339 -0.76 17.33 -6.19
CA PRO C 339 -1.05 18.61 -5.52
C PRO C 339 -0.18 19.78 -6.00
N VAL C 340 1.08 19.52 -6.33
CA VAL C 340 1.99 20.56 -6.81
C VAL C 340 1.52 21.08 -8.18
N ILE C 341 1.18 20.15 -9.07
CA ILE C 341 0.71 20.54 -10.42
C ILE C 341 -0.55 21.39 -10.29
N LEU C 342 -1.52 20.92 -9.52
CA LEU C 342 -2.76 21.67 -9.36
C LEU C 342 -2.50 23.03 -8.75
N ALA C 343 -1.65 23.09 -7.73
CA ALA C 343 -1.34 24.37 -7.09
C ALA C 343 -0.70 25.34 -8.08
N LEU C 344 0.23 24.84 -8.90
CA LEU C 344 0.94 25.70 -9.84
C LEU C 344 0.04 26.24 -10.94
N ILE C 345 -0.80 25.37 -11.47
CA ILE C 345 -1.78 25.80 -12.47
C ILE C 345 -2.69 26.89 -11.87
N GLY C 346 -3.11 26.68 -10.62
CA GLY C 346 -3.92 27.68 -9.94
C GLY C 346 -3.22 29.03 -9.81
N ILE C 347 -1.93 29.01 -9.48
CA ILE C 347 -1.13 30.23 -9.40
C ILE C 347 -1.07 30.93 -10.77
N TRP C 348 -0.91 30.17 -11.83
CA TRP C 348 -0.91 30.75 -13.17
C TRP C 348 -2.18 31.57 -13.40
N TYR C 349 -3.34 31.02 -13.01
CA TYR C 349 -4.58 31.77 -13.21
C TYR C 349 -4.76 32.92 -12.23
N ASN C 350 -4.43 32.69 -10.98
CA ASN C 350 -4.62 33.70 -9.94
C ASN C 350 -3.70 34.90 -10.07
N ASN C 351 -2.43 34.64 -10.38
CA ASN C 351 -1.39 35.67 -10.39
C ASN C 351 -0.96 36.23 -11.73
N PHE C 352 -1.32 35.54 -12.80
CA PHE C 352 -0.95 35.96 -14.15
C PHE C 352 -2.16 36.31 -14.98
N HIS C 353 -3.14 35.43 -15.01
CA HIS C 353 -4.40 35.73 -15.70
C HIS C 353 -5.34 36.64 -14.89
N GLY C 354 -5.07 36.80 -13.60
CA GLY C 354 -5.90 37.67 -12.74
C GLY C 354 -7.28 37.16 -12.39
N ALA C 355 -7.48 35.85 -12.45
CA ALA C 355 -8.78 35.26 -12.09
C ALA C 355 -8.93 35.26 -10.59
N GLU C 356 -10.06 35.76 -10.10
CA GLU C 356 -10.26 35.88 -8.66
C GLU C 356 -10.82 34.63 -8.02
N SER C 357 -11.39 33.72 -8.81
CA SER C 357 -12.06 32.58 -8.21
C SER C 357 -11.71 31.24 -8.85
N GLU C 358 -12.14 30.18 -8.19
CA GLU C 358 -12.02 28.81 -8.67
C GLU C 358 -13.36 28.16 -8.34
N ALA C 359 -13.93 27.45 -9.30
CA ALA C 359 -15.17 26.71 -9.07
C ALA C 359 -14.86 25.23 -8.92
N ILE C 360 -15.50 24.58 -7.97
CA ILE C 360 -15.36 23.13 -7.72
C ILE C 360 -16.73 22.56 -8.01
N LEU C 361 -16.78 21.64 -8.99
CA LEU C 361 -18.06 21.17 -9.53
C LEU C 361 -18.13 19.64 -9.57
N PRO C 362 -18.51 19.02 -8.44
N PRO C 362 -18.48 19.01 -8.43
CA PRO C 362 -18.63 17.56 -8.41
CA PRO C 362 -18.60 17.56 -8.45
C PRO C 362 -19.93 17.07 -9.04
C PRO C 362 -19.91 17.12 -9.09
N TYR C 363 -19.84 16.16 -10.01
CA TYR C 363 -21.02 15.60 -10.66
C TYR C 363 -21.45 14.42 -9.81
N ASP C 364 -21.93 14.77 -8.62
CA ASP C 364 -22.28 13.83 -7.59
C ASP C 364 -23.08 14.57 -6.52
N GLN C 365 -24.34 14.21 -6.40
CA GLN C 365 -25.22 14.83 -5.43
C GLN C 365 -24.76 14.60 -4.00
N TYR C 366 -24.21 13.43 -3.68
CA TYR C 366 -23.73 13.21 -2.31
C TYR C 366 -22.66 14.21 -1.92
N LEU C 367 -21.85 14.66 -2.90
CA LEU C 367 -20.80 15.66 -2.67
C LEU C 367 -21.31 17.11 -2.71
N HIS C 368 -22.58 17.32 -2.41
CA HIS C 368 -23.16 18.67 -2.45
C HIS C 368 -22.53 19.68 -1.49
N ARG C 369 -21.79 19.23 -0.46
CA ARG C 369 -21.13 20.16 0.46
C ARG C 369 -19.61 20.21 0.31
N PHE C 370 -19.10 19.60 -0.75
CA PHE C 370 -17.66 19.54 -0.98
C PHE C 370 -17.05 20.92 -1.24
N ALA C 371 -17.64 21.68 -2.17
CA ALA C 371 -17.11 23.03 -2.44
C ALA C 371 -17.20 23.91 -1.19
N ALA C 372 -18.30 23.83 -0.46
CA ALA C 372 -18.45 24.62 0.77
C ALA C 372 -17.36 24.32 1.80
N TYR C 373 -16.96 23.05 1.89
CA TYR C 373 -15.90 22.65 2.78
C TYR C 373 -14.59 23.35 2.42
N PHE C 374 -14.29 23.39 1.12
CA PHE C 374 -13.07 24.05 0.65
C PHE C 374 -13.13 25.55 0.71
N GLN C 375 -14.32 26.15 0.86
CA GLN C 375 -14.35 27.58 1.14
C GLN C 375 -13.56 27.84 2.41
N GLN C 376 -13.76 27.06 3.48
CA GLN C 376 -12.98 27.26 4.68
C GLN C 376 -11.53 26.80 4.51
N GLY C 377 -11.36 25.56 4.05
CA GLY C 377 -10.02 25.01 3.95
C GLY C 377 -9.09 25.88 3.13
N ASN C 378 -9.58 26.35 2.00
CA ASN C 378 -8.78 27.18 1.12
C ASN C 378 -8.76 28.64 1.56
N MET C 379 -9.93 29.26 1.67
CA MET C 379 -10.00 30.69 1.90
C MET C 379 -9.51 31.13 3.26
N GLU C 380 -9.81 30.36 4.31
CA GLU C 380 -9.31 30.72 5.62
C GLU C 380 -7.79 30.49 5.72
N SER C 381 -7.27 29.55 4.93
CA SER C 381 -5.84 29.34 4.92
C SER C 381 -5.10 30.41 4.18
N ASN C 382 -5.51 30.68 2.94
CA ASN C 382 -4.73 31.54 2.06
C ASN C 382 -5.25 32.94 1.79
N GLY C 383 -6.32 33.31 2.50
CA GLY C 383 -6.88 34.66 2.43
C GLY C 383 -6.07 35.53 3.36
N LYS C 384 -4.85 35.86 2.94
CA LYS C 384 -3.86 36.54 3.77
C LYS C 384 -3.20 37.66 2.95
N TYR C 385 -2.68 38.66 3.63
CA TYR C 385 -2.05 39.79 2.92
C TYR C 385 -0.70 40.22 3.45
N VAL C 386 -0.20 39.53 4.49
CA VAL C 386 1.11 39.83 5.06
C VAL C 386 1.98 38.59 4.86
N ASP C 387 3.16 38.79 4.30
CA ASP C 387 4.06 37.67 4.02
C ASP C 387 4.78 37.18 5.28
N ARG C 388 5.55 36.10 5.15
CA ARG C 388 6.19 35.47 6.29
C ARG C 388 7.24 36.33 6.98
N ASN C 389 7.72 37.35 6.29
CA ASN C 389 8.70 38.30 6.87
C ASN C 389 8.00 39.49 7.52
N GLY C 390 6.67 39.48 7.51
CA GLY C 390 5.88 40.54 8.10
C GLY C 390 5.64 41.74 7.22
N ASN C 391 5.89 41.60 5.91
CA ASN C 391 5.70 42.68 4.94
C ASN C 391 4.44 42.48 4.12
N PRO C 392 3.72 43.56 3.80
CA PRO C 392 2.50 43.38 3.00
C PRO C 392 2.81 42.80 1.62
N VAL C 393 2.00 41.86 1.16
CA VAL C 393 2.19 41.28 -0.18
C VAL C 393 1.86 42.33 -1.23
N THR C 394 2.53 42.21 -2.38
CA THR C 394 2.33 43.06 -3.53
C THR C 394 1.81 42.24 -4.72
N TYR C 395 1.13 41.14 -4.41
CA TYR C 395 0.63 40.18 -5.39
C TYR C 395 -0.60 39.51 -4.80
N GLN C 396 -1.33 38.79 -5.62
CA GLN C 396 -2.54 38.11 -5.20
C GLN C 396 -2.25 36.86 -4.41
N THR C 397 -3.04 36.63 -3.35
CA THR C 397 -2.99 35.41 -2.60
C THR C 397 -4.28 34.59 -2.91
N GLY C 398 -4.85 33.95 -1.90
CA GLY C 398 -5.93 33.01 -2.12
C GLY C 398 -7.10 33.46 -2.96
N PRO C 399 -7.64 32.54 -3.79
CA PRO C 399 -8.82 32.87 -4.57
C PRO C 399 -10.13 32.57 -3.82
N ILE C 400 -11.23 33.03 -4.38
CA ILE C 400 -12.56 32.72 -3.86
C ILE C 400 -12.97 31.36 -4.41
N ILE C 401 -13.38 30.45 -3.54
CA ILE C 401 -13.82 29.11 -3.91
C ILE C 401 -15.34 29.08 -3.85
N TRP C 402 -15.97 28.46 -4.85
CA TRP C 402 -17.42 28.36 -4.90
C TRP C 402 -17.82 27.20 -5.79
N GLY C 403 -19.10 26.90 -5.87
CA GLY C 403 -19.59 25.84 -6.76
C GLY C 403 -20.82 25.14 -6.21
N GLU C 404 -21.47 24.38 -7.11
CA GLU C 404 -22.62 23.53 -6.79
C GLU C 404 -22.40 22.23 -7.57
N PRO C 405 -22.91 21.11 -7.07
CA PRO C 405 -22.73 19.88 -7.82
C PRO C 405 -23.45 19.88 -9.18
N GLY C 406 -22.86 19.19 -10.15
CA GLY C 406 -23.51 18.99 -11.43
C GLY C 406 -24.54 17.88 -11.26
N THR C 407 -25.67 17.91 -12.00
CA THR C 407 -25.98 18.95 -13.00
C THR C 407 -26.68 20.21 -12.43
N ASN C 408 -26.86 20.31 -11.12
CA ASN C 408 -27.57 21.46 -10.52
C ASN C 408 -26.90 22.80 -10.85
N GLY C 409 -25.59 22.90 -10.67
CA GLY C 409 -24.90 24.14 -10.94
C GLY C 409 -24.89 24.42 -12.42
N GLN C 410 -24.81 23.36 -13.20
CA GLN C 410 -24.82 23.45 -14.64
C GLN C 410 -26.05 24.21 -15.14
N HIS C 411 -27.21 23.94 -14.55
CA HIS C 411 -28.44 24.60 -14.96
C HIS C 411 -28.72 25.91 -14.22
N ALA C 412 -27.79 26.34 -13.39
CA ALA C 412 -27.90 27.60 -12.66
C ALA C 412 -27.02 28.67 -13.26
N PHE C 413 -25.71 28.44 -13.28
CA PHE C 413 -24.76 29.52 -13.56
C PHE C 413 -23.74 29.29 -14.67
N TYR C 414 -23.80 28.15 -15.34
CA TYR C 414 -22.81 27.90 -16.40
C TYR C 414 -22.93 28.89 -17.56
N GLN C 415 -24.10 29.50 -17.77
CA GLN C 415 -24.19 30.56 -18.78
C GLN C 415 -23.04 31.57 -18.64
N LEU C 416 -22.74 31.98 -17.41
CA LEU C 416 -21.69 32.95 -17.17
C LEU C 416 -20.30 32.37 -17.38
N ILE C 417 -20.11 31.10 -17.04
CA ILE C 417 -18.81 30.47 -17.26
C ILE C 417 -18.52 30.39 -18.76
N HIS C 418 -19.53 30.05 -19.55
CA HIS C 418 -19.35 29.95 -21.00
C HIS C 418 -19.31 31.27 -21.76
N GLN C 419 -20.14 32.23 -21.35
CA GLN C 419 -20.30 33.48 -22.12
C GLN C 419 -20.24 34.79 -21.32
N GLY C 420 -19.67 34.74 -20.14
CA GLY C 420 -19.47 35.94 -19.33
C GLY C 420 -18.14 36.58 -19.63
N THR C 421 -17.74 37.50 -18.76
CA THR C 421 -16.50 38.29 -18.92
C THR C 421 -15.46 37.99 -17.85
N LYS C 422 -15.66 36.91 -17.10
CA LYS C 422 -14.72 36.47 -16.05
C LYS C 422 -14.14 35.12 -16.42
N LEU C 423 -12.85 34.95 -16.12
CA LEU C 423 -12.14 33.69 -16.29
C LEU C 423 -12.35 32.95 -14.98
N ILE C 424 -12.91 31.75 -15.08
CA ILE C 424 -13.24 30.93 -13.91
C ILE C 424 -12.72 29.52 -14.11
N PRO C 425 -11.49 29.25 -13.62
CA PRO C 425 -10.99 27.87 -13.71
C PRO C 425 -11.93 26.97 -12.94
N CYS C 426 -12.25 25.80 -13.49
CA CYS C 426 -13.17 24.85 -12.86
C CYS C 426 -12.54 23.48 -12.68
N ASP C 427 -12.79 22.87 -11.54
CA ASP C 427 -12.43 21.49 -11.28
C ASP C 427 -13.69 20.67 -11.34
N PHE C 428 -13.80 19.85 -12.38
CA PHE C 428 -14.94 18.93 -12.58
C PHE C 428 -14.52 17.60 -11.96
N ILE C 429 -15.34 17.04 -11.06
CA ILE C 429 -15.00 15.79 -10.37
C ILE C 429 -16.17 14.82 -10.53
N ALA C 430 -15.91 13.56 -10.87
CA ALA C 430 -17.00 12.60 -11.00
C ALA C 430 -16.54 11.19 -10.80
N PRO C 431 -17.43 10.30 -10.30
CA PRO C 431 -17.13 8.89 -10.21
C PRO C 431 -17.64 8.18 -11.45
N ALA C 432 -16.93 7.15 -11.88
CA ALA C 432 -17.37 6.33 -13.01
C ALA C 432 -18.54 5.42 -12.67
N VAL C 433 -18.59 4.99 -11.41
CA VAL C 433 -19.60 4.07 -10.92
C VAL C 433 -20.42 4.72 -9.80
N SER C 434 -21.73 4.76 -10.00
CA SER C 434 -22.65 5.29 -9.02
C SER C 434 -22.98 4.23 -7.98
N HIS C 435 -23.32 4.66 -6.77
CA HIS C 435 -23.83 3.76 -5.75
C HIS C 435 -25.30 3.43 -5.98
N ASN C 436 -25.95 4.18 -6.86
CA ASN C 436 -27.35 3.98 -7.17
C ASN C 436 -27.43 3.48 -8.61
N LEU C 437 -27.80 2.22 -8.79
CA LEU C 437 -27.82 1.63 -10.13
C LEU C 437 -29.22 1.70 -10.70
N VAL C 438 -29.67 2.92 -10.95
CA VAL C 438 -31.03 3.17 -11.42
C VAL C 438 -31.07 3.60 -12.88
N GLY C 439 -31.66 2.76 -13.73
CA GLY C 439 -31.80 3.10 -15.15
C GLY C 439 -30.52 3.63 -15.79
N ASP C 440 -30.69 4.65 -16.62
CA ASP C 440 -29.55 5.25 -17.33
C ASP C 440 -29.16 6.61 -16.79
N HIS C 441 -29.54 6.91 -15.55
CA HIS C 441 -29.21 8.20 -14.95
C HIS C 441 -27.71 8.47 -14.99
N HIS C 442 -26.87 7.49 -14.67
CA HIS C 442 -25.44 7.78 -14.58
C HIS C 442 -24.82 8.08 -15.93
N GLN C 443 -25.22 7.36 -16.98
CA GLN C 443 -24.70 7.67 -18.31
C GLN C 443 -25.12 9.08 -18.73
N LYS C 444 -26.34 9.47 -18.38
CA LYS C 444 -26.81 10.82 -18.68
C LYS C 444 -25.98 11.85 -17.91
N LEU C 445 -25.79 11.63 -16.61
CA LEU C 445 -24.97 12.51 -15.80
C LEU C 445 -23.57 12.65 -16.40
N MET C 446 -22.96 11.52 -16.71
CA MET C 446 -21.59 11.53 -17.23
C MET C 446 -21.45 12.17 -18.60
N SER C 447 -22.48 12.05 -19.43
CA SER C 447 -22.44 12.67 -20.75
C SER C 447 -22.27 14.18 -20.56
N ASN C 448 -22.90 14.75 -19.54
CA ASN C 448 -22.73 16.16 -19.21
C ASN C 448 -21.36 16.48 -18.65
N PHE C 449 -20.84 15.63 -17.77
CA PHE C 449 -19.51 15.81 -17.21
C PHE C 449 -18.45 15.93 -18.32
N PHE C 450 -18.50 15.04 -19.31
CA PHE C 450 -17.51 15.05 -20.38
C PHE C 450 -17.78 16.21 -21.35
N ALA C 451 -19.04 16.42 -21.70
CA ALA C 451 -19.40 17.45 -22.68
C ALA C 451 -19.11 18.87 -22.21
N GLN C 452 -19.32 19.16 -20.94
CA GLN C 452 -19.14 20.54 -20.47
C GLN C 452 -17.72 20.99 -20.59
N THR C 453 -16.76 20.14 -20.22
CA THR C 453 -15.36 20.55 -20.31
C THR C 453 -14.92 20.69 -21.77
N GLU C 454 -15.44 19.83 -22.64
CA GLU C 454 -15.19 19.90 -24.08
C GLU C 454 -15.74 21.24 -24.65
N ALA C 455 -16.96 21.56 -24.26
CA ALA C 455 -17.59 22.82 -24.66
C ALA C 455 -16.78 24.02 -24.17
N LEU C 456 -16.43 24.01 -22.89
CA LEU C 456 -15.65 25.09 -22.29
C LEU C 456 -14.31 25.30 -22.97
N ALA C 457 -13.60 24.21 -23.30
CA ALA C 457 -12.29 24.33 -23.90
C ALA C 457 -12.30 24.85 -25.32
N PHE C 458 -13.17 24.26 -26.12
CA PHE C 458 -13.11 24.47 -27.57
C PHE C 458 -14.14 25.40 -28.17
N GLY C 459 -15.25 25.61 -27.48
CA GLY C 459 -16.27 26.51 -27.95
C GLY C 459 -16.86 26.15 -29.30
N LYS C 460 -17.33 27.17 -30.01
CA LYS C 460 -17.95 27.05 -31.33
C LYS C 460 -17.84 28.41 -31.96
N SER C 461 -17.15 28.48 -33.08
CA SER C 461 -16.83 29.75 -33.70
C SER C 461 -17.94 30.38 -34.48
N ALA C 462 -17.74 31.67 -34.77
CA ALA C 462 -18.70 32.43 -35.57
C ALA C 462 -18.82 31.78 -36.96
N GLN C 463 -17.71 31.32 -37.53
N GLN C 463 -17.71 31.30 -37.50
CA GLN C 463 -17.81 30.67 -38.85
CA GLN C 463 -17.72 30.64 -38.82
C GLN C 463 -18.64 29.39 -38.80
C GLN C 463 -18.62 29.41 -38.79
N ALA C 464 -18.47 28.60 -37.75
CA ALA C 464 -19.22 27.36 -37.61
C ALA C 464 -20.70 27.66 -37.41
N VAL C 465 -21.00 28.62 -36.55
CA VAL C 465 -22.41 28.96 -36.32
C VAL C 465 -23.06 29.51 -37.57
N GLN C 466 -22.37 30.40 -38.27
CA GLN C 466 -22.90 30.97 -39.49
C GLN C 466 -23.18 29.88 -40.55
N ALA C 467 -22.24 28.94 -40.71
CA ALA C 467 -22.43 27.88 -41.69
C ALA C 467 -23.66 27.03 -41.32
N GLU C 468 -23.87 26.75 -40.04
N GLU C 468 -23.86 26.80 -40.03
CA GLU C 468 -25.03 25.95 -39.65
CA GLU C 468 -24.98 26.03 -39.53
C GLU C 468 -26.34 26.68 -39.96
C GLU C 468 -26.31 26.73 -39.82
N LEU C 469 -26.39 27.97 -39.62
N LEU C 469 -26.34 28.04 -39.59
CA LEU C 469 -27.59 28.76 -39.89
CA LEU C 469 -27.56 28.79 -39.87
C LEU C 469 -27.85 28.90 -41.38
C LEU C 469 -27.85 28.89 -41.36
N GLU C 470 -26.80 29.04 -42.17
CA GLU C 470 -26.97 29.11 -43.62
C GLU C 470 -27.57 27.79 -44.14
N LYS C 471 -27.04 26.67 -43.65
CA LYS C 471 -27.55 25.36 -44.06
C LYS C 471 -28.99 25.19 -43.62
N ALA C 472 -29.37 25.81 -42.51
CA ALA C 472 -30.74 25.73 -41.96
C ALA C 472 -31.73 26.68 -42.64
N GLY C 473 -31.29 27.36 -43.69
CA GLY C 473 -32.16 28.22 -44.48
C GLY C 473 -32.34 29.62 -43.96
N LYS C 474 -31.47 30.06 -43.05
CA LYS C 474 -31.60 31.40 -42.45
C LYS C 474 -31.12 32.49 -43.40
N SER C 475 -31.72 33.68 -43.27
CA SER C 475 -31.34 34.82 -44.08
C SER C 475 -30.15 35.55 -43.50
N ALA C 476 -29.57 36.44 -44.31
CA ALA C 476 -28.45 37.23 -43.86
C ALA C 476 -28.87 38.09 -42.66
N ALA C 477 -30.10 38.60 -42.69
CA ALA C 477 -30.61 39.41 -41.57
C ALA C 477 -30.69 38.58 -40.28
N GLU C 478 -31.20 37.36 -40.38
CA GLU C 478 -31.30 36.48 -39.23
C GLU C 478 -29.91 36.14 -38.69
N ILE C 479 -28.98 35.89 -39.58
CA ILE C 479 -27.62 35.55 -39.22
C ILE C 479 -26.95 36.73 -38.51
N ALA C 480 -27.12 37.94 -39.04
CA ALA C 480 -26.51 39.11 -38.37
C ALA C 480 -27.11 39.35 -36.99
N ALA C 481 -28.38 39.07 -36.83
CA ALA C 481 -29.06 39.29 -35.57
C ALA C 481 -28.77 38.24 -34.49
N LEU C 482 -28.42 37.02 -34.91
N LEU C 482 -28.46 37.00 -34.90
CA LEU C 482 -28.30 35.93 -33.96
CA LEU C 482 -28.28 35.90 -33.93
C LEU C 482 -26.91 35.29 -33.78
C LEU C 482 -26.89 35.32 -33.76
N VAL C 483 -26.11 35.23 -34.84
CA VAL C 483 -24.78 34.59 -34.74
C VAL C 483 -23.93 35.08 -33.56
N PRO C 484 -23.84 36.40 -33.36
CA PRO C 484 -22.97 36.87 -32.26
C PRO C 484 -23.31 36.25 -30.92
N PHE C 485 -24.59 36.04 -30.67
CA PHE C 485 -25.04 35.55 -29.38
C PHE C 485 -24.86 34.06 -29.18
N LYS C 486 -24.67 33.36 -30.29
CA LYS C 486 -24.52 31.89 -30.31
C LYS C 486 -23.06 31.43 -30.38
N VAL C 487 -22.13 32.36 -30.43
CA VAL C 487 -20.72 32.03 -30.46
C VAL C 487 -20.21 31.71 -29.06
N PHE C 488 -19.43 30.64 -28.94
CA PHE C 488 -18.75 30.25 -27.72
C PHE C 488 -17.26 30.44 -27.99
N GLU C 489 -16.65 31.43 -27.36
N GLU C 489 -16.65 31.42 -27.35
CA GLU C 489 -15.24 31.70 -27.58
CA GLU C 489 -15.24 31.70 -27.57
C GLU C 489 -14.32 30.61 -27.05
C GLU C 489 -14.33 30.57 -27.09
N GLY C 490 -14.81 29.81 -26.09
CA GLY C 490 -14.00 28.74 -25.56
C GLY C 490 -12.82 29.26 -24.77
N ASN C 491 -11.77 28.43 -24.67
CA ASN C 491 -10.61 28.74 -23.85
C ASN C 491 -10.93 28.96 -22.38
N ARG C 492 -11.97 28.26 -21.92
CA ARG C 492 -12.37 28.26 -20.53
C ARG C 492 -11.72 26.99 -19.96
N PRO C 493 -10.72 27.16 -19.10
CA PRO C 493 -9.94 25.99 -18.65
C PRO C 493 -10.57 25.20 -17.55
N THR C 494 -10.29 23.91 -17.56
CA THR C 494 -10.79 23.01 -16.54
C THR C 494 -9.80 21.92 -16.22
N ASN C 495 -9.94 21.37 -15.03
CA ASN C 495 -9.35 20.09 -14.64
C ASN C 495 -10.50 19.10 -14.56
N SER C 496 -10.27 17.87 -14.96
CA SER C 496 -11.24 16.80 -14.79
C SER C 496 -10.62 15.72 -13.93
N ILE C 497 -11.27 15.42 -12.82
CA ILE C 497 -10.82 14.39 -11.90
C ILE C 497 -11.84 13.28 -11.95
N LEU C 498 -11.44 12.13 -12.49
CA LEU C 498 -12.31 10.99 -12.62
C LEU C 498 -11.87 9.93 -11.64
N VAL C 499 -12.79 9.50 -10.77
N VAL C 499 -12.81 9.50 -10.80
CA VAL C 499 -12.48 8.46 -9.80
CA VAL C 499 -12.58 8.51 -9.76
C VAL C 499 -13.35 7.27 -10.09
C VAL C 499 -13.36 7.26 -10.10
N LYS C 500 -12.87 6.09 -9.75
CA LYS C 500 -13.63 4.88 -10.04
C LYS C 500 -14.99 4.94 -9.35
N GLN C 501 -14.97 5.21 -8.05
CA GLN C 501 -16.18 5.32 -7.24
C GLN C 501 -15.82 6.18 -6.04
N ILE C 502 -16.79 6.95 -5.54
CA ILE C 502 -16.55 7.72 -4.32
C ILE C 502 -16.74 6.79 -3.13
N THR C 503 -15.64 6.43 -2.50
CA THR C 503 -15.60 5.54 -1.37
C THR C 503 -14.93 6.34 -0.23
N PRO C 504 -14.95 5.81 1.00
CA PRO C 504 -14.24 6.57 2.03
C PRO C 504 -12.78 6.80 1.65
N ARG C 505 -12.14 5.79 1.06
CA ARG C 505 -10.73 5.92 0.68
C ARG C 505 -10.52 6.97 -0.42
N THR C 506 -11.30 6.94 -1.50
CA THR C 506 -11.10 7.94 -2.55
C THR C 506 -11.47 9.35 -2.10
N LEU C 507 -12.46 9.46 -1.22
CA LEU C 507 -12.78 10.76 -0.64
C LEU C 507 -11.58 11.28 0.17
N GLY C 508 -10.96 10.40 0.97
CA GLY C 508 -9.77 10.80 1.73
C GLY C 508 -8.66 11.24 0.80
N ASN C 509 -8.48 10.50 -0.31
CA ASN C 509 -7.49 10.87 -1.33
C ASN C 509 -7.75 12.32 -1.78
N LEU C 510 -9.00 12.60 -2.15
CA LEU C 510 -9.38 13.92 -2.69
C LEU C 510 -9.22 15.05 -1.70
N ILE C 511 -9.65 14.84 -0.46
CA ILE C 511 -9.57 15.91 0.52
C ILE C 511 -8.11 16.25 0.78
N ALA C 512 -7.29 15.22 1.00
CA ALA C 512 -5.86 15.44 1.24
C ALA C 512 -5.17 16.10 0.04
N MET C 513 -5.57 15.74 -1.16
CA MET C 513 -5.01 16.32 -2.39
C MET C 513 -5.19 17.84 -2.34
N TYR C 514 -6.40 18.29 -2.03
CA TYR C 514 -6.66 19.74 -1.96
C TYR C 514 -5.98 20.39 -0.78
N GLU C 515 -5.91 19.71 0.36
CA GLU C 515 -5.14 20.24 1.49
C GLU C 515 -3.72 20.53 1.04
N HIS C 516 -3.09 19.61 0.33
CA HIS C 516 -1.71 19.83 -0.08
C HIS C 516 -1.58 20.89 -1.17
N LYS C 517 -2.57 20.98 -2.06
CA LYS C 517 -2.61 22.07 -3.04
C LYS C 517 -2.55 23.42 -2.31
N ILE C 518 -3.39 23.58 -1.30
CA ILE C 518 -3.46 24.79 -0.49
C ILE C 518 -2.11 25.08 0.19
N PHE C 519 -1.50 24.04 0.72
CA PHE C 519 -0.19 24.17 1.35
C PHE C 519 0.85 24.69 0.37
N VAL C 520 0.90 24.08 -0.83
CA VAL C 520 1.87 24.50 -1.82
C VAL C 520 1.70 25.97 -2.20
N GLN C 521 0.45 26.37 -2.43
CA GLN C 521 0.19 27.75 -2.80
C GLN C 521 0.65 28.71 -1.70
N GLY C 522 0.37 28.38 -0.44
CA GLY C 522 0.80 29.21 0.67
C GLY C 522 2.31 29.30 0.80
N VAL C 523 3.01 28.21 0.51
CA VAL C 523 4.47 28.23 0.54
C VAL C 523 4.98 29.21 -0.52
N ILE C 524 4.52 29.03 -1.75
CA ILE C 524 4.98 29.85 -2.86
C ILE C 524 4.60 31.32 -2.68
N TRP C 525 3.39 31.58 -2.18
CA TRP C 525 2.96 32.97 -1.93
C TRP C 525 3.63 33.61 -0.71
N ASN C 526 4.45 32.85 0.00
CA ASN C 526 5.18 33.41 1.13
C ASN C 526 4.26 33.95 2.22
N ILE C 527 3.18 33.22 2.48
CA ILE C 527 2.24 33.58 3.55
C ILE C 527 2.14 32.44 4.57
N PHE C 528 1.40 32.68 5.63
CA PHE C 528 1.18 31.70 6.68
C PHE C 528 -0.22 31.10 6.49
N SER C 529 -0.28 29.85 6.06
CA SER C 529 -1.55 29.21 5.76
C SER C 529 -2.32 28.64 6.93
N PHE C 530 -1.69 28.60 8.11
CA PHE C 530 -2.24 27.87 9.23
C PHE C 530 -2.71 28.64 10.44
N ASP C 531 -2.64 29.97 10.35
CA ASP C 531 -3.20 30.86 11.37
C ASP C 531 -4.49 31.51 10.79
N GLN C 532 -5.15 32.34 11.59
CA GLN C 532 -6.39 32.98 11.13
C GLN C 532 -6.68 34.18 12.01
N TRP C 533 -5.75 35.11 12.01
CA TRP C 533 -5.92 36.31 12.82
C TRP C 533 -7.07 37.20 12.36
N GLY C 534 -7.53 36.99 11.12
CA GLY C 534 -8.60 37.76 10.54
C GLY C 534 -9.97 37.51 11.13
N VAL C 535 -10.08 36.57 12.05
CA VAL C 535 -11.38 36.32 12.68
C VAL C 535 -11.59 37.09 13.97
N GLU C 536 -10.54 37.72 14.47
N GLU C 536 -10.54 37.69 14.50
CA GLU C 536 -10.60 38.37 15.79
CA GLU C 536 -10.59 38.34 15.82
C GLU C 536 -11.40 39.64 15.91
C GLU C 536 -11.37 39.65 15.94
N LEU C 537 -11.30 40.53 14.93
CA LEU C 537 -11.99 41.82 15.03
C LEU C 537 -13.49 41.70 15.13
N GLY C 538 -14.08 40.88 14.29
CA GLY C 538 -15.52 40.64 14.31
C GLY C 538 -16.00 40.13 15.66
N LYS C 539 -15.26 39.19 16.22
N LYS C 539 -15.17 39.29 16.29
CA LYS C 539 -15.62 38.62 17.52
CA LYS C 539 -15.49 38.78 17.62
C LYS C 539 -15.62 39.69 18.62
C LYS C 539 -15.39 39.88 18.68
N GLN C 540 -14.57 40.51 18.63
N GLN C 540 -14.35 40.71 18.61
CA GLN C 540 -14.41 41.61 19.59
CA GLN C 540 -14.22 41.78 19.57
C GLN C 540 -15.55 42.62 19.48
C GLN C 540 -15.42 42.73 19.49
N LEU C 541 -15.83 43.07 18.27
CA LEU C 541 -16.92 44.02 18.06
C LEU C 541 -18.27 43.44 18.42
N ALA C 542 -18.47 42.15 18.17
CA ALA C 542 -19.75 41.53 18.54
C ALA C 542 -19.90 41.49 20.05
N ASN C 543 -18.79 41.24 20.76
CA ASN C 543 -18.80 41.21 22.21
C ASN C 543 -19.23 42.57 22.79
N GLN C 544 -18.83 43.65 22.12
CA GLN C 544 -19.20 45.00 22.57
C GLN C 544 -20.66 45.33 22.30
N ILE C 545 -21.18 44.86 21.17
CA ILE C 545 -22.55 45.12 20.77
C ILE C 545 -23.57 44.28 21.52
N LEU C 546 -23.25 43.03 21.84
CA LEU C 546 -24.22 42.14 22.46
C LEU C 546 -24.99 42.74 23.65
N PRO C 547 -24.30 43.32 24.65
CA PRO C 547 -25.06 43.86 25.78
C PRO C 547 -25.96 45.03 25.41
N GLU C 548 -25.60 45.73 24.34
CA GLU C 548 -26.40 46.87 23.86
C GLU C 548 -27.72 46.45 23.23
N LEU C 549 -27.89 45.16 22.95
CA LEU C 549 -29.11 44.69 22.31
C LEU C 549 -30.17 44.20 23.28
N ALA C 550 -29.85 44.10 24.58
CA ALA C 550 -30.80 43.59 25.56
C ALA C 550 -32.03 44.46 25.77
N ASP C 551 -31.85 45.77 25.84
CA ASP C 551 -32.98 46.67 26.11
C ASP C 551 -33.44 47.47 24.89
N SER C 552 -34.42 48.37 25.09
CA SER C 552 -34.97 49.15 23.99
C SER C 552 -34.38 50.55 23.87
N ALA C 553 -33.37 50.87 24.70
CA ALA C 553 -32.78 52.21 24.70
C ALA C 553 -31.94 52.50 23.46
N ALA C 554 -31.92 53.77 23.06
CA ALA C 554 -31.15 54.21 21.90
C ALA C 554 -29.67 53.97 22.08
N VAL C 555 -29.01 53.57 21.00
CA VAL C 555 -27.58 53.30 20.99
C VAL C 555 -26.89 54.38 20.15
N THR C 556 -25.87 55.00 20.74
CA THR C 556 -25.12 56.07 20.09
C THR C 556 -23.61 55.86 20.12
N SER C 557 -23.17 54.67 20.54
CA SER C 557 -21.76 54.39 20.79
C SER C 557 -20.87 54.03 19.62
N HIS C 558 -21.44 53.95 18.42
CA HIS C 558 -20.69 53.54 17.24
C HIS C 558 -20.79 54.61 16.16
N ASP C 559 -20.38 54.24 14.95
CA ASP C 559 -20.55 55.08 13.77
C ASP C 559 -22.05 55.20 13.44
N SER C 560 -22.41 56.15 12.58
CA SER C 560 -23.83 56.37 12.31
C SER C 560 -24.56 55.18 11.70
N SER C 561 -23.87 54.36 10.90
CA SER C 561 -24.51 53.19 10.30
C SER C 561 -24.80 52.11 11.33
N THR C 562 -23.79 51.75 12.12
CA THR C 562 -24.01 50.76 13.16
C THR C 562 -25.10 51.23 14.12
N ASN C 563 -25.01 52.49 14.56
CA ASN C 563 -26.06 53.03 15.44
C ASN C 563 -27.43 52.94 14.76
N GLY C 564 -27.50 53.36 13.50
CA GLY C 564 -28.76 53.40 12.77
C GLY C 564 -29.38 52.02 12.63
N LEU C 565 -28.53 51.03 12.33
CA LEU C 565 -29.00 49.66 12.19
C LEU C 565 -29.49 49.10 13.52
N ILE C 566 -28.72 49.34 14.59
CA ILE C 566 -29.12 48.85 15.90
C ILE C 566 -30.42 49.50 16.35
N ASN C 567 -30.54 50.81 16.12
CA ASN C 567 -31.77 51.50 16.53
C ASN C 567 -32.98 51.07 15.71
N ALA C 568 -32.77 50.78 14.42
CA ALA C 568 -33.87 50.30 13.57
C ALA C 568 -34.29 48.90 14.03
N PHE C 569 -33.30 48.09 14.42
CA PHE C 569 -33.54 46.76 14.97
C PHE C 569 -34.43 46.84 16.21
N LYS C 570 -34.09 47.74 17.14
CA LYS C 570 -34.85 47.88 18.36
C LYS C 570 -36.27 48.33 18.08
N ALA C 571 -36.44 49.23 17.12
CA ALA C 571 -37.78 49.72 16.75
C ALA C 571 -38.61 48.61 16.08
N PHE C 572 -37.97 47.79 15.23
CA PHE C 572 -38.68 46.67 14.60
C PHE C 572 -39.12 45.63 15.62
N ARG C 573 -38.31 45.43 16.66
CA ARG C 573 -38.59 44.42 17.67
C ARG C 573 -39.67 44.90 18.64
N ALA C 574 -39.67 46.19 18.93
CA ALA C 574 -40.59 46.80 19.86
C ALA C 574 -41.81 47.31 19.13
N ALA D 24 -38.32 51.09 -30.71
CA ALA D 24 -38.45 50.36 -29.41
C ALA D 24 -38.10 51.29 -28.25
N MET D 25 -38.76 51.10 -27.12
N MET D 25 -38.78 51.08 -27.12
CA MET D 25 -38.47 51.88 -25.94
CA MET D 25 -38.50 51.84 -25.92
C MET D 25 -37.15 51.44 -25.28
C MET D 25 -37.15 51.45 -25.33
N LEU D 26 -36.81 50.16 -25.38
CA LEU D 26 -35.50 49.70 -24.88
C LEU D 26 -34.44 50.22 -25.85
N LYS D 27 -33.50 51.01 -25.33
CA LYS D 27 -32.42 51.54 -26.16
CA LYS D 27 -32.42 51.55 -26.15
C LYS D 27 -31.20 50.64 -26.03
N ASN D 28 -30.22 50.84 -26.90
CA ASN D 28 -28.98 50.05 -26.91
C ASN D 28 -27.75 50.92 -26.78
N ILE D 29 -27.70 51.73 -25.74
CA ILE D 29 -26.62 52.68 -25.57
C ILE D 29 -25.36 52.07 -24.99
N ASN D 30 -24.24 52.19 -25.69
CA ASN D 30 -22.97 51.69 -25.17
C ASN D 30 -22.60 52.53 -23.94
N PRO D 31 -22.47 51.88 -22.77
CA PRO D 31 -22.19 52.67 -21.59
C PRO D 31 -20.83 53.35 -21.56
N THR D 32 -19.82 52.73 -22.18
CA THR D 32 -18.47 53.22 -22.07
C THR D 32 -18.20 54.51 -22.79
N GLN D 33 -19.02 54.84 -23.77
CA GLN D 33 -18.81 56.10 -24.48
C GLN D 33 -19.73 57.23 -23.97
N THR D 34 -20.46 56.99 -22.87
CA THR D 34 -21.28 58.02 -22.26
C THR D 34 -20.41 59.03 -21.49
N GLN D 35 -20.91 60.25 -21.37
CA GLN D 35 -20.21 61.26 -20.57
C GLN D 35 -20.13 60.81 -19.11
N ALA D 36 -21.18 60.15 -18.62
CA ALA D 36 -21.21 59.71 -17.25
C ALA D 36 -20.12 58.68 -16.98
N TRP D 37 -19.93 57.74 -17.89
CA TRP D 37 -18.90 56.71 -17.69
C TRP D 37 -17.51 57.37 -17.68
N LYS D 38 -17.29 58.32 -18.58
CA LYS D 38 -16.01 59.03 -18.61
C LYS D 38 -15.81 59.80 -17.31
N ALA D 39 -16.89 60.37 -16.75
CA ALA D 39 -16.80 61.09 -15.48
C ALA D 39 -16.48 60.12 -14.33
N LEU D 40 -17.05 58.92 -14.38
CA LEU D 40 -16.77 57.90 -13.37
C LEU D 40 -15.30 57.50 -13.42
N THR D 41 -14.77 57.33 -14.64
CA THR D 41 -13.36 57.01 -14.82
C THR D 41 -12.47 58.09 -14.22
N ALA D 42 -12.77 59.36 -14.50
CA ALA D 42 -12.00 60.48 -13.97
C ALA D 42 -12.11 60.54 -12.44
N HIS D 43 -13.31 60.28 -11.94
CA HIS D 43 -13.56 60.28 -10.50
C HIS D 43 -12.80 59.17 -9.77
N PHE D 44 -12.75 57.99 -10.37
CA PHE D 44 -12.03 56.86 -9.79
C PHE D 44 -10.55 57.18 -9.55
N GLU D 45 -9.96 58.07 -10.35
CA GLU D 45 -8.55 58.44 -10.13
C GLU D 45 -8.29 58.81 -8.66
N SER D 46 -9.18 59.59 -8.06
N SER D 46 -9.19 59.59 -8.07
CA SER D 46 -9.05 59.95 -6.65
CA SER D 46 -9.06 59.97 -6.66
C SER D 46 -9.94 59.10 -5.74
C SER D 46 -9.94 59.12 -5.74
N ALA D 47 -11.09 58.66 -6.25
CA ALA D 47 -12.02 57.91 -5.43
C ALA D 47 -11.58 56.49 -5.08
N GLN D 48 -10.66 55.93 -5.85
CA GLN D 48 -10.20 54.58 -5.59
CA GLN D 48 -10.20 54.58 -5.59
C GLN D 48 -9.70 54.38 -4.16
N ASP D 49 -9.04 55.40 -3.58
N ASP D 49 -9.07 55.42 -3.62
CA ASP D 49 -8.53 55.23 -2.22
CA ASP D 49 -8.48 55.42 -2.28
C ASP D 49 -9.39 55.88 -1.14
C ASP D 49 -9.39 55.94 -1.16
N MET D 50 -10.68 56.04 -1.43
CA MET D 50 -11.62 56.55 -0.41
CA MET D 50 -11.63 56.54 -0.44
C MET D 50 -11.55 55.67 0.83
N ASP D 51 -11.71 56.29 1.99
CA ASP D 51 -11.62 55.57 3.23
C ASP D 51 -12.91 55.70 4.00
N LEU D 52 -13.52 54.57 4.35
CA LEU D 52 -14.78 54.58 5.07
C LEU D 52 -14.70 55.26 6.44
N LYS D 53 -13.64 55.03 7.20
CA LYS D 53 -13.51 55.73 8.49
C LYS D 53 -13.59 57.25 8.25
N ALA D 54 -12.89 57.75 7.22
CA ALA D 54 -12.89 59.18 6.93
C ALA D 54 -14.26 59.67 6.48
N LEU D 55 -14.93 58.89 5.63
CA LEU D 55 -16.25 59.26 5.12
C LEU D 55 -17.26 59.42 6.25
N PHE D 56 -17.21 58.53 7.24
CA PHE D 56 -18.11 58.62 8.37
C PHE D 56 -17.72 59.76 9.31
N ALA D 57 -16.42 60.00 9.47
CA ALA D 57 -15.96 61.07 10.35
C ALA D 57 -16.33 62.44 9.79
N GLN D 58 -16.41 62.53 8.46
CA GLN D 58 -16.72 63.80 7.77
C GLN D 58 -18.16 64.23 7.87
N ASP D 59 -19.07 63.27 8.06
CA ASP D 59 -20.48 63.60 8.06
C ASP D 59 -21.27 62.67 8.97
N SER D 60 -21.77 63.24 10.08
CA SER D 60 -22.56 62.47 11.06
C SER D 60 -23.92 62.04 10.49
N GLU D 61 -24.34 62.61 9.36
CA GLU D 61 -25.60 62.26 8.73
CA GLU D 61 -25.60 62.26 8.73
C GLU D 61 -25.39 61.22 7.62
N ARG D 62 -24.21 60.60 7.56
CA ARG D 62 -23.97 59.65 6.48
C ARG D 62 -25.00 58.53 6.40
N PHE D 63 -25.28 57.87 7.52
CA PHE D 63 -26.30 56.81 7.50
C PHE D 63 -27.62 57.36 6.98
N ALA D 64 -28.06 58.50 7.48
CA ALA D 64 -29.33 59.04 7.05
C ALA D 64 -29.38 59.36 5.57
N LYS D 65 -28.24 59.77 5.01
CA LYS D 65 -28.16 60.15 3.60
C LYS D 65 -27.99 58.98 2.64
N TYR D 66 -27.48 57.86 3.15
CA TYR D 66 -27.19 56.68 2.34
C TYR D 66 -27.95 55.45 2.84
N SER D 67 -29.23 55.66 3.14
CA SER D 67 -30.12 54.58 3.53
C SER D 67 -31.51 54.89 3.03
N ALA D 68 -32.30 53.85 2.86
CA ALA D 68 -33.67 53.97 2.36
C ALA D 68 -34.58 53.01 3.09
N ARG D 69 -35.78 53.46 3.38
CA ARG D 69 -36.80 52.66 4.02
C ARG D 69 -37.80 52.25 2.96
N PHE D 70 -38.12 50.96 2.92
CA PHE D 70 -39.13 50.45 2.00
C PHE D 70 -40.31 50.01 2.86
N GLY D 71 -41.42 50.69 2.68
CA GLY D 71 -42.59 50.43 3.50
C GLY D 71 -42.25 50.61 4.98
N GLN D 72 -42.93 49.85 5.82
N GLN D 72 -42.92 49.84 5.82
CA GLN D 72 -42.72 49.94 7.27
CA GLN D 72 -42.71 49.93 7.25
C GLN D 72 -41.82 48.84 7.82
C GLN D 72 -41.75 48.89 7.78
N ASP D 73 -41.47 47.85 6.98
CA ASP D 73 -40.71 46.71 7.47
C ASP D 73 -39.32 46.44 6.92
N ILE D 74 -38.79 47.29 6.06
CA ILE D 74 -37.46 47.09 5.48
C ILE D 74 -36.60 48.34 5.50
N LEU D 75 -35.35 48.18 5.94
CA LEU D 75 -34.34 49.23 5.89
C LEU D 75 -33.19 48.73 5.02
N VAL D 76 -32.80 49.53 4.02
CA VAL D 76 -31.65 49.21 3.17
C VAL D 76 -30.59 50.28 3.46
N ASP D 77 -29.49 49.85 4.11
CA ASP D 77 -28.40 50.76 4.49
C ASP D 77 -27.24 50.53 3.54
N TYR D 78 -26.99 51.52 2.68
CA TYR D 78 -25.90 51.43 1.72
C TYR D 78 -24.77 52.41 2.06
N SER D 79 -24.70 52.80 3.32
CA SER D 79 -23.72 53.80 3.73
C SER D 79 -22.29 53.30 3.86
N LYS D 80 -22.10 52.01 4.11
CA LYS D 80 -20.75 51.45 4.25
C LYS D 80 -20.19 51.04 2.90
N ASN D 81 -20.40 51.90 1.91
CA ASN D 81 -19.86 51.74 0.55
C ASN D 81 -18.85 52.83 0.26
N LEU D 82 -17.93 52.53 -0.65
CA LEU D 82 -16.86 53.44 -1.05
C LEU D 82 -17.38 54.42 -2.08
N VAL D 83 -18.32 55.24 -1.62
CA VAL D 83 -18.97 56.23 -2.46
C VAL D 83 -19.14 57.52 -1.69
N ASN D 84 -19.07 58.62 -2.40
CA ASN D 84 -19.38 59.93 -1.81
C ASN D 84 -20.45 60.60 -2.70
N ALA D 85 -20.78 61.85 -2.39
CA ALA D 85 -21.84 62.53 -3.14
C ALA D 85 -21.54 62.59 -4.64
N GLU D 86 -20.29 62.83 -4.99
CA GLU D 86 -19.87 62.87 -6.39
C GLU D 86 -20.07 61.50 -7.03
N THR D 87 -19.69 60.42 -6.34
CA THR D 87 -19.84 59.10 -6.95
C THR D 87 -21.29 58.87 -7.29
N MET D 88 -22.17 59.17 -6.34
CA MET D 88 -23.59 58.93 -6.55
C MET D 88 -24.13 59.79 -7.69
N GLN D 89 -23.71 61.05 -7.75
CA GLN D 89 -24.15 61.93 -8.82
CA GLN D 89 -24.13 61.95 -8.84
C GLN D 89 -23.79 61.34 -10.20
N HIS D 90 -22.55 60.87 -10.36
CA HIS D 90 -22.14 60.31 -11.65
C HIS D 90 -22.86 59.00 -11.94
N LEU D 91 -23.07 58.18 -10.91
CA LEU D 91 -23.79 56.92 -11.09
C LEU D 91 -25.23 57.16 -11.55
N PHE D 92 -25.93 58.09 -10.91
CA PHE D 92 -27.31 58.36 -11.34
C PHE D 92 -27.29 58.97 -12.75
N ALA D 93 -26.26 59.75 -13.08
CA ALA D 93 -26.14 60.30 -14.43
C ALA D 93 -26.01 59.18 -15.47
N LEU D 94 -25.33 58.10 -15.10
CA LEU D 94 -25.15 56.96 -16.00
C LEU D 94 -26.49 56.28 -16.28
N ALA D 95 -27.29 56.09 -15.22
CA ALA D 95 -28.62 55.51 -15.39
C ALA D 95 -29.46 56.36 -16.32
N LYS D 96 -29.38 57.68 -16.18
CA LYS D 96 -30.15 58.56 -17.05
C LYS D 96 -29.65 58.55 -18.50
N GLU D 97 -28.33 58.56 -18.68
CA GLU D 97 -27.75 58.63 -20.01
C GLU D 97 -27.94 57.35 -20.82
N THR D 98 -28.16 56.22 -20.15
CA THR D 98 -28.46 54.97 -20.85
C THR D 98 -29.98 54.77 -21.04
N ASP D 99 -30.77 55.78 -20.65
CA ASP D 99 -32.24 55.77 -20.81
C ASP D 99 -32.88 54.57 -20.08
N LEU D 100 -32.50 54.42 -18.82
CA LEU D 100 -33.06 53.37 -17.98
C LEU D 100 -34.56 53.56 -17.84
N GLN D 101 -35.04 54.81 -17.77
CA GLN D 101 -36.48 55.00 -17.60
C GLN D 101 -37.29 54.39 -18.73
N SER D 102 -36.82 54.52 -19.97
CA SER D 102 -37.52 53.98 -21.12
CA SER D 102 -37.55 53.96 -21.10
C SER D 102 -37.51 52.44 -21.05
N ALA D 103 -36.40 51.88 -20.59
CA ALA D 103 -36.27 50.42 -20.48
C ALA D 103 -37.27 49.85 -19.47
N ILE D 104 -37.43 50.55 -18.34
CA ILE D 104 -38.35 50.12 -17.30
C ILE D 104 -39.77 50.07 -17.87
N THR D 105 -40.16 51.14 -18.54
CA THR D 105 -41.47 51.20 -19.16
C THR D 105 -41.67 50.07 -20.18
N ALA D 106 -40.63 49.81 -20.98
CA ALA D 106 -40.66 48.77 -21.99
C ALA D 106 -40.95 47.41 -21.39
N MET D 107 -40.26 47.07 -20.31
CA MET D 107 -40.50 45.77 -19.68
CA MET D 107 -40.50 45.77 -19.65
C MET D 107 -41.94 45.65 -19.17
N PHE D 108 -42.37 46.63 -18.38
CA PHE D 108 -43.69 46.56 -17.76
C PHE D 108 -44.84 46.56 -18.72
N LYS D 109 -44.70 47.22 -19.87
CA LYS D 109 -45.78 47.32 -20.84
C LYS D 109 -45.86 46.12 -21.78
N GLY D 110 -44.91 45.22 -21.72
CA GLY D 110 -44.95 44.05 -22.58
C GLY D 110 -44.21 44.17 -23.90
N GLU D 111 -43.33 45.16 -24.04
CA GLU D 111 -42.49 45.24 -25.24
C GLU D 111 -41.65 43.96 -25.28
N ALA D 112 -41.36 43.47 -26.48
CA ALA D 112 -40.58 42.22 -26.65
C ALA D 112 -39.08 42.50 -26.49
N ILE D 113 -38.70 42.86 -25.26
CA ILE D 113 -37.33 43.24 -24.93
C ILE D 113 -36.35 42.08 -25.00
N ASN D 114 -36.86 40.85 -24.93
CA ASN D 114 -36.03 39.65 -25.16
C ASN D 114 -36.02 39.52 -26.67
N GLN D 115 -35.15 40.32 -27.29
CA GLN D 115 -35.14 40.43 -28.74
C GLN D 115 -34.59 39.23 -29.46
N THR D 116 -33.65 38.50 -28.85
CA THR D 116 -33.06 37.39 -29.57
C THR D 116 -34.04 36.23 -29.71
N GLU D 117 -35.00 36.14 -28.81
CA GLU D 117 -36.06 35.12 -28.87
C GLU D 117 -37.42 35.73 -29.25
N ASP D 118 -37.44 37.06 -29.44
CA ASP D 118 -38.66 37.84 -29.77
C ASP D 118 -39.80 37.54 -28.80
N ARG D 119 -39.55 37.84 -27.53
CA ARG D 119 -40.51 37.62 -26.45
C ARG D 119 -40.58 38.79 -25.49
N ALA D 120 -41.76 38.98 -24.90
CA ALA D 120 -41.94 39.91 -23.80
C ALA D 120 -41.29 39.29 -22.56
N VAL D 121 -41.13 40.10 -21.51
CA VAL D 121 -40.51 39.70 -20.25
C VAL D 121 -41.47 40.19 -19.19
N LEU D 122 -42.35 39.29 -18.75
CA LEU D 122 -43.50 39.67 -17.95
C LEU D 122 -43.73 38.91 -16.67
N HIS D 123 -42.65 38.55 -15.99
CA HIS D 123 -42.79 37.98 -14.65
C HIS D 123 -43.52 38.98 -13.75
N THR D 124 -43.40 40.28 -14.02
CA THR D 124 -44.12 41.27 -13.23
C THR D 124 -45.66 41.12 -13.37
N ALA D 125 -46.15 40.65 -14.51
CA ALA D 125 -47.58 40.45 -14.69
C ALA D 125 -48.10 39.31 -13.81
N LEU D 126 -47.24 38.34 -13.51
CA LEU D 126 -47.65 37.19 -12.70
C LEU D 126 -48.09 37.60 -11.32
N ARG D 127 -47.53 38.68 -10.80
CA ARG D 127 -47.83 39.18 -9.46
C ARG D 127 -48.53 40.53 -9.49
N ASN D 128 -49.15 40.86 -10.62
CA ASN D 128 -49.83 42.14 -10.78
C ASN D 128 -51.19 42.14 -10.08
N ARG D 129 -51.14 42.33 -8.78
CA ARG D 129 -52.32 42.26 -7.94
C ARG D 129 -53.34 43.33 -8.29
N SER D 130 -52.86 44.45 -8.84
CA SER D 130 -53.72 45.55 -9.21
CA SER D 130 -53.71 45.57 -9.23
C SER D 130 -54.62 45.21 -10.41
N ASN D 131 -54.21 44.22 -11.18
CA ASN D 131 -54.93 43.77 -12.37
C ASN D 131 -55.06 44.79 -13.49
N SER D 132 -54.21 45.81 -13.48
CA SER D 132 -54.15 46.75 -14.59
C SER D 132 -53.78 45.90 -15.82
N PRO D 133 -54.41 46.16 -16.96
CA PRO D 133 -54.13 45.32 -18.11
C PRO D 133 -52.67 45.32 -18.58
N VAL D 134 -52.24 44.17 -19.04
CA VAL D 134 -50.91 43.96 -19.59
C VAL D 134 -51.14 43.23 -20.88
N LEU D 135 -50.81 43.89 -21.98
CA LEU D 135 -51.11 43.35 -23.31
C LEU D 135 -49.99 42.55 -23.96
N VAL D 136 -50.35 41.39 -24.46
CA VAL D 136 -49.46 40.54 -25.25
C VAL D 136 -50.31 40.15 -26.47
N ASN D 137 -49.80 40.41 -27.66
CA ASN D 137 -50.56 40.14 -28.90
C ASN D 137 -51.96 40.78 -28.86
N GLY D 138 -52.01 42.01 -28.38
CA GLY D 138 -53.25 42.77 -28.34
C GLY D 138 -54.31 42.34 -27.35
N GLU D 139 -53.98 41.43 -26.44
CA GLU D 139 -54.93 40.90 -25.45
CA GLU D 139 -54.93 40.94 -25.45
C GLU D 139 -54.34 40.97 -24.05
N ASP D 140 -55.17 41.31 -23.09
CA ASP D 140 -54.77 41.39 -21.70
C ASP D 140 -54.47 39.98 -21.21
N VAL D 141 -53.31 39.80 -20.59
CA VAL D 141 -52.91 38.50 -20.08
C VAL D 141 -53.40 38.25 -18.65
N MET D 142 -53.91 39.28 -17.98
CA MET D 142 -54.27 39.10 -16.58
C MET D 142 -55.38 38.06 -16.33
N PRO D 143 -56.41 37.99 -17.18
CA PRO D 143 -57.40 36.95 -16.93
C PRO D 143 -56.78 35.54 -16.93
N ALA D 144 -55.85 35.27 -17.85
CA ALA D 144 -55.21 33.95 -17.90
C ALA D 144 -54.31 33.71 -16.68
N VAL D 145 -53.60 34.75 -16.25
CA VAL D 145 -52.76 34.65 -15.06
C VAL D 145 -53.62 34.31 -13.88
N ASN D 146 -54.70 35.04 -13.72
CA ASN D 146 -55.59 34.84 -12.60
C ASN D 146 -56.31 33.51 -12.64
N ALA D 147 -56.59 33.01 -13.84
CA ALA D 147 -57.24 31.72 -13.98
C ALA D 147 -56.33 30.58 -13.48
N VAL D 148 -55.03 30.63 -13.81
CA VAL D 148 -54.10 29.60 -13.31
C VAL D 148 -54.02 29.69 -11.78
N LEU D 149 -53.93 30.91 -11.25
CA LEU D 149 -53.91 31.08 -9.79
C LEU D 149 -55.14 30.45 -9.13
N ALA D 150 -56.31 30.69 -9.71
CA ALA D 150 -57.55 30.14 -9.18
C ALA D 150 -57.55 28.61 -9.23
N LYS D 151 -57.02 28.07 -10.33
CA LYS D 151 -56.96 26.62 -10.49
C LYS D 151 -56.02 26.02 -9.44
N MET D 152 -54.91 26.70 -9.20
CA MET D 152 -53.94 26.26 -8.17
C MET D 152 -54.53 26.35 -6.77
N LYS D 153 -55.28 27.41 -6.48
CA LYS D 153 -55.92 27.53 -5.18
C LYS D 153 -56.84 26.33 -4.94
N ALA D 154 -57.71 26.06 -5.90
CA ALA D 154 -58.67 24.98 -5.76
C ALA D 154 -57.99 23.60 -5.59
N PHE D 155 -56.99 23.34 -6.41
CA PHE D 155 -56.27 22.08 -6.35
C PHE D 155 -55.56 21.92 -5.01
N SER D 156 -54.90 22.99 -4.58
CA SER D 156 -54.15 22.95 -3.32
C SER D 156 -55.06 22.68 -2.14
N GLU D 157 -56.27 23.24 -2.15
CA GLU D 157 -57.19 23.01 -1.02
C GLU D 157 -57.59 21.54 -0.95
N ARG D 158 -57.78 20.91 -2.11
CA ARG D 158 -58.13 19.49 -2.16
C ARG D 158 -56.97 18.62 -1.65
N VAL D 159 -55.75 18.96 -2.03
CA VAL D 159 -54.60 18.16 -1.60
C VAL D 159 -54.29 18.38 -0.13
N ILE D 160 -54.17 19.64 0.29
CA ILE D 160 -53.84 19.96 1.66
C ILE D 160 -54.92 19.50 2.65
N GLY D 161 -56.18 19.72 2.30
CA GLY D 161 -57.30 19.40 3.19
C GLY D 161 -57.69 17.93 3.28
N GLY D 162 -57.14 17.12 2.39
CA GLY D 162 -57.37 15.68 2.43
C GLY D 162 -58.47 15.12 1.52
N GLU D 163 -59.16 15.99 0.78
N GLU D 163 -59.17 15.99 0.79
CA GLU D 163 -60.22 15.55 -0.13
CA GLU D 163 -60.22 15.55 -0.12
C GLU D 163 -59.65 14.76 -1.32
C GLU D 163 -59.64 14.74 -1.29
N TRP D 164 -58.47 15.17 -1.77
CA TRP D 164 -57.78 14.47 -2.86
C TRP D 164 -57.18 13.20 -2.29
N LYS D 165 -57.66 12.04 -2.74
CA LYS D 165 -57.18 10.75 -2.22
C LYS D 165 -56.22 10.06 -3.18
N GLY D 166 -55.26 9.36 -2.61
CA GLY D 166 -54.35 8.53 -3.36
C GLY D 166 -55.07 7.26 -3.82
N PHE D 167 -54.34 6.38 -4.48
CA PHE D 167 -54.95 5.20 -5.11
C PHE D 167 -55.49 4.16 -4.12
N THR D 168 -55.11 4.26 -2.84
CA THR D 168 -55.67 3.39 -1.80
C THR D 168 -56.63 4.15 -0.87
N GLY D 169 -57.01 5.37 -1.25
CA GLY D 169 -57.99 6.16 -0.48
C GLY D 169 -57.46 6.99 0.67
N LYS D 170 -56.15 7.22 0.69
CA LYS D 170 -55.53 7.97 1.76
C LYS D 170 -55.21 9.39 1.32
N ALA D 171 -55.23 10.29 2.30
CA ALA D 171 -54.82 11.67 2.04
C ALA D 171 -53.34 11.73 1.73
N ILE D 172 -52.97 12.72 0.93
CA ILE D 172 -51.58 12.97 0.59
C ILE D 172 -50.83 13.54 1.80
N THR D 173 -49.59 13.04 2.00
CA THR D 173 -48.73 13.54 3.07
C THR D 173 -47.42 14.12 2.56
N ASP D 174 -47.02 13.75 1.34
CA ASP D 174 -45.76 14.20 0.77
C ASP D 174 -45.94 14.68 -0.65
N VAL D 175 -45.20 15.73 -1.00
CA VAL D 175 -45.19 16.29 -2.33
C VAL D 175 -43.75 16.31 -2.80
N VAL D 176 -43.50 15.78 -3.99
CA VAL D 176 -42.17 15.78 -4.56
C VAL D 176 -42.17 16.59 -5.85
N ASN D 177 -41.43 17.70 -5.86
CA ASN D 177 -41.29 18.53 -7.04
C ASN D 177 -40.10 18.00 -7.85
N ILE D 178 -40.30 17.81 -9.15
CA ILE D 178 -39.24 17.33 -10.05
C ILE D 178 -39.01 18.43 -11.08
N GLY D 179 -37.81 18.98 -11.12
CA GLY D 179 -37.52 20.05 -12.07
C GLY D 179 -36.06 20.43 -12.01
N ILE D 180 -35.60 21.17 -13.00
CA ILE D 180 -34.21 21.63 -13.02
C ILE D 180 -34.21 23.15 -13.18
N GLY D 181 -33.10 23.78 -12.80
CA GLY D 181 -32.94 25.22 -12.97
C GLY D 181 -34.06 26.00 -12.35
N GLY D 182 -34.71 26.81 -13.19
CA GLY D 182 -35.80 27.65 -12.72
C GLY D 182 -37.00 26.90 -12.18
N SER D 183 -37.13 25.63 -12.54
CA SER D 183 -38.25 24.83 -12.05
C SER D 183 -37.95 24.19 -10.71
N ASP D 184 -36.76 24.42 -10.16
CA ASP D 184 -36.33 23.87 -8.88
C ASP D 184 -35.83 24.92 -7.87
N LEU D 185 -34.91 25.77 -8.31
CA LEU D 185 -34.22 26.65 -7.36
C LEU D 185 -35.12 27.59 -6.59
N GLY D 186 -36.07 28.21 -7.28
CA GLY D 186 -36.98 29.17 -6.64
C GLY D 186 -37.90 28.51 -5.64
N PRO D 187 -38.66 27.49 -6.09
CA PRO D 187 -39.56 26.81 -5.15
C PRO D 187 -38.84 26.20 -3.95
N TYR D 188 -37.66 25.64 -4.16
CA TYR D 188 -36.89 25.08 -3.04
C TYR D 188 -36.48 26.20 -2.09
N MET D 189 -35.88 27.26 -2.62
CA MET D 189 -35.44 28.35 -1.77
C MET D 189 -36.57 28.96 -0.98
N VAL D 190 -37.72 29.18 -1.62
CA VAL D 190 -38.84 29.86 -0.96
C VAL D 190 -39.47 28.97 0.10
N THR D 191 -39.68 27.70 -0.21
CA THR D 191 -40.23 26.78 0.79
C THR D 191 -39.27 26.64 1.98
N GLU D 192 -37.96 26.65 1.74
CA GLU D 192 -36.99 26.60 2.82
C GLU D 192 -37.07 27.87 3.66
N ALA D 193 -37.13 29.02 2.99
CA ALA D 193 -37.18 30.32 3.66
C ALA D 193 -38.41 30.50 4.52
N LEU D 194 -39.52 29.88 4.10
CA LEU D 194 -40.81 30.04 4.72
C LEU D 194 -41.31 28.84 5.50
N VAL D 195 -40.37 28.00 5.92
CA VAL D 195 -40.72 26.86 6.77
C VAL D 195 -41.66 27.21 7.94
N PRO D 196 -41.48 28.38 8.60
CA PRO D 196 -42.42 28.70 9.70
C PRO D 196 -43.89 28.77 9.29
N TYR D 197 -44.16 28.94 8.01
CA TYR D 197 -45.52 29.06 7.48
C TYR D 197 -46.05 27.78 6.88
N LYS D 198 -45.32 26.68 7.03
CA LYS D 198 -45.74 25.44 6.39
C LYS D 198 -46.93 24.78 7.05
N ASN D 199 -47.64 24.02 6.23
CA ASN D 199 -48.76 23.19 6.67
C ASN D 199 -48.21 21.77 6.96
N HIS D 200 -49.08 20.80 7.11
CA HIS D 200 -48.67 19.46 7.51
C HIS D 200 -47.91 18.66 6.43
N LEU D 201 -47.96 19.10 5.19
CA LEU D 201 -47.31 18.35 4.12
C LEU D 201 -45.80 18.44 4.21
N THR D 202 -45.14 17.37 3.79
CA THR D 202 -43.68 17.37 3.68
C THR D 202 -43.38 17.52 2.20
N VAL D 203 -42.61 18.55 1.84
N VAL D 203 -42.59 18.53 1.85
CA VAL D 203 -42.26 18.77 0.44
CA VAL D 203 -42.24 18.81 0.46
C VAL D 203 -40.79 18.43 0.20
C VAL D 203 -40.78 18.43 0.20
N HIS D 204 -40.53 17.86 -0.97
CA HIS D 204 -39.20 17.42 -1.37
C HIS D 204 -38.91 17.94 -2.77
N PHE D 205 -37.64 18.23 -3.04
CA PHE D 205 -37.21 18.77 -4.31
C PHE D 205 -36.12 17.90 -4.91
N VAL D 206 -36.41 17.38 -6.10
CA VAL D 206 -35.46 16.56 -6.83
C VAL D 206 -35.15 17.28 -8.12
N SER D 207 -33.87 17.40 -8.43
CA SER D 207 -33.40 18.13 -9.61
C SER D 207 -32.26 17.48 -10.36
N ASN D 208 -31.32 16.87 -9.67
CA ASN D 208 -30.17 16.33 -10.34
C ASN D 208 -30.54 15.12 -11.17
N VAL D 209 -29.93 14.99 -12.36
CA VAL D 209 -30.13 13.77 -13.16
C VAL D 209 -29.35 12.63 -12.47
N ASP D 210 -28.34 12.97 -11.65
CA ASP D 210 -27.64 11.96 -10.85
C ASP D 210 -28.71 11.17 -10.12
N GLY D 211 -28.76 9.85 -10.35
CA GLY D 211 -29.81 8.97 -9.80
C GLY D 211 -29.92 8.97 -8.29
N THR D 212 -28.85 9.38 -7.63
CA THR D 212 -28.85 9.52 -6.17
C THR D 212 -29.96 10.42 -5.68
N HIS D 213 -30.23 11.49 -6.40
CA HIS D 213 -31.18 12.48 -5.92
C HIS D 213 -32.58 11.89 -5.79
N MET D 214 -33.08 11.28 -6.86
CA MET D 214 -34.38 10.65 -6.80
C MET D 214 -34.36 9.40 -5.89
N ALA D 215 -33.29 8.61 -5.95
CA ALA D 215 -33.21 7.39 -5.15
C ALA D 215 -33.37 7.68 -3.67
N GLU D 216 -32.64 8.67 -3.17
CA GLU D 216 -32.69 8.98 -1.75
C GLU D 216 -34.05 9.56 -1.36
N THR D 217 -34.67 10.31 -2.25
CA THR D 217 -35.99 10.87 -1.99
C THR D 217 -37.05 9.78 -1.91
N LEU D 218 -37.01 8.85 -2.86
CA LEU D 218 -38.01 7.77 -2.88
C LEU D 218 -37.94 6.87 -1.66
N LYS D 219 -36.75 6.73 -1.06
CA LYS D 219 -36.60 5.95 0.18
C LYS D 219 -37.36 6.58 1.36
N ASN D 220 -37.69 7.88 1.25
CA ASN D 220 -38.35 8.60 2.33
C ASN D 220 -39.83 8.83 2.17
N VAL D 221 -40.41 8.33 1.07
CA VAL D 221 -41.84 8.52 0.80
C VAL D 221 -42.53 7.21 0.45
N ASP D 222 -43.86 7.24 0.52
CA ASP D 222 -44.75 6.08 0.28
CA ASP D 222 -44.70 6.07 0.24
C ASP D 222 -45.58 6.32 -0.98
N PRO D 223 -45.64 5.33 -1.90
CA PRO D 223 -46.44 5.57 -3.11
C PRO D 223 -47.91 5.91 -2.89
N GLU D 224 -48.51 5.39 -1.82
CA GLU D 224 -49.93 5.62 -1.55
CA GLU D 224 -49.92 5.61 -1.54
C GLU D 224 -50.25 7.05 -1.11
N THR D 225 -49.25 7.78 -0.61
CA THR D 225 -49.48 9.10 -0.06
C THR D 225 -48.62 10.21 -0.62
N THR D 226 -48.00 9.97 -1.77
CA THR D 226 -47.11 10.97 -2.37
C THR D 226 -47.64 11.50 -3.70
N LEU D 227 -47.60 12.83 -3.85
CA LEU D 227 -47.96 13.54 -5.07
C LEU D 227 -46.70 14.10 -5.70
N PHE D 228 -46.46 13.77 -6.97
CA PHE D 228 -45.32 14.30 -7.71
C PHE D 228 -45.76 15.43 -8.63
N LEU D 229 -44.97 16.50 -8.68
CA LEU D 229 -45.20 17.61 -9.62
C LEU D 229 -44.05 17.53 -10.62
N VAL D 230 -44.37 17.38 -11.89
CA VAL D 230 -43.36 17.31 -12.95
C VAL D 230 -43.33 18.69 -13.60
N ALA D 231 -42.27 19.44 -13.31
CA ALA D 231 -42.15 20.83 -13.74
C ALA D 231 -41.23 20.96 -14.95
N SER D 232 -41.84 21.06 -16.12
CA SER D 232 -41.12 21.19 -17.40
C SER D 232 -42.07 21.78 -18.43
N LYS D 233 -41.77 22.98 -18.91
CA LYS D 233 -42.67 23.60 -19.88
C LYS D 233 -42.88 22.72 -21.11
N THR D 234 -41.79 22.18 -21.66
CA THR D 234 -41.86 21.34 -22.85
C THR D 234 -42.28 19.90 -22.56
N PHE D 235 -42.08 19.48 -21.33
CA PHE D 235 -42.33 18.12 -20.87
C PHE D 235 -41.41 17.12 -21.62
N THR D 236 -40.28 17.62 -22.12
CA THR D 236 -39.28 16.79 -22.77
C THR D 236 -37.87 17.02 -22.18
N THR D 237 -37.75 17.88 -21.17
CA THR D 237 -36.46 18.18 -20.52
C THR D 237 -35.80 16.85 -20.09
N GLN D 238 -34.59 16.56 -20.57
CA GLN D 238 -33.97 15.26 -20.29
C GLN D 238 -33.87 14.90 -18.82
N GLU D 239 -33.34 15.80 -18.00
CA GLU D 239 -33.12 15.48 -16.59
C GLU D 239 -34.44 15.27 -15.87
N THR D 240 -35.34 16.20 -16.05
CA THR D 240 -36.62 16.15 -15.39
C THR D 240 -37.44 14.95 -15.80
N MET D 241 -37.47 14.65 -17.10
CA MET D 241 -38.27 13.53 -17.56
C MET D 241 -37.63 12.20 -17.16
N THR D 242 -36.30 12.13 -17.13
CA THR D 242 -35.62 10.93 -16.63
C THR D 242 -36.04 10.69 -15.17
N ASN D 243 -35.99 11.74 -14.36
CA ASN D 243 -36.44 11.64 -12.99
C ASN D 243 -37.92 11.27 -12.87
N ALA D 244 -38.76 11.89 -13.70
CA ALA D 244 -40.20 11.64 -13.66
C ALA D 244 -40.52 10.20 -13.99
N HIS D 245 -39.83 9.66 -15.00
CA HIS D 245 -40.07 8.27 -15.37
C HIS D 245 -39.58 7.29 -14.31
N THR D 246 -38.48 7.61 -13.64
CA THR D 246 -38.02 6.78 -12.51
C THR D 246 -39.09 6.79 -11.39
N ALA D 247 -39.65 7.95 -11.11
CA ALA D 247 -40.68 8.05 -10.10
C ALA D 247 -41.95 7.28 -10.53
N ARG D 248 -42.31 7.39 -11.80
CA ARG D 248 -43.49 6.70 -12.32
CA ARG D 248 -43.50 6.69 -12.30
C ARG D 248 -43.30 5.18 -12.21
N ASP D 249 -42.11 4.70 -12.55
CA ASP D 249 -41.82 3.27 -12.46
C ASP D 249 -41.97 2.77 -11.01
N TRP D 250 -41.40 3.53 -10.08
CA TRP D 250 -41.46 3.22 -8.64
C TRP D 250 -42.89 3.18 -8.16
N PHE D 251 -43.67 4.17 -8.58
CA PHE D 251 -45.06 4.26 -8.22
C PHE D 251 -45.85 3.06 -8.73
N LEU D 252 -45.66 2.72 -10.01
CA LEU D 252 -46.41 1.61 -10.61
C LEU D 252 -46.00 0.26 -10.07
N LYS D 253 -44.77 0.13 -9.56
CA LYS D 253 -44.37 -1.13 -8.91
C LYS D 253 -45.33 -1.43 -7.78
N ALA D 254 -45.78 -0.38 -7.09
CA ALA D 254 -46.72 -0.50 -5.98
C ALA D 254 -48.19 -0.48 -6.41
N ALA D 255 -48.54 0.44 -7.30
CA ALA D 255 -49.94 0.65 -7.68
C ALA D 255 -50.47 -0.27 -8.74
N GLY D 256 -49.59 -0.74 -9.63
CA GLY D 256 -49.94 -1.66 -10.69
C GLY D 256 -50.61 -1.03 -11.90
N ASP D 257 -51.86 -0.64 -11.74
CA ASP D 257 -52.66 -0.06 -12.82
C ASP D 257 -52.22 1.37 -13.16
N GLU D 258 -51.87 1.64 -14.42
CA GLU D 258 -51.43 2.98 -14.79
C GLU D 258 -52.54 4.03 -14.66
N ALA D 259 -53.80 3.59 -14.56
CA ALA D 259 -54.89 4.53 -14.33
C ALA D 259 -54.62 5.32 -13.04
N HIS D 260 -53.89 4.73 -12.10
CA HIS D 260 -53.63 5.37 -10.82
C HIS D 260 -52.63 6.54 -10.87
N VAL D 261 -51.89 6.63 -11.96
CA VAL D 261 -50.93 7.73 -12.13
C VAL D 261 -51.63 9.09 -11.98
N ALA D 262 -52.86 9.19 -12.46
CA ALA D 262 -53.59 10.46 -12.43
C ALA D 262 -53.87 10.97 -11.02
N LYS D 263 -53.85 10.10 -10.02
CA LYS D 263 -54.07 10.54 -8.65
C LYS D 263 -52.77 10.94 -7.94
N HIS D 264 -51.63 10.71 -8.58
CA HIS D 264 -50.33 10.93 -7.94
C HIS D 264 -49.31 11.78 -8.68
N PHE D 265 -49.67 12.24 -9.87
CA PHE D 265 -48.79 13.06 -10.69
C PHE D 265 -49.56 14.23 -11.27
N ALA D 266 -48.95 15.43 -11.20
CA ALA D 266 -49.48 16.65 -11.82
C ALA D 266 -48.34 17.25 -12.64
N ALA D 267 -48.68 18.17 -13.54
CA ALA D 267 -47.69 18.75 -14.44
C ALA D 267 -47.74 20.27 -14.44
N LEU D 268 -46.56 20.90 -14.43
CA LEU D 268 -46.42 22.35 -14.57
C LEU D 268 -45.80 22.42 -15.95
N SER D 269 -46.68 22.61 -16.94
CA SER D 269 -46.27 22.48 -18.34
C SER D 269 -47.34 23.04 -19.27
N THR D 270 -46.98 23.15 -20.54
CA THR D 270 -47.94 23.53 -21.56
C THR D 270 -48.10 22.43 -22.62
N ASN D 271 -47.36 21.32 -22.49
CA ASN D 271 -47.42 20.23 -23.47
C ASN D 271 -48.48 19.21 -23.08
N GLY D 272 -49.74 19.54 -23.36
CA GLY D 272 -50.86 18.68 -23.00
C GLY D 272 -50.80 17.28 -23.58
N LYS D 273 -50.34 17.15 -24.81
CA LYS D 273 -50.23 15.84 -25.45
C LYS D 273 -49.29 14.93 -24.65
N ALA D 274 -48.07 15.41 -24.37
CA ALA D 274 -47.09 14.62 -23.62
C ALA D 274 -47.52 14.38 -22.17
N VAL D 275 -48.20 15.36 -21.57
CA VAL D 275 -48.68 15.22 -20.20
C VAL D 275 -49.73 14.09 -20.14
N ALA D 276 -50.67 14.11 -21.07
CA ALA D 276 -51.69 13.06 -21.13
C ALA D 276 -51.04 11.69 -21.40
N GLU D 277 -50.06 11.66 -22.29
CA GLU D 277 -49.36 10.41 -22.62
C GLU D 277 -48.68 9.80 -21.37
N PHE D 278 -48.16 10.67 -20.50
CA PHE D 278 -47.50 10.25 -19.27
C PHE D 278 -48.52 9.59 -18.31
N GLY D 279 -49.79 9.97 -18.43
CA GLY D 279 -50.85 9.44 -17.58
C GLY D 279 -51.47 10.46 -16.62
N ILE D 280 -51.04 11.70 -16.75
CA ILE D 280 -51.57 12.79 -15.95
C ILE D 280 -52.87 13.29 -16.57
N ASP D 281 -53.82 13.66 -15.71
CA ASP D 281 -55.09 14.23 -16.13
C ASP D 281 -54.77 15.69 -16.46
N THR D 282 -55.07 16.14 -17.69
CA THR D 282 -54.71 17.52 -18.05
C THR D 282 -55.46 18.60 -17.24
N ASP D 283 -56.50 18.22 -16.50
CA ASP D 283 -57.09 19.15 -15.57
C ASP D 283 -56.02 19.53 -14.52
N ASN D 284 -55.04 18.64 -14.32
CA ASN D 284 -53.94 18.87 -13.37
C ASN D 284 -52.63 19.27 -14.08
N MET D 285 -52.78 19.94 -15.22
CA MET D 285 -51.66 20.54 -15.95
C MET D 285 -51.86 22.05 -15.72
N PHE D 286 -50.85 22.70 -15.14
CA PHE D 286 -50.93 24.13 -14.80
C PHE D 286 -49.98 24.85 -15.73
N GLU D 287 -50.50 25.79 -16.49
N GLU D 287 -50.53 25.79 -16.50
CA GLU D 287 -49.72 26.43 -17.54
CA GLU D 287 -49.79 26.47 -17.56
C GLU D 287 -49.08 27.76 -17.16
C GLU D 287 -49.07 27.76 -17.15
N PHE D 288 -48.10 28.12 -17.98
CA PHE D 288 -47.39 29.37 -17.87
C PHE D 288 -47.05 29.74 -19.33
N TRP D 289 -46.40 30.87 -19.54
CA TRP D 289 -46.24 31.44 -20.88
C TRP D 289 -44.79 31.70 -21.25
N ASP D 290 -44.55 31.92 -22.55
CA ASP D 290 -43.21 32.16 -23.05
C ASP D 290 -42.56 33.41 -22.49
N TRP D 291 -43.37 34.34 -22.00
CA TRP D 291 -42.88 35.59 -21.41
C TRP D 291 -42.50 35.43 -19.93
N VAL D 292 -42.58 34.21 -19.43
CA VAL D 292 -42.10 33.85 -18.09
C VAL D 292 -40.77 33.09 -18.24
N GLY D 293 -39.66 33.73 -17.94
CA GLY D 293 -38.37 33.04 -18.02
C GLY D 293 -38.27 32.07 -16.87
N GLY D 294 -37.62 30.93 -17.08
CA GLY D 294 -37.48 29.93 -16.01
C GLY D 294 -36.93 30.49 -14.71
N ARG D 295 -35.89 31.32 -14.82
CA ARG D 295 -35.27 31.90 -13.63
C ARG D 295 -36.07 33.04 -13.00
N TYR D 296 -37.24 33.32 -13.58
CA TYR D 296 -38.18 34.31 -13.05
C TYR D 296 -39.54 33.66 -12.94
N SER D 297 -39.59 32.33 -12.75
CA SER D 297 -40.84 31.60 -12.84
C SER D 297 -41.52 31.17 -11.55
N LEU D 298 -40.91 31.38 -10.38
CA LEU D 298 -41.52 30.91 -9.14
C LEU D 298 -42.87 31.53 -8.87
N TRP D 299 -43.12 32.68 -9.49
CA TRP D 299 -44.37 33.44 -9.31
C TRP D 299 -45.52 32.88 -10.12
N SER D 300 -45.23 31.93 -11.02
CA SER D 300 -46.22 31.32 -11.92
C SER D 300 -46.65 29.96 -11.40
N ALA D 301 -47.26 29.17 -12.28
CA ALA D 301 -47.58 27.77 -12.00
C ALA D 301 -46.39 26.98 -11.44
N ILE D 302 -45.18 27.36 -11.81
CA ILE D 302 -43.97 26.72 -11.27
C ILE D 302 -43.93 26.80 -9.74
N GLY D 303 -44.62 27.79 -9.18
CA GLY D 303 -44.71 27.93 -7.72
C GLY D 303 -45.75 27.04 -7.05
N LEU D 304 -46.34 26.08 -7.77
CA LEU D 304 -47.38 25.23 -7.15
C LEU D 304 -46.83 24.51 -5.90
N SER D 305 -45.58 24.08 -5.90
CA SER D 305 -45.05 23.43 -4.70
C SER D 305 -44.99 24.39 -3.51
N ILE D 306 -44.82 25.69 -3.78
CA ILE D 306 -44.84 26.69 -2.70
C ILE D 306 -46.24 26.76 -2.13
N ILE D 307 -47.24 26.86 -3.01
CA ILE D 307 -48.63 26.89 -2.61
C ILE D 307 -48.98 25.64 -1.80
N LEU D 308 -48.50 24.48 -2.23
CA LEU D 308 -48.81 23.26 -1.50
C LEU D 308 -48.15 23.20 -0.14
N SER D 309 -46.96 23.82 -0.01
CA SER D 309 -46.24 23.81 1.26
C SER D 309 -46.74 24.81 2.28
N ILE D 310 -47.06 26.03 1.84
CA ILE D 310 -47.43 27.10 2.77
C ILE D 310 -48.85 27.65 2.57
N GLY D 311 -49.59 27.09 1.61
CA GLY D 311 -50.96 27.51 1.35
C GLY D 311 -51.08 28.67 0.38
N TYR D 312 -52.23 28.75 -0.27
CA TYR D 312 -52.48 29.77 -1.28
C TYR D 312 -52.43 31.18 -0.70
N ASP D 313 -53.00 31.40 0.47
CA ASP D 313 -53.00 32.74 1.05
C ASP D 313 -51.59 33.28 1.28
N ASN D 314 -50.68 32.43 1.74
CA ASN D 314 -49.29 32.85 1.92
C ASN D 314 -48.61 33.09 0.59
N PHE D 315 -48.95 32.31 -0.44
CA PHE D 315 -48.39 32.53 -1.76
C PHE D 315 -48.87 33.89 -2.30
N VAL D 316 -50.13 34.25 -2.04
CA VAL D 316 -50.63 35.55 -2.46
C VAL D 316 -49.87 36.67 -1.77
N GLU D 317 -49.51 36.47 -0.49
CA GLU D 317 -48.68 37.45 0.23
C GLU D 317 -47.31 37.63 -0.42
N LEU D 318 -46.73 36.52 -0.87
CA LEU D 318 -45.46 36.53 -1.58
C LEU D 318 -45.61 37.35 -2.87
N LEU D 319 -46.65 37.07 -3.64
CA LEU D 319 -46.93 37.85 -4.86
C LEU D 319 -47.12 39.33 -4.53
N ALA D 320 -47.86 39.63 -3.48
CA ALA D 320 -48.16 41.00 -3.10
C ALA D 320 -46.89 41.75 -2.73
N GLY D 321 -45.97 41.08 -2.06
CA GLY D 321 -44.69 41.70 -1.71
C GLY D 321 -43.90 42.04 -2.97
N ALA D 322 -43.87 41.11 -3.93
CA ALA D 322 -43.19 41.40 -5.17
C ALA D 322 -43.86 42.58 -5.88
N HIS D 323 -45.20 42.62 -5.87
CA HIS D 323 -45.94 43.69 -6.52
C HIS D 323 -45.63 45.06 -5.89
N GLU D 324 -45.50 45.09 -4.55
N GLU D 324 -45.52 45.14 -4.57
CA GLU D 324 -45.15 46.33 -3.82
CA GLU D 324 -45.23 46.43 -3.95
C GLU D 324 -43.83 46.87 -4.34
C GLU D 324 -43.80 46.90 -4.28
N MET D 325 -42.88 45.96 -4.47
CA MET D 325 -41.52 46.30 -4.91
C MET D 325 -41.55 46.73 -6.38
N ASP D 326 -42.37 46.06 -7.20
CA ASP D 326 -42.55 46.44 -8.60
C ASP D 326 -43.03 47.90 -8.69
N GLN D 327 -44.01 48.26 -7.87
N GLN D 327 -44.01 48.26 -7.87
CA GLN D 327 -44.55 49.62 -7.85
CA GLN D 327 -44.56 49.62 -7.84
C GLN D 327 -43.50 50.63 -7.43
C GLN D 327 -43.50 50.63 -7.42
N HIS D 328 -42.71 50.28 -6.42
CA HIS D 328 -41.60 51.12 -5.98
C HIS D 328 -40.64 51.36 -7.13
N PHE D 329 -40.29 50.30 -7.84
CA PHE D 329 -39.30 50.38 -8.90
C PHE D 329 -39.77 51.25 -10.06
N VAL D 330 -41.04 51.13 -10.41
CA VAL D 330 -41.60 51.91 -11.52
C VAL D 330 -41.86 53.37 -11.16
N ASN D 331 -42.23 53.63 -9.92
CA ASN D 331 -42.69 54.97 -9.55
C ASN D 331 -41.73 55.90 -8.82
N THR D 332 -40.59 55.39 -8.40
CA THR D 332 -39.67 56.15 -7.58
C THR D 332 -38.51 56.74 -8.36
N PRO D 333 -38.24 58.04 -8.18
CA PRO D 333 -37.08 58.64 -8.83
C PRO D 333 -35.83 57.87 -8.47
N PHE D 334 -34.88 57.82 -9.41
CA PHE D 334 -33.69 57.00 -9.21
C PHE D 334 -32.93 57.22 -7.90
N GLU D 335 -32.86 58.46 -7.45
CA GLU D 335 -32.09 58.79 -6.25
C GLU D 335 -32.63 58.15 -4.97
N SER D 336 -33.87 57.66 -4.99
N SER D 336 -33.86 57.67 -5.00
CA SER D 336 -34.44 56.97 -3.84
CA SER D 336 -34.48 57.00 -3.86
C SER D 336 -35.03 55.61 -4.23
C SER D 336 -34.98 55.59 -4.21
N ASN D 337 -34.63 55.11 -5.41
CA ASN D 337 -35.11 53.84 -5.94
C ASN D 337 -34.12 52.73 -5.58
N ILE D 338 -34.54 51.86 -4.67
CA ILE D 338 -33.65 50.86 -4.09
C ILE D 338 -32.96 49.96 -5.13
N PRO D 339 -33.72 49.33 -6.03
CA PRO D 339 -33.01 48.49 -7.01
C PRO D 339 -32.01 49.25 -7.87
N VAL D 340 -32.33 50.50 -8.21
CA VAL D 340 -31.42 51.31 -9.01
C VAL D 340 -30.14 51.63 -8.21
N ILE D 341 -30.30 52.03 -6.95
CA ILE D 341 -29.17 52.35 -6.11
C ILE D 341 -28.27 51.11 -5.97
N LEU D 342 -28.85 49.97 -5.63
CA LEU D 342 -28.04 48.76 -5.46
C LEU D 342 -27.31 48.37 -6.76
N ALA D 343 -28.01 48.49 -7.89
CA ALA D 343 -27.43 48.18 -9.19
C ALA D 343 -26.23 49.06 -9.50
N LEU D 344 -26.40 50.36 -9.25
CA LEU D 344 -25.34 51.31 -9.54
C LEU D 344 -24.10 51.13 -8.66
N ILE D 345 -24.30 50.90 -7.36
CA ILE D 345 -23.19 50.62 -6.47
C ILE D 345 -22.47 49.35 -6.95
N GLY D 346 -23.23 48.33 -7.37
CA GLY D 346 -22.66 47.12 -7.93
C GLY D 346 -21.80 47.38 -9.16
N ILE D 347 -22.27 48.24 -10.05
CA ILE D 347 -21.52 48.62 -11.24
C ILE D 347 -20.22 49.34 -10.84
N TRP D 348 -20.29 50.20 -9.83
CA TRP D 348 -19.08 50.86 -9.37
C TRP D 348 -18.00 49.85 -8.99
N TYR D 349 -18.37 48.81 -8.26
CA TYR D 349 -17.37 47.82 -7.87
C TYR D 349 -16.94 46.92 -9.02
N ASN D 350 -17.89 46.49 -9.84
CA ASN D 350 -17.61 45.56 -10.94
C ASN D 350 -16.81 46.18 -12.06
N ASN D 351 -17.13 47.42 -12.42
CA ASN D 351 -16.55 48.07 -13.58
C ASN D 351 -15.49 49.11 -13.31
N PHE D 352 -15.41 49.59 -12.08
CA PHE D 352 -14.38 50.58 -11.75
C PHE D 352 -13.37 49.99 -10.78
N HIS D 353 -13.82 49.38 -9.70
CA HIS D 353 -12.89 48.72 -8.78
C HIS D 353 -12.41 47.36 -9.26
N GLY D 354 -13.07 46.78 -10.26
CA GLY D 354 -12.64 45.49 -10.83
C GLY D 354 -12.92 44.26 -10.00
N ALA D 355 -13.90 44.34 -9.09
CA ALA D 355 -14.27 43.18 -8.25
C ALA D 355 -15.05 42.19 -9.08
N GLU D 356 -14.66 40.93 -9.06
CA GLU D 356 -15.33 39.90 -9.85
C GLU D 356 -16.57 39.32 -9.24
N SER D 357 -16.74 39.49 -7.93
CA SER D 357 -17.84 38.79 -7.25
C SER D 357 -18.62 39.65 -6.30
N GLU D 358 -19.76 39.12 -5.86
CA GLU D 358 -20.60 39.72 -4.86
C GLU D 358 -21.02 38.59 -3.93
N ALA D 359 -20.90 38.78 -2.61
CA ALA D 359 -21.35 37.78 -1.66
C ALA D 359 -22.69 38.19 -1.08
N ILE D 360 -23.60 37.23 -0.94
CA ILE D 360 -24.93 37.45 -0.33
C ILE D 360 -24.91 36.60 0.94
N LEU D 361 -25.06 37.28 2.09
CA LEU D 361 -24.85 36.67 3.40
C LEU D 361 -26.03 36.91 4.32
N PRO D 362 -27.06 36.06 4.21
CA PRO D 362 -28.21 36.20 5.08
C PRO D 362 -27.93 35.61 6.45
N TYR D 363 -28.19 36.37 7.52
CA TYR D 363 -28.04 35.92 8.88
C TYR D 363 -29.36 35.27 9.29
N ASP D 364 -29.61 34.15 8.63
CA ASP D 364 -30.86 33.42 8.76
C ASP D 364 -30.70 32.04 8.10
N GLN D 365 -30.73 31.02 8.93
CA GLN D 365 -30.60 29.64 8.46
C GLN D 365 -31.68 29.26 7.46
N TYR D 366 -32.91 29.71 7.66
CA TYR D 366 -33.97 29.40 6.71
C TYR D 366 -33.65 29.87 5.29
N LEU D 367 -32.89 30.97 5.17
CA LEU D 367 -32.49 31.52 3.86
C LEU D 367 -31.22 30.89 3.32
N HIS D 368 -30.92 29.65 3.74
CA HIS D 368 -29.71 28.99 3.29
C HIS D 368 -29.58 28.76 1.79
N ARG D 369 -30.67 28.84 1.03
CA ARG D 369 -30.61 28.66 -0.42
C ARG D 369 -30.82 29.96 -1.21
N PHE D 370 -30.83 31.10 -0.52
CA PHE D 370 -31.06 32.38 -1.16
C PHE D 370 -29.92 32.78 -2.10
N ALA D 371 -28.67 32.67 -1.65
CA ALA D 371 -27.55 32.98 -2.54
C ALA D 371 -27.53 32.03 -3.76
N ALA D 372 -27.79 30.74 -3.56
CA ALA D 372 -27.81 29.80 -4.67
C ALA D 372 -28.88 30.19 -5.72
N TYR D 373 -30.02 30.68 -5.26
CA TYR D 373 -31.07 31.11 -6.15
C TYR D 373 -30.59 32.23 -7.05
N PHE D 374 -29.90 33.20 -6.46
CA PHE D 374 -29.40 34.31 -7.25
C PHE D 374 -28.20 33.99 -8.09
N GLN D 375 -27.56 32.84 -7.86
CA GLN D 375 -26.56 32.40 -8.81
C GLN D 375 -27.21 32.25 -10.15
N GLN D 376 -28.38 31.60 -10.23
CA GLN D 376 -29.05 31.52 -11.51
C GLN D 376 -29.65 32.87 -11.91
N GLY D 377 -30.42 33.48 -11.02
CA GLY D 377 -31.12 34.71 -11.42
C GLY D 377 -30.20 35.80 -11.91
N ASN D 378 -29.08 35.95 -11.25
CA ASN D 378 -28.12 36.97 -11.61
C ASN D 378 -27.17 36.48 -12.71
N MET D 379 -26.46 35.39 -12.48
CA MET D 379 -25.43 34.96 -13.41
C MET D 379 -25.94 34.48 -14.74
N GLU D 380 -27.07 33.77 -14.77
CA GLU D 380 -27.61 33.34 -16.06
C GLU D 380 -28.19 34.54 -16.82
N SER D 381 -28.64 35.57 -16.10
CA SER D 381 -29.15 36.76 -16.76
C SER D 381 -28.03 37.61 -17.35
N ASN D 382 -27.04 37.95 -16.53
CA ASN D 382 -26.04 38.93 -16.92
C ASN D 382 -24.65 38.42 -17.22
N GLY D 383 -24.48 37.10 -17.23
CA GLY D 383 -23.22 36.49 -17.67
C GLY D 383 -23.24 36.42 -19.20
N LYS D 384 -23.02 37.58 -19.81
CA LYS D 384 -23.14 37.78 -21.25
C LYS D 384 -21.96 38.58 -21.75
N TYR D 385 -21.59 38.42 -23.01
N TYR D 385 -21.54 38.36 -22.99
CA TYR D 385 -20.42 39.13 -23.52
CA TYR D 385 -20.40 39.13 -23.53
C TYR D 385 -20.66 39.88 -24.83
C TYR D 385 -20.63 39.79 -24.89
N VAL D 386 -21.89 39.86 -25.32
CA VAL D 386 -22.27 40.51 -26.57
C VAL D 386 -23.38 41.50 -26.25
N ASP D 387 -23.19 42.73 -26.72
CA ASP D 387 -24.15 43.78 -26.44
C ASP D 387 -25.38 43.72 -27.33
N ARG D 388 -26.36 44.57 -27.04
CA ARG D 388 -27.64 44.51 -27.73
C ARG D 388 -27.58 44.82 -29.22
N ASN D 389 -26.48 45.44 -29.65
CA ASN D 389 -26.25 45.73 -31.06
C ASN D 389 -25.47 44.60 -31.77
N GLY D 390 -25.16 43.53 -31.03
CA GLY D 390 -24.43 42.39 -31.58
C GLY D 390 -22.93 42.52 -31.54
N ASN D 391 -22.45 43.51 -30.78
CA ASN D 391 -21.02 43.76 -30.69
C ASN D 391 -20.42 43.22 -29.39
N PRO D 392 -19.25 42.59 -29.44
CA PRO D 392 -18.64 42.11 -28.20
C PRO D 392 -18.40 43.26 -27.22
N VAL D 393 -18.68 43.03 -25.94
CA VAL D 393 -18.45 44.07 -24.94
C VAL D 393 -16.94 44.25 -24.72
N THR D 394 -16.58 45.44 -24.24
CA THR D 394 -15.20 45.81 -23.92
C THR D 394 -15.09 46.20 -22.44
N TYR D 395 -16.01 45.69 -21.65
CA TYR D 395 -16.16 45.99 -20.25
C TYR D 395 -16.76 44.80 -19.53
N GLN D 396 -16.70 44.81 -18.23
CA GLN D 396 -17.21 43.71 -17.42
C GLN D 396 -18.72 43.70 -17.33
N THR D 397 -19.28 42.50 -17.41
CA THR D 397 -20.72 42.34 -17.20
C THR D 397 -20.95 41.64 -15.85
N GLY D 398 -21.87 40.68 -15.78
CA GLY D 398 -22.29 40.14 -14.50
C GLY D 398 -21.20 39.57 -13.62
N PRO D 399 -21.33 39.76 -12.30
CA PRO D 399 -20.38 39.22 -11.37
C PRO D 399 -20.72 37.77 -10.95
N ILE D 400 -19.79 37.14 -10.27
CA ILE D 400 -20.00 35.83 -9.68
C ILE D 400 -20.70 36.05 -8.33
N ILE D 401 -21.84 35.41 -8.13
CA ILE D 401 -22.61 35.48 -6.87
C ILE D 401 -22.30 34.23 -6.06
N TRP D 402 -22.09 34.41 -4.77
CA TRP D 402 -21.81 33.31 -3.85
C TRP D 402 -22.16 33.70 -2.43
N GLY D 403 -22.05 32.76 -1.51
CA GLY D 403 -22.31 33.07 -0.10
C GLY D 403 -22.93 31.90 0.66
N GLU D 404 -22.86 32.01 1.98
CA GLU D 404 -23.48 31.07 2.91
C GLU D 404 -24.11 31.92 4.01
N PRO D 405 -25.16 31.41 4.64
CA PRO D 405 -25.73 32.18 5.72
C PRO D 405 -24.83 32.41 6.92
N GLY D 406 -24.98 33.54 7.58
CA GLY D 406 -24.28 33.82 8.81
C GLY D 406 -25.02 33.13 9.95
N THR D 407 -24.33 32.68 11.00
CA THR D 407 -22.88 32.85 11.20
C THR D 407 -22.00 31.77 10.54
N ASN D 408 -22.60 30.82 9.81
CA ASN D 408 -21.84 29.70 9.16
C ASN D 408 -20.71 30.21 8.25
N GLY D 409 -21.06 31.07 7.29
CA GLY D 409 -20.06 31.57 6.34
C GLY D 409 -19.02 32.37 7.07
N GLN D 410 -19.47 33.04 8.12
CA GLN D 410 -18.61 33.84 8.95
C GLN D 410 -17.44 33.04 9.52
N HIS D 411 -17.68 31.78 9.92
CA HIS D 411 -16.62 30.92 10.45
C HIS D 411 -15.91 30.05 9.41
N ALA D 412 -16.22 30.30 8.13
CA ALA D 412 -15.60 29.58 7.03
C ALA D 412 -14.63 30.45 6.25
N PHE D 413 -15.13 31.53 5.66
CA PHE D 413 -14.34 32.30 4.71
C PHE D 413 -14.17 33.79 4.95
N TYR D 414 -14.71 34.30 6.05
CA TYR D 414 -14.55 35.75 6.30
C TYR D 414 -13.10 36.14 6.49
N GLN D 415 -12.24 35.22 6.91
CA GLN D 415 -10.81 35.51 6.98
C GLN D 415 -10.34 36.18 5.69
N LEU D 416 -10.75 35.62 4.56
CA LEU D 416 -10.34 36.18 3.27
C LEU D 416 -11.00 37.53 2.96
N ILE D 417 -12.26 37.69 3.37
CA ILE D 417 -12.94 38.97 3.13
C ILE D 417 -12.21 40.06 3.94
N HIS D 418 -11.85 39.76 5.19
CA HIS D 418 -11.15 40.74 6.04
C HIS D 418 -9.69 40.97 5.70
N GLN D 419 -8.95 39.91 5.37
CA GLN D 419 -7.49 40.02 5.24
C GLN D 419 -6.87 39.44 3.97
N GLY D 420 -7.70 39.19 2.97
CA GLY D 420 -7.22 38.71 1.71
C GLY D 420 -6.83 39.84 0.77
N THR D 421 -6.69 39.51 -0.52
CA THR D 421 -6.26 40.46 -1.55
C THR D 421 -7.32 40.72 -2.61
N LYS D 422 -8.57 40.29 -2.33
CA LYS D 422 -9.72 40.49 -3.24
C LYS D 422 -10.74 41.43 -2.60
N LEU D 423 -11.31 42.31 -3.41
CA LEU D 423 -12.43 43.18 -3.00
C LEU D 423 -13.69 42.38 -3.25
N ILE D 424 -14.50 42.20 -2.22
CA ILE D 424 -15.71 41.40 -2.26
C ILE D 424 -16.87 42.17 -1.62
N PRO D 425 -17.60 42.94 -2.41
CA PRO D 425 -18.77 43.61 -1.85
C PRO D 425 -19.71 42.56 -1.27
N CYS D 426 -20.29 42.85 -0.12
CA CYS D 426 -21.18 41.90 0.55
C CYS D 426 -22.51 42.51 0.91
N ASP D 427 -23.58 41.76 0.64
CA ASP D 427 -24.92 42.13 1.09
C ASP D 427 -25.26 41.26 2.31
N PHE D 428 -25.31 41.92 3.46
CA PHE D 428 -25.67 41.29 4.74
C PHE D 428 -27.17 41.51 4.90
N ILE D 429 -27.92 40.44 5.13
CA ILE D 429 -29.38 40.51 5.26
C ILE D 429 -29.79 39.83 6.54
N ALA D 430 -30.70 40.45 7.29
CA ALA D 430 -31.17 39.83 8.53
C ALA D 430 -32.51 40.33 8.95
N PRO D 431 -33.29 39.48 9.61
CA PRO D 431 -34.53 39.92 10.24
C PRO D 431 -34.30 40.33 11.66
N ALA D 432 -35.03 41.35 12.10
CA ALA D 432 -34.95 41.77 13.49
C ALA D 432 -35.60 40.78 14.46
N VAL D 433 -36.61 40.04 13.97
CA VAL D 433 -37.40 39.13 14.78
C VAL D 433 -37.34 37.73 14.16
N SER D 434 -36.89 36.78 14.98
CA SER D 434 -36.82 35.38 14.58
C SER D 434 -38.19 34.73 14.65
N HIS D 435 -38.36 33.69 13.85
CA HIS D 435 -39.56 32.89 13.92
C HIS D 435 -39.52 31.86 15.02
N ASN D 436 -38.36 31.70 15.65
CA ASN D 436 -38.18 30.74 16.73
C ASN D 436 -37.69 31.48 17.96
N LEU D 437 -38.39 31.31 19.07
CA LEU D 437 -38.04 31.97 20.30
C LEU D 437 -37.15 30.99 21.08
N VAL D 438 -35.85 31.28 21.10
CA VAL D 438 -34.83 30.40 21.68
C VAL D 438 -33.82 31.19 22.50
N GLY D 439 -34.05 31.30 23.80
CA GLY D 439 -33.13 32.01 24.68
C GLY D 439 -32.64 33.35 24.13
N ASP D 440 -31.32 33.57 24.19
CA ASP D 440 -30.72 34.81 23.67
C ASP D 440 -30.02 34.60 22.34
N HIS D 441 -30.38 33.52 21.65
CA HIS D 441 -29.76 33.22 20.36
C HIS D 441 -29.87 34.36 19.35
N HIS D 442 -31.03 35.00 19.27
CA HIS D 442 -31.19 36.01 18.23
C HIS D 442 -30.35 37.25 18.52
N GLN D 443 -30.22 37.63 19.78
CA GLN D 443 -29.36 38.77 20.11
C GLN D 443 -27.91 38.44 19.78
N LYS D 444 -27.50 37.21 20.04
CA LYS D 444 -26.16 36.79 19.66
C LYS D 444 -25.96 36.82 18.16
N LEU D 445 -26.90 36.26 17.42
CA LEU D 445 -26.83 36.30 15.97
C LEU D 445 -26.72 37.74 15.47
N MET D 446 -27.59 38.62 15.97
CA MET D 446 -27.61 39.99 15.49
C MET D 446 -26.35 40.74 15.89
N SER D 447 -25.77 40.44 17.05
CA SER D 447 -24.51 41.12 17.45
C SER D 447 -23.44 40.89 16.38
N ASN D 448 -23.45 39.70 15.78
CA ASN D 448 -22.52 39.35 14.71
C ASN D 448 -22.86 40.08 13.39
N PHE D 449 -24.14 40.12 13.04
CA PHE D 449 -24.60 40.84 11.86
C PHE D 449 -24.12 42.30 11.85
N PHE D 450 -24.30 42.98 12.99
CA PHE D 450 -23.91 44.38 13.08
C PHE D 450 -22.39 44.54 13.14
N ALA D 451 -21.74 43.69 13.93
CA ALA D 451 -20.30 43.79 14.14
C ALA D 451 -19.47 43.51 12.92
N GLN D 452 -19.90 42.56 12.11
CA GLN D 452 -19.12 42.21 10.95
C GLN D 452 -18.99 43.34 9.95
N THR D 453 -20.07 44.06 9.70
CA THR D 453 -20.02 45.14 8.73
C THR D 453 -19.20 46.31 9.29
N GLU D 454 -19.30 46.52 10.61
CA GLU D 454 -18.50 47.55 11.31
C GLU D 454 -17.01 47.19 11.16
N ALA D 455 -16.67 45.93 11.41
CA ALA D 455 -15.31 45.45 11.30
C ALA D 455 -14.79 45.60 9.88
N LEU D 456 -15.57 45.16 8.90
CA LEU D 456 -15.19 45.25 7.50
C LEU D 456 -14.93 46.70 7.05
N ALA D 457 -15.76 47.63 7.50
CA ALA D 457 -15.62 48.99 7.04
C ALA D 457 -14.45 49.70 7.65
N PHE D 458 -14.31 49.58 8.96
CA PHE D 458 -13.35 50.41 9.68
C PHE D 458 -12.04 49.77 10.12
N GLY D 459 -12.02 48.45 10.17
CA GLY D 459 -10.79 47.75 10.50
C GLY D 459 -10.22 48.03 11.88
N LYS D 460 -8.91 47.84 12.00
N LYS D 460 -8.91 47.84 12.01
CA LYS D 460 -8.18 48.01 13.26
CA LYS D 460 -8.21 48.07 13.26
C LYS D 460 -6.73 48.31 12.91
C LYS D 460 -6.75 48.31 12.92
N SER D 461 -6.24 49.46 13.36
CA SER D 461 -4.90 49.90 13.05
C SER D 461 -3.79 49.23 13.83
N ALA D 462 -2.57 49.41 13.32
CA ALA D 462 -1.39 48.92 13.98
C ALA D 462 -1.24 49.55 15.38
N GLN D 463 -1.57 50.83 15.51
CA GLN D 463 -1.51 51.49 16.83
C GLN D 463 -2.42 50.80 17.83
N ALA D 464 -3.63 50.47 17.40
CA ALA D 464 -4.61 49.81 18.27
C ALA D 464 -4.16 48.40 18.63
N VAL D 465 -3.58 47.70 17.66
CA VAL D 465 -3.09 46.34 17.91
C VAL D 465 -1.91 46.37 18.89
N GLN D 466 -1.01 47.31 18.69
CA GLN D 466 0.16 47.43 19.55
C GLN D 466 -0.28 47.67 21.00
N ALA D 467 -1.27 48.55 21.19
CA ALA D 467 -1.80 48.85 22.51
C ALA D 467 -2.38 47.60 23.17
N GLU D 468 -3.15 46.81 22.43
N GLU D 468 -3.14 46.81 22.41
CA GLU D 468 -3.72 45.58 22.99
CA GLU D 468 -3.71 45.58 22.95
C GLU D 468 -2.65 44.58 23.40
C GLU D 468 -2.63 44.60 23.40
N LEU D 469 -1.64 44.40 22.55
CA LEU D 469 -0.55 43.46 22.84
C LEU D 469 0.31 43.90 24.03
N GLU D 470 0.51 45.21 24.16
CA GLU D 470 1.25 45.78 25.31
C GLU D 470 0.49 45.48 26.60
N LYS D 471 -0.83 45.64 26.57
N LYS D 471 -0.83 45.63 26.59
CA LYS D 471 -1.68 45.35 27.75
CA LYS D 471 -1.67 45.36 27.76
C LYS D 471 -1.63 43.87 28.12
C LYS D 471 -1.64 43.87 28.12
N ALA D 472 -1.50 43.02 27.11
CA ALA D 472 -1.45 41.56 27.31
C ALA D 472 -0.09 41.08 27.83
N GLY D 473 0.88 41.97 27.96
CA GLY D 473 2.19 41.64 28.50
C GLY D 473 3.22 41.10 27.53
N LYS D 474 3.01 41.28 26.23
CA LYS D 474 3.98 40.79 25.24
C LYS D 474 5.25 41.63 25.27
N SER D 475 6.38 41.02 24.94
CA SER D 475 7.66 41.73 24.89
C SER D 475 7.70 42.59 23.63
N ALA D 476 8.59 43.55 23.59
CA ALA D 476 8.71 44.43 22.45
C ALA D 476 8.94 43.64 21.17
N ALA D 477 9.81 42.62 21.24
CA ALA D 477 10.11 41.82 20.07
C ALA D 477 8.90 40.99 19.65
N GLU D 478 8.17 40.45 20.62
CA GLU D 478 6.94 39.67 20.30
C GLU D 478 5.91 40.56 19.63
N ILE D 479 5.78 41.78 20.12
CA ILE D 479 4.82 42.72 19.54
C ILE D 479 5.20 43.07 18.11
N ALA D 480 6.46 43.43 17.90
CA ALA D 480 6.92 43.79 16.56
C ALA D 480 6.70 42.64 15.56
N ALA D 481 6.93 41.40 16.01
CA ALA D 481 6.75 40.24 15.12
C ALA D 481 5.30 39.93 14.76
N LEU D 482 4.37 40.25 15.66
CA LEU D 482 2.98 39.89 15.49
C LEU D 482 2.05 40.98 14.95
N VAL D 483 2.32 42.23 15.29
CA VAL D 483 1.44 43.33 14.90
C VAL D 483 0.95 43.32 13.44
N PRO D 484 1.85 43.18 12.45
CA PRO D 484 1.32 43.27 11.09
C PRO D 484 0.25 42.24 10.74
N PHE D 485 0.33 41.07 11.35
CA PHE D 485 -0.62 40.00 11.05
C PHE D 485 -2.00 40.24 11.64
N LYS D 486 -2.07 41.12 12.64
CA LYS D 486 -3.32 41.42 13.34
C LYS D 486 -3.99 42.71 12.90
N VAL D 487 -3.39 43.42 11.95
CA VAL D 487 -3.98 44.65 11.43
C VAL D 487 -5.09 44.34 10.44
N PHE D 488 -6.17 45.09 10.54
CA PHE D 488 -7.29 45.00 9.61
C PHE D 488 -7.36 46.33 8.86
N GLU D 489 -7.07 46.30 7.58
CA GLU D 489 -7.05 47.51 6.77
C GLU D 489 -8.42 48.13 6.59
N GLY D 490 -9.46 47.32 6.69
CA GLY D 490 -10.79 47.85 6.51
C GLY D 490 -11.07 48.24 5.06
N ASN D 491 -12.01 49.16 4.88
CA ASN D 491 -12.45 49.59 3.55
C ASN D 491 -13.06 48.48 2.72
N ARG D 492 -13.64 47.49 3.41
CA ARG D 492 -14.34 46.38 2.80
C ARG D 492 -15.83 46.80 2.85
N PRO D 493 -16.42 47.09 1.69
CA PRO D 493 -17.77 47.64 1.64
C PRO D 493 -18.88 46.63 1.74
N THR D 494 -19.97 47.05 2.36
CA THR D 494 -21.14 46.23 2.51
C THR D 494 -22.43 47.03 2.43
N ASN D 495 -23.50 46.32 2.06
CA ASN D 495 -24.85 46.81 2.23
C ASN D 495 -25.44 45.98 3.36
N SER D 496 -26.27 46.61 4.17
CA SER D 496 -27.00 45.91 5.24
C SER D 496 -28.49 46.08 4.99
N ILE D 497 -29.19 44.97 4.83
CA ILE D 497 -30.61 44.98 4.62
C ILE D 497 -31.22 44.38 5.88
N LEU D 498 -31.96 45.20 6.62
CA LEU D 498 -32.60 44.78 7.85
C LEU D 498 -34.10 44.77 7.63
N VAL D 499 -34.72 43.61 7.83
N VAL D 499 -34.70 43.60 7.87
CA VAL D 499 -36.17 43.50 7.69
CA VAL D 499 -36.13 43.37 7.68
C VAL D 499 -36.76 43.19 9.04
C VAL D 499 -36.76 43.14 9.05
N LYS D 500 -38.02 43.55 9.25
CA LYS D 500 -38.66 43.30 10.54
C LYS D 500 -38.68 41.80 10.83
N GLN D 501 -39.11 41.05 9.85
CA GLN D 501 -39.22 39.60 9.93
C GLN D 501 -39.29 39.09 8.51
N ILE D 502 -38.76 37.89 8.26
CA ILE D 502 -38.90 37.27 6.95
C ILE D 502 -40.27 36.60 6.89
N THR D 503 -41.17 37.22 6.15
CA THR D 503 -42.53 36.76 5.96
C THR D 503 -42.71 36.52 4.45
N PRO D 504 -43.83 35.91 4.04
CA PRO D 504 -44.00 35.75 2.60
C PRO D 504 -43.92 37.11 1.88
N ARG D 505 -44.51 38.14 2.47
CA ARG D 505 -44.49 39.46 1.86
C ARG D 505 -43.08 40.04 1.79
N THR D 506 -42.32 40.01 2.88
CA THR D 506 -40.97 40.60 2.83
C THR D 506 -40.03 39.79 1.95
N LEU D 507 -40.22 38.47 1.90
CA LEU D 507 -39.44 37.66 1.00
C LEU D 507 -39.77 38.05 -0.45
N GLY D 508 -41.04 38.27 -0.76
CA GLY D 508 -41.43 38.73 -2.11
C GLY D 508 -40.77 40.07 -2.42
N ASN D 509 -40.79 40.98 -1.44
CA ASN D 509 -40.14 42.29 -1.60
C ASN D 509 -38.67 42.07 -1.99
N LEU D 510 -37.96 41.20 -1.25
CA LEU D 510 -36.52 41.00 -1.44
C LEU D 510 -36.19 40.35 -2.77
N ILE D 511 -36.95 39.34 -3.15
CA ILE D 511 -36.67 38.65 -4.40
C ILE D 511 -36.87 39.60 -5.56
N ALA D 512 -37.97 40.34 -5.55
CA ALA D 512 -38.26 41.29 -6.61
C ALA D 512 -37.23 42.41 -6.65
N MET D 513 -36.74 42.82 -5.49
CA MET D 513 -35.71 43.87 -5.40
C MET D 513 -34.48 43.46 -6.18
N TYR D 514 -34.02 42.23 -5.95
CA TYR D 514 -32.84 41.75 -6.66
C TYR D 514 -33.15 41.52 -8.14
N GLU D 515 -34.34 41.01 -8.47
CA GLU D 515 -34.71 40.87 -9.88
C GLU D 515 -34.53 42.22 -10.60
N HIS D 516 -35.03 43.29 -9.97
CA HIS D 516 -34.90 44.59 -10.62
C HIS D 516 -33.48 45.12 -10.65
N LYS D 517 -32.69 44.83 -9.62
CA LYS D 517 -31.28 45.23 -9.63
C LYS D 517 -30.62 44.60 -10.86
N ILE D 518 -30.87 43.32 -11.07
CA ILE D 518 -30.33 42.58 -12.21
C ILE D 518 -30.77 43.23 -13.53
N PHE D 519 -32.04 43.56 -13.63
CA PHE D 519 -32.56 44.22 -14.82
C PHE D 519 -31.84 45.53 -15.09
N VAL D 520 -31.70 46.36 -14.06
CA VAL D 520 -31.05 47.65 -14.22
C VAL D 520 -29.62 47.49 -14.72
N GLN D 521 -28.88 46.55 -14.13
CA GLN D 521 -27.51 46.33 -14.54
C GLN D 521 -27.45 45.89 -16.01
N GLY D 522 -28.34 45.00 -16.42
CA GLY D 522 -28.37 44.55 -17.80
C GLY D 522 -28.69 45.66 -18.78
N VAL D 523 -29.59 46.57 -18.37
CA VAL D 523 -29.90 47.72 -19.21
C VAL D 523 -28.63 48.56 -19.41
N ILE D 524 -28.00 48.94 -18.31
CA ILE D 524 -26.84 49.83 -18.36
C ILE D 524 -25.69 49.18 -19.11
N TRP D 525 -25.47 47.88 -18.88
CA TRP D 525 -24.41 47.15 -19.58
C TRP D 525 -24.73 46.85 -21.03
N ASN D 526 -25.91 47.24 -21.49
CA ASN D 526 -26.27 47.08 -22.88
C ASN D 526 -26.21 45.61 -23.32
N ILE D 527 -26.72 44.71 -22.47
CA ILE D 527 -26.79 43.29 -22.79
C ILE D 527 -28.23 42.81 -22.72
N PHE D 528 -28.46 41.55 -23.10
CA PHE D 528 -29.79 40.96 -23.05
C PHE D 528 -29.84 40.08 -21.82
N SER D 529 -30.64 40.48 -20.83
CA SER D 529 -30.68 39.75 -19.55
C SER D 529 -31.62 38.55 -19.52
N PHE D 530 -32.42 38.37 -20.57
CA PHE D 530 -33.52 37.40 -20.50
C PHE D 530 -33.44 36.20 -21.40
N ASP D 531 -32.33 36.11 -22.14
CA ASP D 531 -32.04 34.93 -22.98
C ASP D 531 -30.92 34.11 -22.29
N GLN D 532 -30.55 32.99 -22.92
CA GLN D 532 -29.53 32.11 -22.33
C GLN D 532 -28.97 31.19 -23.39
N TRP D 533 -28.43 31.81 -24.44
CA TRP D 533 -27.87 31.04 -25.54
C TRP D 533 -26.65 30.22 -25.14
N GLY D 534 -26.05 30.58 -24.01
CA GLY D 534 -24.86 29.90 -23.52
C GLY D 534 -25.08 28.51 -22.98
N VAL D 535 -26.33 28.05 -22.93
CA VAL D 535 -26.60 26.70 -22.45
C VAL D 535 -26.59 25.68 -23.61
N GLU D 536 -26.62 26.16 -24.85
CA GLU D 536 -26.80 25.25 -25.99
C GLU D 536 -25.66 24.31 -26.35
N LEU D 537 -24.42 24.78 -26.27
CA LEU D 537 -23.30 23.96 -26.74
C LEU D 537 -23.11 22.72 -25.89
N GLY D 538 -23.16 22.88 -24.57
CA GLY D 538 -23.01 21.74 -23.67
C GLY D 538 -24.09 20.70 -23.92
N LYS D 539 -25.30 21.14 -24.17
CA LYS D 539 -26.40 20.22 -24.46
C LYS D 539 -26.11 19.43 -25.74
N GLN D 540 -25.72 20.12 -26.80
N GLN D 540 -25.73 20.13 -26.80
CA GLN D 540 -25.45 19.46 -28.06
CA GLN D 540 -25.45 19.49 -28.09
C GLN D 540 -24.34 18.43 -27.90
C GLN D 540 -24.31 18.47 -27.98
N LEU D 541 -23.26 18.82 -27.25
CA LEU D 541 -22.13 17.91 -27.08
C LEU D 541 -22.48 16.71 -26.20
N ALA D 542 -23.32 16.90 -25.19
CA ALA D 542 -23.74 15.79 -24.35
C ALA D 542 -24.61 14.81 -25.15
N ASN D 543 -25.43 15.35 -26.05
CA ASN D 543 -26.27 14.49 -26.92
C ASN D 543 -25.40 13.60 -27.79
N GLN D 544 -24.26 14.12 -28.23
CA GLN D 544 -23.35 13.34 -29.07
C GLN D 544 -22.60 12.28 -28.27
N ILE D 545 -22.26 12.60 -27.03
CA ILE D 545 -21.52 11.68 -26.17
C ILE D 545 -22.38 10.58 -25.57
N LEU D 546 -23.64 10.87 -25.24
CA LEU D 546 -24.47 9.87 -24.57
C LEU D 546 -24.48 8.49 -25.23
N PRO D 547 -24.72 8.41 -26.55
CA PRO D 547 -24.73 7.05 -27.14
C PRO D 547 -23.38 6.34 -27.12
N GLU D 548 -22.31 7.11 -27.04
CA GLU D 548 -20.97 6.57 -27.00
C GLU D 548 -20.65 5.90 -25.65
N LEU D 549 -21.45 6.19 -24.63
CA LEU D 549 -21.22 5.63 -23.29
C LEU D 549 -21.96 4.31 -23.06
N ALA D 550 -22.78 3.91 -24.01
CA ALA D 550 -23.54 2.67 -23.86
C ALA D 550 -22.66 1.41 -23.88
N ASP D 551 -21.77 1.32 -24.87
CA ASP D 551 -20.93 0.12 -25.02
C ASP D 551 -19.52 0.26 -24.43
N SER D 552 -18.73 -0.81 -24.55
CA SER D 552 -17.37 -0.84 -24.01
C SER D 552 -16.28 -0.44 -25.02
N ALA D 553 -16.69 -0.13 -26.26
CA ALA D 553 -15.76 0.22 -27.33
C ALA D 553 -14.99 1.54 -27.10
N ALA D 554 -13.72 1.54 -27.51
CA ALA D 554 -12.87 2.71 -27.38
C ALA D 554 -13.44 3.85 -28.22
N VAL D 555 -13.36 5.05 -27.68
CA VAL D 555 -13.87 6.24 -28.33
C VAL D 555 -12.67 7.05 -28.84
N THR D 556 -12.75 7.47 -30.10
CA THR D 556 -11.67 8.24 -30.72
C THR D 556 -12.24 9.46 -31.46
N SER D 557 -13.52 9.75 -31.27
CA SER D 557 -14.22 10.79 -32.04
C SER D 557 -14.04 12.24 -31.60
N HIS D 558 -13.39 12.45 -30.48
CA HIS D 558 -13.20 13.80 -29.91
C HIS D 558 -11.71 14.15 -29.84
N ASP D 559 -11.42 15.23 -29.12
CA ASP D 559 -10.04 15.63 -28.80
C ASP D 559 -9.46 14.57 -27.85
N SER D 560 -8.15 14.60 -27.65
CA SER D 560 -7.49 13.56 -26.85
C SER D 560 -7.90 13.53 -25.41
N SER D 561 -8.27 14.68 -24.84
CA SER D 561 -8.72 14.73 -23.44
C SER D 561 -10.10 14.07 -23.27
N THR D 562 -11.07 14.50 -24.06
CA THR D 562 -12.41 13.91 -24.03
C THR D 562 -12.32 12.39 -24.32
N ASN D 563 -11.52 12.00 -25.31
CA ASN D 563 -11.36 10.57 -25.60
C ASN D 563 -10.76 9.86 -24.40
N GLY D 564 -9.70 10.46 -23.84
CA GLY D 564 -9.00 9.87 -22.70
C GLY D 564 -9.88 9.69 -21.49
N LEU D 565 -10.70 10.71 -21.20
CA LEU D 565 -11.60 10.65 -20.07
C LEU D 565 -12.67 9.57 -20.28
N ILE D 566 -13.26 9.54 -21.47
CA ILE D 566 -14.30 8.56 -21.78
C ILE D 566 -13.73 7.14 -21.70
N ASN D 567 -12.54 6.96 -22.27
CA ASN D 567 -11.93 5.63 -22.25
C ASN D 567 -11.55 5.18 -20.83
N ALA D 568 -11.09 6.11 -20.00
CA ALA D 568 -10.77 5.81 -18.61
C ALA D 568 -12.06 5.45 -17.86
N PHE D 569 -13.14 6.14 -18.18
CA PHE D 569 -14.45 5.86 -17.61
C PHE D 569 -14.89 4.43 -17.93
N LYS D 570 -14.77 4.06 -19.20
CA LYS D 570 -15.13 2.70 -19.61
C LYS D 570 -14.28 1.63 -18.92
N ALA D 571 -12.99 1.92 -18.74
CA ALA D 571 -12.11 0.99 -18.05
C ALA D 571 -12.46 0.85 -16.56
N PHE D 572 -12.83 1.97 -15.93
CA PHE D 572 -13.20 1.94 -14.52
C PHE D 572 -14.48 1.15 -14.24
N ARG D 573 -15.43 1.22 -15.15
CA ARG D 573 -16.70 0.55 -14.93
C ARG D 573 -16.69 -0.93 -15.35
N ALA D 574 -15.66 -1.31 -16.12
CA ALA D 574 -15.52 -2.68 -16.61
C ALA D 574 -15.29 -3.68 -15.49
#